data_2FUT
#
_entry.id   2FUT
#
_cell.length_a   52.1
_cell.length_b   163.3
_cell.length_c   95.3
_cell.angle_alpha   90.0
_cell.angle_beta   105.5
_cell.angle_gamma   90.0
#
_symmetry.space_group_name_H-M   'P 1 21 1'
#
loop_
_entity.id
_entity.type
_entity.pdbx_description
1 polymer 'heparinase II protein'
2 branched '4-deoxy-2-O-sulfo-alpha-L-threo-hex-4-enopyranuronic acid-(1-4)-2-deoxy-6-O-sulfo-2-(sulfoamino)-alpha-D-glucopyranose'
3 non-polymer 'ZINC ION'
4 water water
#
_entity_poly.entity_id   1
_entity_poly.type   'polypeptide(L)'
_entity_poly.pdbx_seq_one_letter_code
;SQTKADVVWKDVDGVS(MSE)PIPPKTHPRLYLREQQVPDLKNR(MSE)NDPKLKKVWAD(MSE)IK(MSE)QEDWKPAD
IPEVKDFRFYFNQKGLTVRVEL(MSE)ALNYL(MSE)TKDPKVGREAITSIIDTLETATFKPAGDISRGIGLF(MSE)VT
GAIVYDWCYDQLKPEEKTRFVKAFVRLAK(MSE)LECGYPPVKDKSIVGHASEW(MSE)I(MSE)RDLLSVGIAIYDEFP
E(MSE)YNLAAGRFFKEHLVARNWFYPSHNYHQG(MSE)SYLNVRFTNDLFALWILDR(MSE)GAGNVFNPGQQFILYDA
IYKRRPDGQILAGGDVDYSRKKPKYYT(MSE)PALLAGSYYKDEYLNYEFLKDPNVEPHCKLFEFLWRDTQLGSRKPDDL
PLSRYSGSPFGW(MSE)IARTGWGPESVIAE(MSE)KVNEYSFLNHQHQDAGAFQIYYKGPLAIDAGSYTGSSGGYNSPH
NKNFFKRTIAHNSLLIYDPKETFSSSGYGGSDHTDFAANDGGQRLPGKGWIAPRDLKE(MSE)LAGDFRTGKILAQGFGP
DNQTPDYTYLKGDITAAYSAKVKEVKRSFLFLNLKDAKVPAA(MSE)IVFDKVVASNPDFKKFWLLHSIEQPEIKGNQIT
IKRTKNGDSG(MSE)LVNTALLPDAANSNITSIGGKGKDFWVFGTNYTNDPKPGTDEALERGEWRVEITPKKAAAEDYYL
NVIQIADNTQQKLHEVKRIDGDKVVGVQLADRIVTFSKTSETVDRPFGFSVVGKGTFKFV(MSE)TDLLPGTWQVLKDGK
ILYPALSAKGDDGALYFEGTEGTYRFLR
;
_entity_poly.pdbx_strand_id   A,B
#
loop_
_chem_comp.id
_chem_comp.type
_chem_comp.name
_chem_comp.formula
SGN D-saccharide, alpha linking 2-deoxy-6-O-sulfo-2-(sulfoamino)-alpha-D-glucopyranose 'C6 H13 N O11 S2'
UAP L-saccharide, alpha linking '4-deoxy-2-O-sulfo-alpha-L-threo-hex-4-enopyranuronic acid' 'C6 H8 O9 S'
ZN non-polymer 'ZINC ION' 'Zn 2'
#
# COMPACT_ATOMS: atom_id res chain seq x y z
N ASP A 6 -26.91 0.82 -28.52
CA ASP A 6 -27.58 1.47 -29.70
C ASP A 6 -28.38 2.72 -29.31
N VAL A 7 -28.57 2.91 -28.00
CA VAL A 7 -29.20 4.12 -27.49
C VAL A 7 -28.17 5.25 -27.51
N VAL A 8 -28.66 6.48 -27.59
CA VAL A 8 -27.78 7.65 -27.57
C VAL A 8 -27.68 8.22 -26.16
N TRP A 9 -26.48 8.65 -25.79
CA TRP A 9 -26.24 9.30 -24.51
C TRP A 9 -26.05 10.80 -24.71
N LYS A 10 -27.02 11.59 -24.26
CA LYS A 10 -26.87 13.05 -24.28
C LYS A 10 -26.75 13.60 -22.86
N ASP A 11 -25.73 14.45 -22.66
CA ASP A 11 -25.42 15.00 -21.34
C ASP A 11 -26.53 15.89 -20.80
N VAL A 12 -27.05 15.50 -19.61
CA VAL A 12 -27.92 16.38 -18.84
C VAL A 12 -27.24 16.77 -17.52
N ASP A 13 -26.95 18.06 -17.41
CA ASP A 13 -26.39 18.70 -16.21
C ASP A 13 -25.02 18.13 -15.82
N GLY A 14 -24.16 17.94 -16.82
CA GLY A 14 -22.82 17.39 -16.62
C GLY A 14 -22.81 15.86 -16.54
N VAL A 15 -24.00 15.28 -16.38
CA VAL A 15 -24.14 13.83 -16.31
C VAL A 15 -24.74 13.26 -17.59
N SER A 16 -23.93 12.46 -18.27
CA SER A 16 -24.32 11.69 -19.45
C SER A 16 -25.51 10.79 -19.08
N MSE A 17 -26.56 10.86 -19.88
CA MSE A 17 -27.77 10.09 -19.64
C MSE A 17 -28.24 9.44 -20.92
O MSE A 17 -28.27 10.09 -21.96
CB MSE A 17 -28.85 11.02 -19.08
CG MSE A 17 -30.22 10.39 -18.87
SE MSE A 17 -31.51 11.69 -18.17
CE MSE A 17 -30.33 12.40 -16.72
N PRO A 18 -28.60 8.13 -20.87
CA PRO A 18 -29.08 7.46 -22.07
C PRO A 18 -30.50 7.88 -22.39
N ILE A 19 -30.78 8.01 -23.69
CA ILE A 19 -32.09 8.38 -24.18
C ILE A 19 -32.85 7.13 -24.61
N PRO A 20 -34.09 6.95 -24.13
CA PRO A 20 -34.90 5.84 -24.60
C PRO A 20 -34.99 5.86 -26.13
N PRO A 21 -34.74 4.69 -26.78
CA PRO A 21 -34.78 4.59 -28.23
C PRO A 21 -36.20 4.78 -28.78
N LYS A 22 -36.30 5.39 -29.97
CA LYS A 22 -37.60 5.63 -30.63
C LYS A 22 -38.18 4.33 -31.20
N THR A 23 -38.51 3.39 -30.32
CA THR A 23 -38.99 2.09 -30.71
C THR A 23 -39.75 1.45 -29.55
N HIS A 24 -40.69 0.59 -29.88
CA HIS A 24 -41.38 -0.24 -28.90
C HIS A 24 -41.38 -1.69 -29.34
N PRO A 25 -41.33 -2.65 -28.39
CA PRO A 25 -41.21 -2.46 -26.94
C PRO A 25 -39.78 -2.09 -26.54
N ARG A 26 -39.64 -1.37 -25.43
CA ARG A 26 -38.32 -1.04 -24.91
C ARG A 26 -38.27 -1.22 -23.38
N LEU A 27 -39.40 -1.58 -22.80
CA LEU A 27 -39.49 -1.84 -21.35
C LEU A 27 -39.31 -3.33 -21.04
N TYR A 28 -38.22 -3.64 -20.34
CA TYR A 28 -37.87 -5.00 -19.85
C TYR A 28 -37.34 -5.91 -20.94
N LEU A 29 -37.55 -5.50 -22.18
CA LEU A 29 -37.03 -6.19 -23.35
C LEU A 29 -37.21 -5.32 -24.59
N ARG A 30 -36.53 -5.69 -25.68
CA ARG A 30 -36.66 -5.03 -26.97
C ARG A 30 -37.25 -6.04 -27.94
N GLU A 31 -37.44 -5.64 -29.19
CA GLU A 31 -38.08 -6.53 -30.18
C GLU A 31 -37.24 -7.78 -30.48
N GLN A 32 -35.93 -7.68 -30.29
CA GLN A 32 -35.05 -8.81 -30.59
C GLN A 32 -35.16 -9.99 -29.62
N GLN A 33 -35.64 -9.73 -28.41
CA GLN A 33 -35.91 -10.82 -27.47
C GLN A 33 -37.34 -11.37 -27.49
N VAL A 34 -38.24 -10.68 -28.20
CA VAL A 34 -39.65 -11.12 -28.30
C VAL A 34 -39.76 -12.56 -28.85
N PRO A 35 -39.05 -12.87 -29.97
CA PRO A 35 -39.09 -14.26 -30.48
C PRO A 35 -38.70 -15.33 -29.46
N ASP A 36 -37.82 -14.98 -28.53
CA ASP A 36 -37.33 -15.93 -27.51
C ASP A 36 -38.37 -16.21 -26.42
N LEU A 37 -39.43 -15.41 -26.37
CA LEU A 37 -40.51 -15.60 -25.39
C LEU A 37 -41.26 -16.94 -25.56
N LYS A 38 -41.39 -17.38 -26.81
CA LYS A 38 -41.95 -18.70 -27.13
C LYS A 38 -41.07 -19.83 -26.62
N ASN A 39 -39.75 -19.69 -26.75
CA ASN A 39 -38.79 -20.64 -26.20
C ASN A 39 -38.89 -20.70 -24.67
N ARG A 40 -38.97 -19.53 -24.04
CA ARG A 40 -39.12 -19.45 -22.58
C ARG A 40 -40.43 -20.06 -22.13
N MSE A 41 -41.48 -19.82 -22.92
CA MSE A 41 -42.80 -20.41 -22.72
C MSE A 41 -42.71 -21.94 -22.59
O MSE A 41 -43.35 -22.53 -21.72
CB MSE A 41 -43.70 -20.03 -23.90
CG MSE A 41 -45.19 -20.26 -23.67
SE MSE A 41 -45.70 -19.52 -21.96
CE MSE A 41 -45.73 -17.60 -22.42
N ASN A 42 -41.88 -22.55 -23.44
CA ASN A 42 -41.72 -24.00 -23.48
C ASN A 42 -40.56 -24.56 -22.63
N ASP A 43 -39.90 -23.68 -21.87
CA ASP A 43 -38.84 -24.10 -20.94
C ASP A 43 -39.47 -24.79 -19.74
N PRO A 44 -39.11 -26.07 -19.52
CA PRO A 44 -39.66 -26.87 -18.43
C PRO A 44 -39.45 -26.28 -17.03
N LYS A 45 -38.56 -25.30 -16.92
CA LYS A 45 -38.29 -24.64 -15.64
C LYS A 45 -39.18 -23.42 -15.43
N LEU A 46 -39.44 -22.69 -16.53
CA LEU A 46 -40.21 -21.46 -16.49
C LEU A 46 -41.69 -21.66 -16.73
N LYS A 47 -42.12 -22.92 -16.85
CA LYS A 47 -43.52 -23.23 -17.09
C LYS A 47 -44.25 -23.37 -15.75
N LYS A 48 -43.48 -23.65 -14.68
CA LYS A 48 -44.02 -23.61 -13.33
C LYS A 48 -44.32 -22.17 -12.91
N VAL A 49 -43.41 -21.24 -13.23
CA VAL A 49 -43.65 -19.81 -12.96
C VAL A 49 -44.72 -19.24 -13.88
N TRP A 50 -44.80 -19.75 -15.11
CA TRP A 50 -45.88 -19.35 -16.01
C TRP A 50 -47.25 -19.84 -15.52
N ALA A 51 -47.30 -21.07 -15.02
CA ALA A 51 -48.51 -21.60 -14.38
C ALA A 51 -48.89 -20.80 -13.13
N ASP A 52 -47.88 -20.34 -12.39
CA ASP A 52 -48.08 -19.52 -11.21
C ASP A 52 -48.84 -18.23 -11.55
N MSE A 53 -48.45 -17.59 -12.65
CA MSE A 53 -49.06 -16.36 -13.10
C MSE A 53 -50.50 -16.56 -13.57
O MSE A 53 -51.33 -15.69 -13.38
CB MSE A 53 -48.23 -15.72 -14.21
CG MSE A 53 -46.77 -15.52 -13.83
SE MSE A 53 -45.86 -14.27 -15.00
CE MSE A 53 -46.92 -12.62 -14.53
N ILE A 54 -50.77 -17.73 -14.16
CA ILE A 54 -52.13 -18.13 -14.50
C ILE A 54 -52.99 -18.21 -13.23
N LYS A 55 -52.48 -18.91 -12.22
CA LYS A 55 -53.13 -18.97 -10.90
C LYS A 55 -53.38 -17.60 -10.28
N MSE A 56 -52.43 -16.68 -10.47
CA MSE A 56 -52.53 -15.31 -9.93
C MSE A 56 -53.60 -14.45 -10.58
O MSE A 56 -53.96 -13.40 -10.06
CB MSE A 56 -51.18 -14.60 -10.05
CG MSE A 56 -50.16 -14.99 -9.00
SE MSE A 56 -48.34 -14.65 -9.61
CE MSE A 56 -48.47 -12.71 -9.93
N GLN A 57 -54.11 -14.88 -11.74
CA GLN A 57 -55.17 -14.14 -12.43
C GLN A 57 -56.47 -14.09 -11.63
N GLU A 58 -56.68 -15.11 -10.80
CA GLU A 58 -57.86 -15.17 -9.94
C GLU A 58 -57.82 -14.08 -8.87
N ASP A 59 -58.98 -13.47 -8.65
CA ASP A 59 -59.16 -12.43 -7.65
C ASP A 59 -58.97 -12.95 -6.23
N TRP A 60 -58.72 -12.03 -5.30
CA TRP A 60 -58.77 -12.32 -3.88
C TRP A 60 -60.14 -12.85 -3.52
N LYS A 61 -60.18 -14.01 -2.85
CA LYS A 61 -61.39 -14.49 -2.22
C LYS A 61 -61.80 -13.45 -1.18
N PRO A 62 -63.08 -13.02 -1.20
CA PRO A 62 -63.59 -11.95 -0.33
C PRO A 62 -63.33 -12.15 1.15
N ALA A 63 -63.25 -13.41 1.58
CA ALA A 63 -62.91 -13.77 2.95
C ALA A 63 -61.46 -13.42 3.29
N ASP A 64 -60.57 -13.53 2.31
CA ASP A 64 -59.13 -13.39 2.53
C ASP A 64 -58.61 -11.95 2.55
N ILE A 65 -59.44 -11.01 2.09
CA ILE A 65 -59.08 -9.58 2.00
C ILE A 65 -58.89 -8.96 3.39
N PRO A 66 -57.67 -8.47 3.68
CA PRO A 66 -57.31 -7.96 5.02
C PRO A 66 -58.01 -6.68 5.48
N GLU A 67 -58.50 -5.87 4.54
CA GLU A 67 -59.19 -4.59 4.82
C GLU A 67 -58.38 -3.54 5.62
N VAL A 68 -57.19 -3.91 6.10
CA VAL A 68 -56.07 -2.99 6.18
C VAL A 68 -55.07 -3.49 5.15
N LYS A 69 -55.05 -2.85 3.98
CA LYS A 69 -54.30 -3.31 2.83
C LYS A 69 -52.92 -2.64 2.75
N ASP A 70 -51.91 -3.28 3.35
CA ASP A 70 -50.54 -2.76 3.29
C ASP A 70 -49.86 -3.21 2.00
N PHE A 71 -48.55 -3.01 1.90
CA PHE A 71 -47.78 -3.40 0.72
C PHE A 71 -47.89 -4.89 0.38
N ARG A 72 -48.03 -5.71 1.41
CA ARG A 72 -48.09 -7.17 1.26
C ARG A 72 -49.32 -7.63 0.48
N PHE A 73 -50.43 -6.91 0.64
CA PHE A 73 -51.65 -7.20 -0.10
C PHE A 73 -51.43 -7.00 -1.59
N TYR A 74 -50.68 -5.96 -1.96
CA TYR A 74 -50.39 -5.67 -3.35
C TYR A 74 -49.30 -6.53 -3.94
N PHE A 75 -48.23 -6.77 -3.17
CA PHE A 75 -47.10 -7.58 -3.59
C PHE A 75 -47.50 -9.04 -3.78
N ASN A 76 -48.49 -9.48 -3.01
CA ASN A 76 -49.16 -10.76 -3.24
C ASN A 76 -50.21 -10.53 -4.33
N GLN A 77 -49.71 -10.14 -5.50
CA GLN A 77 -50.51 -9.64 -6.61
C GLN A 77 -51.45 -10.69 -7.21
N LYS A 78 -52.75 -10.36 -7.17
CA LYS A 78 -53.82 -11.20 -7.71
C LYS A 78 -54.76 -10.37 -8.58
N GLY A 79 -55.50 -11.03 -9.46
CA GLY A 79 -56.64 -10.40 -10.11
C GLY A 79 -56.36 -9.60 -11.37
N LEU A 80 -57.06 -8.48 -11.49
CA LEU A 80 -57.09 -7.69 -12.72
C LEU A 80 -55.71 -7.30 -13.23
N THR A 81 -54.84 -6.81 -12.35
CA THR A 81 -53.51 -6.35 -12.77
C THR A 81 -52.69 -7.47 -13.40
N VAL A 82 -52.78 -8.66 -12.84
CA VAL A 82 -52.13 -9.84 -13.41
C VAL A 82 -52.72 -10.16 -14.79
N ARG A 83 -54.05 -10.06 -14.88
CA ARG A 83 -54.74 -10.39 -16.11
C ARG A 83 -54.28 -9.50 -17.27
N VAL A 84 -54.22 -8.19 -17.04
CA VAL A 84 -53.84 -7.25 -18.10
C VAL A 84 -52.36 -7.36 -18.49
N GLU A 85 -51.52 -7.72 -17.53
CA GLU A 85 -50.10 -7.97 -17.80
C GLU A 85 -49.93 -9.20 -18.72
N LEU A 86 -50.71 -10.24 -18.44
CA LEU A 86 -50.67 -11.46 -19.27
C LEU A 86 -51.30 -11.25 -20.65
N MSE A 87 -52.28 -10.35 -20.71
CA MSE A 87 -52.90 -9.95 -21.97
C MSE A 87 -51.89 -9.16 -22.80
O MSE A 87 -51.77 -9.37 -24.01
CB MSE A 87 -54.14 -9.11 -21.66
CG MSE A 87 -55.07 -8.83 -22.83
SE MSE A 87 -56.11 -10.38 -23.48
CE MSE A 87 -56.67 -11.24 -21.73
N ALA A 88 -51.15 -8.26 -22.14
CA ALA A 88 -50.06 -7.52 -22.76
C ALA A 88 -48.97 -8.44 -23.27
N LEU A 89 -48.59 -9.41 -22.43
CA LEU A 89 -47.63 -10.44 -22.81
C LEU A 89 -48.11 -11.26 -23.99
N ASN A 90 -49.40 -11.53 -24.05
CA ASN A 90 -49.94 -12.27 -25.17
C ASN A 90 -49.89 -11.44 -26.44
N TYR A 91 -50.14 -10.14 -26.31
CA TYR A 91 -50.07 -9.25 -27.48
C TYR A 91 -48.66 -9.20 -28.05
N LEU A 92 -47.68 -9.03 -27.16
CA LEU A 92 -46.27 -9.16 -27.53
C LEU A 92 -45.95 -10.39 -28.38
N MSE A 93 -46.40 -11.55 -27.94
CA MSE A 93 -46.05 -12.81 -28.60
C MSE A 93 -46.88 -13.13 -29.85
O MSE A 93 -46.43 -13.88 -30.71
CB MSE A 93 -46.11 -13.97 -27.61
CG MSE A 93 -45.12 -13.87 -26.46
SE MSE A 93 -45.47 -15.14 -25.02
CE MSE A 93 -45.16 -16.83 -26.03
N THR A 94 -48.09 -12.57 -29.94
CA THR A 94 -49.03 -12.92 -31.03
C THR A 94 -49.35 -11.78 -31.99
N LYS A 95 -49.21 -10.54 -31.53
CA LYS A 95 -49.52 -9.33 -32.29
C LYS A 95 -50.97 -9.24 -32.79
N ASP A 96 -51.87 -10.00 -32.19
CA ASP A 96 -53.30 -9.95 -32.51
C ASP A 96 -53.84 -8.63 -31.96
N PRO A 97 -54.14 -7.66 -32.86
CA PRO A 97 -54.50 -6.30 -32.47
C PRO A 97 -55.51 -6.22 -31.33
N LYS A 98 -56.59 -7.01 -31.39
CA LYS A 98 -57.67 -6.92 -30.40
C LYS A 98 -57.25 -7.28 -28.98
N VAL A 99 -56.19 -8.09 -28.87
CA VAL A 99 -55.61 -8.44 -27.59
C VAL A 99 -54.93 -7.19 -27.02
N GLY A 100 -54.16 -6.52 -27.86
CA GLY A 100 -53.57 -5.22 -27.50
C GLY A 100 -54.68 -4.29 -27.05
N ARG A 101 -55.78 -4.29 -27.79
CA ARG A 101 -56.94 -3.46 -27.45
C ARG A 101 -57.55 -3.84 -26.11
N GLU A 102 -57.73 -5.12 -25.85
CA GLU A 102 -58.30 -5.56 -24.57
C GLU A 102 -57.41 -5.15 -23.40
N ALA A 103 -56.10 -5.31 -23.55
CA ALA A 103 -55.15 -4.89 -22.51
C ALA A 103 -55.33 -3.42 -22.17
N ILE A 104 -55.36 -2.56 -23.19
CA ILE A 104 -55.52 -1.13 -22.98
C ILE A 104 -56.84 -0.80 -22.28
N THR A 105 -57.95 -1.28 -22.83
CA THR A 105 -59.29 -0.93 -22.33
C THR A 105 -59.66 -1.58 -20.99
N SER A 106 -59.01 -2.68 -20.64
CA SER A 106 -59.24 -3.35 -19.35
C SER A 106 -58.60 -2.61 -18.19
N ILE A 107 -57.57 -1.82 -18.48
CA ILE A 107 -56.81 -1.13 -17.43
C ILE A 107 -57.01 0.40 -17.38
N ILE A 108 -57.38 1.02 -18.50
CA ILE A 108 -57.36 2.48 -18.60
C ILE A 108 -58.20 3.16 -17.51
N ASP A 109 -59.42 2.67 -17.30
CA ASP A 109 -60.37 3.30 -16.39
C ASP A 109 -59.97 3.15 -14.93
N THR A 110 -59.51 1.96 -14.57
CA THR A 110 -59.06 1.68 -13.21
C THR A 110 -57.79 2.48 -12.86
N LEU A 111 -56.92 2.65 -13.84
CA LEU A 111 -55.69 3.42 -13.70
C LEU A 111 -55.95 4.91 -13.42
N GLU A 112 -57.03 5.43 -14.01
CA GLU A 112 -57.48 6.81 -13.79
C GLU A 112 -58.15 7.01 -12.44
N THR A 113 -58.83 5.96 -11.96
CA THR A 113 -59.74 6.09 -10.82
C THR A 113 -59.21 5.53 -9.49
N ALA A 114 -58.19 4.68 -9.55
CA ALA A 114 -57.72 3.96 -8.36
C ALA A 114 -57.38 4.87 -7.17
N THR A 115 -57.83 4.46 -5.99
CA THR A 115 -57.54 5.16 -4.75
C THR A 115 -56.78 4.22 -3.82
N PHE A 116 -55.99 4.78 -2.91
CA PHE A 116 -55.17 3.99 -1.99
C PHE A 116 -55.24 4.53 -0.56
N LYS A 117 -55.88 3.79 0.33
CA LYS A 117 -55.92 4.12 1.76
C LYS A 117 -54.52 4.09 2.37
N PRO A 118 -54.16 5.15 3.14
CA PRO A 118 -52.88 5.19 3.85
C PRO A 118 -52.67 3.94 4.72
N ALA A 119 -51.56 3.25 4.47
CA ALA A 119 -51.23 2.02 5.17
C ALA A 119 -49.73 1.75 5.08
N GLY A 120 -49.29 0.68 5.76
CA GLY A 120 -47.87 0.29 5.77
C GLY A 120 -47.28 0.20 4.38
N ASP A 121 -46.39 1.14 4.08
CA ASP A 121 -45.63 1.20 2.82
C ASP A 121 -46.49 1.15 1.56
N ILE A 122 -47.59 1.89 1.59
CA ILE A 122 -48.58 1.88 0.52
C ILE A 122 -48.02 2.27 -0.85
N SER A 123 -46.97 3.11 -0.86
CA SER A 123 -46.27 3.52 -2.08
C SER A 123 -45.85 2.34 -2.95
N ARG A 124 -45.65 1.19 -2.30
CA ARG A 124 -45.24 -0.02 -3.01
C ARG A 124 -46.37 -0.54 -3.91
N GLY A 125 -47.59 -0.60 -3.36
CA GLY A 125 -48.78 -0.95 -4.13
C GLY A 125 -49.09 0.03 -5.27
N ILE A 126 -48.94 1.32 -4.99
CA ILE A 126 -49.15 2.39 -5.97
C ILE A 126 -48.15 2.24 -7.14
N GLY A 127 -46.87 2.13 -6.79
CA GLY A 127 -45.82 1.87 -7.77
C GLY A 127 -46.04 0.64 -8.64
N LEU A 128 -46.52 -0.45 -8.04
CA LEU A 128 -46.78 -1.70 -8.76
C LEU A 128 -47.92 -1.53 -9.77
N PHE A 129 -48.96 -0.82 -9.34
CA PHE A 129 -50.08 -0.46 -10.20
C PHE A 129 -49.61 0.38 -11.39
N MSE A 130 -48.68 1.30 -11.12
CA MSE A 130 -48.02 2.07 -12.18
C MSE A 130 -47.26 1.17 -13.16
O MSE A 130 -47.36 1.33 -14.38
CB MSE A 130 -47.10 3.15 -11.59
CG MSE A 130 -47.84 4.27 -10.90
SE MSE A 130 -46.64 5.55 -10.04
CE MSE A 130 -45.99 6.49 -11.67
N VAL A 131 -46.50 0.21 -12.61
CA VAL A 131 -45.77 -0.77 -13.42
C VAL A 131 -46.70 -1.50 -14.39
N THR A 132 -47.80 -2.06 -13.86
CA THR A 132 -48.85 -2.66 -14.67
C THR A 132 -49.26 -1.73 -15.83
N GLY A 133 -49.46 -0.45 -15.55
CA GLY A 133 -49.91 0.51 -16.56
C GLY A 133 -48.89 0.67 -17.67
N ALA A 134 -47.62 0.74 -17.26
CA ALA A 134 -46.46 0.92 -18.14
C ALA A 134 -46.24 -0.27 -19.07
N ILE A 135 -46.47 -1.47 -18.55
CA ILE A 135 -46.41 -2.70 -19.34
C ILE A 135 -47.40 -2.65 -20.51
N VAL A 136 -48.67 -2.40 -20.21
CA VAL A 136 -49.69 -2.22 -21.25
C VAL A 136 -49.23 -1.16 -22.26
N TYR A 137 -48.94 0.04 -21.75
CA TYR A 137 -48.51 1.17 -22.56
C TYR A 137 -47.37 0.86 -23.53
N ASP A 138 -46.28 0.30 -23.03
CA ASP A 138 -45.13 0.04 -23.87
C ASP A 138 -45.35 -1.15 -24.80
N TRP A 139 -45.77 -2.30 -24.24
CA TRP A 139 -45.95 -3.53 -25.02
C TRP A 139 -47.11 -3.46 -26.03
N CYS A 140 -48.12 -2.65 -25.73
CA CYS A 140 -49.27 -2.46 -26.60
C CYS A 140 -49.32 -1.05 -27.19
N TYR A 141 -48.16 -0.42 -27.32
CA TYR A 141 -48.08 0.99 -27.76
C TYR A 141 -48.71 1.26 -29.13
N ASP A 142 -48.49 0.38 -30.10
CA ASP A 142 -49.02 0.59 -31.45
C ASP A 142 -50.53 0.38 -31.52
N GLN A 143 -51.15 -0.02 -30.42
CA GLN A 143 -52.60 -0.16 -30.33
C GLN A 143 -53.28 1.00 -29.58
N LEU A 144 -52.47 1.87 -28.98
CA LEU A 144 -52.99 3.05 -28.28
C LEU A 144 -53.53 4.10 -29.25
N LYS A 145 -54.74 4.59 -28.99
CA LYS A 145 -55.27 5.77 -29.64
C LYS A 145 -54.60 7.01 -29.05
N PRO A 146 -54.47 8.10 -29.86
CA PRO A 146 -53.83 9.33 -29.35
C PRO A 146 -54.45 9.88 -28.06
N GLU A 147 -55.78 9.79 -27.94
CA GLU A 147 -56.49 10.25 -26.75
C GLU A 147 -56.21 9.36 -25.55
N GLU A 148 -55.95 8.07 -25.81
CA GLU A 148 -55.71 7.12 -24.74
C GLU A 148 -54.33 7.36 -24.12
N LYS A 149 -53.36 7.70 -24.96
CA LYS A 149 -52.02 8.08 -24.48
C LYS A 149 -52.14 9.23 -23.48
N THR A 150 -52.82 10.30 -23.89
CA THR A 150 -53.11 11.43 -23.03
C THR A 150 -53.72 11.00 -21.69
N ARG A 151 -54.72 10.12 -21.72
CA ARG A 151 -55.36 9.61 -20.51
C ARG A 151 -54.40 8.82 -19.61
N PHE A 152 -53.60 7.94 -20.23
CA PHE A 152 -52.59 7.18 -19.51
C PHE A 152 -51.60 8.12 -18.82
N VAL A 153 -50.98 8.99 -19.61
CA VAL A 153 -50.05 9.99 -19.08
C VAL A 153 -50.65 10.70 -17.87
N LYS A 154 -51.88 11.18 -18.03
CA LYS A 154 -52.58 11.88 -16.96
C LYS A 154 -52.66 11.02 -15.71
N ALA A 155 -53.05 9.76 -15.90
CA ALA A 155 -53.24 8.82 -14.79
C ALA A 155 -51.93 8.50 -14.08
N PHE A 156 -50.85 8.42 -14.86
CA PHE A 156 -49.51 8.14 -14.34
C PHE A 156 -48.98 9.26 -13.43
N VAL A 157 -49.19 10.51 -13.85
CA VAL A 157 -48.80 11.69 -13.07
C VAL A 157 -49.55 11.74 -11.74
N ARG A 158 -50.87 11.62 -11.81
CA ARG A 158 -51.74 11.51 -10.65
C ARG A 158 -51.19 10.49 -9.62
N LEU A 159 -50.98 9.27 -10.08
CA LEU A 159 -50.44 8.21 -9.23
C LEU A 159 -49.03 8.51 -8.71
N ALA A 160 -48.18 9.10 -9.55
CA ALA A 160 -46.83 9.49 -9.16
C ALA A 160 -46.83 10.47 -7.97
N LYS A 161 -47.75 11.43 -8.00
CA LYS A 161 -47.87 12.43 -6.94
C LYS A 161 -48.08 11.80 -5.55
N MSE A 162 -48.58 10.57 -5.53
CA MSE A 162 -48.87 9.87 -4.29
C MSE A 162 -47.64 9.18 -3.68
O MSE A 162 -47.65 8.87 -2.48
CB MSE A 162 -49.98 8.83 -4.50
CG MSE A 162 -51.30 9.39 -4.97
SE MSE A 162 -52.49 7.89 -5.40
CE MSE A 162 -53.94 8.82 -6.39
N LEU A 163 -46.62 8.93 -4.48
CA LEU A 163 -45.42 8.25 -4.00
C LEU A 163 -44.64 9.11 -2.99
N GLU A 164 -44.08 8.46 -1.98
CA GLU A 164 -43.28 9.11 -0.93
C GLU A 164 -42.21 10.07 -1.42
N CYS A 165 -41.56 9.74 -2.54
CA CYS A 165 -40.58 10.63 -3.15
C CYS A 165 -41.23 11.85 -3.79
N GLY A 166 -42.55 11.83 -3.91
CA GLY A 166 -43.31 12.89 -4.57
C GLY A 166 -43.15 12.87 -6.08
N TYR A 167 -43.88 13.76 -6.75
CA TYR A 167 -43.64 14.04 -8.17
C TYR A 167 -43.77 15.54 -8.46
N PRO A 168 -42.68 16.20 -8.89
CA PRO A 168 -41.31 15.71 -9.12
C PRO A 168 -40.72 14.94 -7.94
N PRO A 169 -39.88 13.93 -8.22
CA PRO A 169 -39.31 13.06 -7.19
C PRO A 169 -38.18 13.74 -6.43
N VAL A 170 -38.54 14.71 -5.58
CA VAL A 170 -37.58 15.57 -4.90
C VAL A 170 -37.40 15.23 -3.41
N LYS A 171 -38.14 14.24 -2.92
CA LYS A 171 -38.15 13.92 -1.49
C LYS A 171 -37.37 12.66 -1.15
N ASP A 172 -37.09 12.49 0.15
CA ASP A 172 -36.38 11.31 0.68
C ASP A 172 -34.91 11.25 0.23
N LYS A 173 -34.27 10.11 0.46
CA LYS A 173 -32.83 9.99 0.27
C LYS A 173 -32.51 9.21 -0.99
N SER A 174 -31.27 9.32 -1.48
CA SER A 174 -30.87 8.62 -2.70
C SER A 174 -29.93 7.45 -2.46
N ILE A 175 -29.48 7.25 -1.22
CA ILE A 175 -28.62 6.13 -0.90
C ILE A 175 -29.34 5.13 0.02
N VAL A 176 -30.16 5.66 0.92
CA VAL A 176 -30.97 4.86 1.84
C VAL A 176 -32.43 5.29 1.73
N GLY A 177 -33.28 4.84 2.67
CA GLY A 177 -34.67 5.27 2.72
C GLY A 177 -35.57 4.66 1.67
N HIS A 178 -36.85 5.05 1.69
CA HIS A 178 -37.87 4.50 0.80
C HIS A 178 -37.63 4.79 -0.69
N ALA A 179 -36.89 5.87 -0.99
CA ALA A 179 -36.58 6.24 -2.37
C ALA A 179 -35.39 5.44 -2.94
N SER A 180 -34.81 4.59 -2.10
CA SER A 180 -33.80 3.64 -2.55
C SER A 180 -34.41 2.24 -2.69
N GLU A 181 -35.74 2.20 -2.81
CA GLU A 181 -36.44 0.93 -2.97
C GLU A 181 -37.12 0.89 -4.35
N TRP A 182 -38.38 0.47 -4.39
CA TRP A 182 -39.06 0.22 -5.66
C TRP A 182 -39.46 1.49 -6.42
N MSE A 183 -39.75 2.55 -5.67
CA MSE A 183 -40.46 3.71 -6.25
C MSE A 183 -39.79 4.40 -7.44
O MSE A 183 -40.45 4.69 -8.43
CB MSE A 183 -40.89 4.70 -5.17
CG MSE A 183 -39.78 5.37 -4.39
SE MSE A 183 -40.52 6.40 -2.90
CE MSE A 183 -41.31 4.91 -1.85
N ILE A 184 -38.49 4.68 -7.34
CA ILE A 184 -37.79 5.33 -8.45
C ILE A 184 -37.13 4.29 -9.35
N MSE A 185 -36.36 3.39 -8.74
CA MSE A 185 -35.52 2.46 -9.48
C MSE A 185 -36.28 1.36 -10.24
O MSE A 185 -35.79 0.86 -11.25
CB MSE A 185 -34.43 1.86 -8.59
CG MSE A 185 -33.30 2.85 -8.28
SE MSE A 185 -31.75 2.04 -7.40
CE MSE A 185 -32.55 1.74 -5.66
N ARG A 186 -37.46 0.99 -9.75
CA ARG A 186 -38.33 0.13 -10.53
C ARG A 186 -39.49 0.89 -11.19
N ASP A 187 -40.27 1.61 -10.39
CA ASP A 187 -41.60 2.07 -10.80
C ASP A 187 -41.63 3.33 -11.66
N LEU A 188 -41.12 4.44 -11.14
CA LEU A 188 -41.03 5.70 -11.90
C LEU A 188 -40.20 5.53 -13.17
N LEU A 189 -39.07 4.84 -13.06
CA LEU A 189 -38.21 4.58 -14.21
C LEU A 189 -38.95 3.82 -15.32
N SER A 190 -39.75 2.82 -14.95
CA SER A 190 -40.48 2.01 -15.93
C SER A 190 -41.52 2.85 -16.67
N VAL A 191 -42.31 3.59 -15.91
CA VAL A 191 -43.32 4.45 -16.50
C VAL A 191 -42.70 5.53 -17.39
N GLY A 192 -41.62 6.15 -16.93
CA GLY A 192 -40.89 7.15 -17.71
C GLY A 192 -40.43 6.62 -19.04
N ILE A 193 -39.88 5.41 -19.03
CA ILE A 193 -39.41 4.74 -20.25
C ILE A 193 -40.56 4.45 -21.20
N ALA A 194 -41.71 4.08 -20.66
CA ALA A 194 -42.87 3.75 -21.46
C ALA A 194 -43.46 4.97 -22.16
N ILE A 195 -43.61 6.06 -21.41
CA ILE A 195 -44.35 7.24 -21.90
C ILE A 195 -43.46 8.36 -22.45
N TYR A 196 -42.16 8.07 -22.58
CA TYR A 196 -41.15 9.08 -22.97
C TYR A 196 -41.47 9.91 -24.22
N ASP A 197 -41.97 9.27 -25.27
CA ASP A 197 -42.26 9.95 -26.55
C ASP A 197 -43.40 10.95 -26.44
N GLU A 198 -44.25 10.76 -25.44
CA GLU A 198 -45.40 11.61 -25.21
C GLU A 198 -45.17 12.58 -24.05
N PHE A 199 -44.44 12.10 -23.04
CA PHE A 199 -44.24 12.85 -21.80
C PHE A 199 -42.81 12.59 -21.26
N PRO A 200 -41.79 13.15 -21.93
CA PRO A 200 -40.39 12.87 -21.57
C PRO A 200 -39.99 13.38 -20.19
N GLU A 201 -40.83 14.19 -19.56
CA GLU A 201 -40.55 14.78 -18.25
C GLU A 201 -40.32 13.75 -17.15
N MSE A 202 -41.13 12.70 -17.11
CA MSE A 202 -41.05 11.72 -16.02
C MSE A 202 -39.71 10.98 -16.02
O MSE A 202 -39.12 10.78 -14.96
CB MSE A 202 -42.20 10.73 -16.05
CG MSE A 202 -42.24 9.85 -14.81
SE MSE A 202 -43.94 8.98 -14.57
CE MSE A 202 -45.06 10.59 -14.20
N TYR A 203 -39.26 10.58 -17.21
CA TYR A 203 -37.96 9.93 -17.35
C TYR A 203 -36.83 10.91 -17.07
N ASN A 204 -37.01 12.16 -17.50
CA ASN A 204 -36.00 13.17 -17.31
C ASN A 204 -35.74 13.43 -15.84
N LEU A 205 -36.82 13.47 -15.05
CA LEU A 205 -36.73 13.70 -13.61
C LEU A 205 -36.32 12.47 -12.84
N ALA A 206 -36.97 11.33 -13.11
CA ALA A 206 -36.71 10.08 -12.39
C ALA A 206 -35.31 9.52 -12.70
N ALA A 207 -35.05 9.28 -13.98
CA ALA A 207 -33.74 8.81 -14.41
C ALA A 207 -32.72 9.93 -14.18
N GLY A 208 -33.19 11.17 -14.23
CA GLY A 208 -32.39 12.31 -13.84
C GLY A 208 -31.82 12.10 -12.46
N ARG A 209 -32.70 11.88 -11.48
CA ARG A 209 -32.27 11.66 -10.10
C ARG A 209 -31.49 10.35 -9.92
N PHE A 210 -31.87 9.30 -10.64
CA PHE A 210 -31.10 8.05 -10.57
C PHE A 210 -29.65 8.22 -11.01
N PHE A 211 -29.46 8.78 -12.21
CA PHE A 211 -28.13 8.97 -12.78
C PHE A 211 -27.25 9.98 -12.02
N LYS A 212 -27.87 11.03 -11.46
CA LYS A 212 -27.12 12.08 -10.78
C LYS A 212 -26.81 11.74 -9.34
N GLU A 213 -27.67 10.91 -8.72
CA GLU A 213 -27.59 10.66 -7.28
C GLU A 213 -27.43 9.17 -6.92
N HIS A 214 -28.47 8.38 -7.19
CA HIS A 214 -28.45 6.94 -6.88
C HIS A 214 -27.20 6.21 -7.41
N LEU A 215 -26.95 6.36 -8.70
CA LEU A 215 -25.88 5.66 -9.40
C LEU A 215 -24.51 6.05 -8.86
N VAL A 216 -24.30 7.35 -8.70
CA VAL A 216 -23.03 7.90 -8.24
C VAL A 216 -22.66 7.34 -6.86
N ALA A 217 -23.62 7.41 -5.94
CA ALA A 217 -23.48 6.84 -4.60
C ALA A 217 -23.10 5.35 -4.64
N ARG A 218 -23.89 4.55 -5.35
CA ARG A 218 -23.67 3.11 -5.46
C ARG A 218 -22.33 2.76 -6.12
N ASN A 219 -21.99 3.43 -7.23
CA ASN A 219 -20.72 3.18 -7.90
C ASN A 219 -19.49 3.52 -7.06
N TRP A 220 -19.71 4.32 -6.02
CA TRP A 220 -18.67 4.70 -5.09
C TRP A 220 -18.31 3.54 -4.16
N PHE A 221 -19.31 2.88 -3.57
CA PHE A 221 -19.03 1.76 -2.66
C PHE A 221 -18.94 0.37 -3.31
N TYR A 222 -19.56 0.21 -4.48
CA TYR A 222 -19.57 -1.07 -5.21
C TYR A 222 -18.22 -1.81 -5.38
N PRO A 223 -17.11 -1.07 -5.64
CA PRO A 223 -15.81 -1.74 -5.79
C PRO A 223 -15.38 -2.57 -4.59
N SER A 224 -15.88 -2.22 -3.41
CA SER A 224 -15.54 -2.95 -2.20
C SER A 224 -16.49 -4.10 -1.87
N HIS A 225 -17.45 -4.32 -2.78
CA HIS A 225 -18.21 -5.56 -2.83
C HIS A 225 -19.03 -5.82 -1.57
N ASN A 226 -19.73 -4.81 -1.07
CA ASN A 226 -20.57 -5.01 0.10
C ASN A 226 -21.74 -4.02 0.09
N TYR A 227 -22.61 -4.13 1.09
CA TYR A 227 -23.74 -3.22 1.21
C TYR A 227 -23.83 -2.77 2.67
N HIS A 228 -24.56 -1.69 2.92
CA HIS A 228 -24.49 -0.99 4.20
C HIS A 228 -25.77 -1.02 5.07
N GLN A 229 -26.82 -1.71 4.63
CA GLN A 229 -28.14 -1.62 5.28
C GLN A 229 -28.50 -2.79 6.18
N GLY A 230 -27.50 -3.59 6.52
CA GLY A 230 -27.70 -4.76 7.36
C GLY A 230 -28.16 -5.94 6.53
N MSE A 231 -28.28 -7.10 7.19
CA MSE A 231 -28.46 -8.37 6.50
C MSE A 231 -29.91 -8.71 6.10
O MSE A 231 -30.14 -9.77 5.49
CB MSE A 231 -27.83 -9.52 7.31
CG MSE A 231 -26.35 -9.32 7.59
SE MSE A 231 -25.31 -8.78 6.00
CE MSE A 231 -25.52 -10.42 4.87
N SER A 232 -30.85 -7.84 6.44
CA SER A 232 -32.24 -8.07 6.05
C SER A 232 -32.63 -7.15 4.90
N TYR A 233 -32.45 -5.85 5.13
CA TYR A 233 -32.75 -4.83 4.14
C TYR A 233 -31.81 -4.88 2.93
N LEU A 234 -30.78 -5.72 3.02
CA LEU A 234 -30.00 -6.12 1.86
C LEU A 234 -30.91 -6.61 0.72
N ASN A 235 -31.98 -7.34 1.06
CA ASN A 235 -32.93 -7.87 0.08
C ASN A 235 -33.61 -6.77 -0.75
N VAL A 236 -34.49 -6.00 -0.13
CA VAL A 236 -35.21 -4.92 -0.84
C VAL A 236 -34.26 -3.93 -1.54
N ARG A 237 -33.19 -3.53 -0.86
CA ARG A 237 -32.32 -2.47 -1.35
C ARG A 237 -31.50 -2.90 -2.56
N PHE A 238 -30.83 -4.04 -2.44
CA PHE A 238 -29.99 -4.52 -3.53
C PHE A 238 -30.85 -5.00 -4.71
N THR A 239 -32.03 -5.55 -4.40
CA THR A 239 -33.01 -5.98 -5.41
C THR A 239 -33.34 -4.85 -6.37
N ASN A 240 -33.53 -3.65 -5.83
CA ASN A 240 -33.90 -2.50 -6.63
C ASN A 240 -32.77 -1.91 -7.44
N ASP A 241 -31.55 -1.93 -6.88
CA ASP A 241 -30.36 -1.64 -7.67
C ASP A 241 -30.36 -2.51 -8.91
N LEU A 242 -30.64 -3.79 -8.71
CA LEU A 242 -30.58 -4.78 -9.80
C LEU A 242 -31.75 -4.66 -10.79
N PHE A 243 -32.91 -4.17 -10.31
CA PHE A 243 -33.99 -3.80 -11.23
C PHE A 243 -33.52 -2.68 -12.18
N ALA A 244 -32.86 -1.66 -11.64
CA ALA A 244 -32.39 -0.56 -12.48
C ALA A 244 -31.36 -1.10 -13.49
N LEU A 245 -30.49 -1.99 -13.02
CA LEU A 245 -29.51 -2.64 -13.88
C LEU A 245 -30.19 -3.30 -15.08
N TRP A 246 -31.17 -4.14 -14.79
CA TRP A 246 -31.91 -4.92 -15.81
C TRP A 246 -32.77 -4.05 -16.72
N ILE A 247 -33.50 -3.09 -16.14
CA ILE A 247 -34.38 -2.20 -16.89
C ILE A 247 -33.59 -1.37 -17.90
N LEU A 248 -32.50 -0.75 -17.47
CA LEU A 248 -31.70 0.07 -18.39
C LEU A 248 -30.93 -0.79 -19.38
N ASP A 249 -30.39 -1.92 -18.94
CA ASP A 249 -29.74 -2.84 -19.87
C ASP A 249 -30.71 -3.30 -20.96
N ARG A 250 -31.93 -3.66 -20.56
CA ARG A 250 -32.91 -4.18 -21.50
C ARG A 250 -33.49 -3.09 -22.40
N MSE A 251 -33.42 -1.85 -21.94
CA MSE A 251 -33.72 -0.68 -22.77
C MSE A 251 -32.64 -0.55 -23.86
O MSE A 251 -32.89 0.02 -24.91
CB MSE A 251 -33.80 0.58 -21.92
CG MSE A 251 -34.39 1.79 -22.64
SE MSE A 251 -34.26 3.42 -21.59
CE MSE A 251 -32.43 3.99 -22.07
N GLY A 252 -31.45 -1.07 -23.57
CA GLY A 252 -30.32 -1.03 -24.51
C GLY A 252 -29.18 -0.09 -24.12
N ALA A 253 -29.11 0.26 -22.84
CA ALA A 253 -28.11 1.19 -22.33
C ALA A 253 -26.86 0.48 -21.80
N GLY A 254 -26.80 -0.84 -21.96
CA GLY A 254 -25.69 -1.62 -21.38
C GLY A 254 -25.79 -1.65 -19.85
N ASN A 255 -24.68 -2.02 -19.21
CA ASN A 255 -24.59 -2.04 -17.74
C ASN A 255 -24.13 -0.68 -17.23
N VAL A 256 -25.06 0.07 -16.63
CA VAL A 256 -24.76 1.41 -16.12
C VAL A 256 -23.96 1.37 -14.81
N PHE A 257 -23.90 0.20 -14.18
CA PHE A 257 -23.26 0.07 -12.88
C PHE A 257 -21.81 -0.36 -12.97
N ASN A 258 -21.05 -0.05 -11.92
CA ASN A 258 -19.75 -0.66 -11.74
C ASN A 258 -19.94 -2.18 -11.65
N PRO A 259 -19.28 -2.94 -12.54
CA PRO A 259 -19.46 -4.40 -12.58
C PRO A 259 -19.11 -5.12 -11.27
N GLY A 260 -18.45 -4.43 -10.35
CA GLY A 260 -18.20 -4.94 -9.00
C GLY A 260 -19.49 -5.30 -8.28
N GLN A 261 -20.61 -4.81 -8.82
CA GLN A 261 -21.96 -5.17 -8.38
C GLN A 261 -22.18 -6.68 -8.33
N GLN A 262 -21.50 -7.42 -9.19
CA GLN A 262 -21.58 -8.87 -9.25
C GLN A 262 -21.22 -9.54 -7.92
N PHE A 263 -20.25 -8.95 -7.20
CA PHE A 263 -19.66 -9.63 -6.03
C PHE A 263 -20.20 -9.19 -4.68
N ILE A 264 -21.13 -8.25 -4.70
CA ILE A 264 -21.72 -7.74 -3.48
C ILE A 264 -22.35 -8.85 -2.63
N LEU A 265 -23.18 -9.67 -3.25
CA LEU A 265 -23.91 -10.72 -2.56
C LEU A 265 -23.03 -11.88 -2.07
N TYR A 266 -21.75 -11.86 -2.43
CA TYR A 266 -20.81 -12.83 -1.87
C TYR A 266 -20.71 -12.64 -0.35
N ASP A 267 -21.05 -11.44 0.14
CA ASP A 267 -20.96 -11.17 1.58
C ASP A 267 -21.96 -11.99 2.39
N ALA A 268 -23.18 -12.12 1.87
CA ALA A 268 -24.20 -12.97 2.46
C ALA A 268 -23.75 -14.45 2.45
N ILE A 269 -23.15 -14.87 1.34
CA ILE A 269 -22.63 -16.23 1.21
C ILE A 269 -21.65 -16.52 2.36
N TYR A 270 -20.71 -15.61 2.58
CA TYR A 270 -19.78 -15.76 3.69
C TYR A 270 -20.45 -15.74 5.05
N LYS A 271 -21.61 -15.10 5.17
CA LYS A 271 -22.25 -14.95 6.47
C LYS A 271 -23.31 -16.00 6.81
N ARG A 272 -23.49 -16.97 5.90
CA ARG A 272 -24.45 -18.06 6.11
C ARG A 272 -23.94 -19.01 7.19
N ARG A 273 -24.77 -19.22 8.21
CA ARG A 273 -24.43 -20.18 9.26
C ARG A 273 -24.96 -21.57 8.89
N PRO A 274 -24.47 -22.62 9.57
CA PRO A 274 -24.97 -23.98 9.37
C PRO A 274 -26.43 -24.18 9.74
N ASP A 275 -27.01 -23.28 10.54
CA ASP A 275 -28.40 -23.45 10.94
C ASP A 275 -29.37 -22.76 9.98
N GLY A 276 -28.85 -22.34 8.83
CA GLY A 276 -29.68 -21.71 7.81
C GLY A 276 -29.89 -20.22 7.99
N GLN A 277 -29.44 -19.69 9.13
CA GLN A 277 -29.56 -18.24 9.37
C GLN A 277 -28.29 -17.53 8.90
N ILE A 278 -28.33 -16.21 8.94
CA ILE A 278 -27.22 -15.36 8.48
C ILE A 278 -26.68 -14.64 9.69
N LEU A 279 -25.36 -14.42 9.70
CA LEU A 279 -24.74 -13.60 10.72
C LEU A 279 -25.43 -12.22 10.80
N ALA A 280 -25.75 -11.80 12.02
CA ALA A 280 -26.41 -10.50 12.25
C ALA A 280 -25.61 -9.33 11.71
N GLY A 281 -26.27 -8.19 11.51
CA GLY A 281 -25.63 -6.93 11.16
C GLY A 281 -26.71 -5.94 10.74
N GLY A 282 -26.61 -4.70 11.25
CA GLY A 282 -27.65 -3.69 11.02
C GLY A 282 -28.99 -4.13 11.56
N ASP A 283 -30.07 -3.57 11.02
CA ASP A 283 -31.44 -3.88 11.49
C ASP A 283 -31.88 -5.28 11.08
N VAL A 284 -31.90 -6.20 12.04
CA VAL A 284 -32.38 -7.55 11.78
C VAL A 284 -33.26 -8.10 12.90
N ASP A 285 -34.07 -9.09 12.57
CA ASP A 285 -34.77 -9.92 13.54
C ASP A 285 -34.23 -11.37 13.37
N TYR A 286 -34.64 -12.28 14.26
CA TYR A 286 -34.09 -13.63 14.30
C TYR A 286 -35.18 -14.68 14.34
N SER A 287 -34.86 -15.86 13.82
CA SER A 287 -35.76 -17.01 13.76
C SER A 287 -34.96 -18.29 13.63
N ARG A 288 -35.41 -19.37 14.26
CA ARG A 288 -34.82 -20.67 13.94
C ARG A 288 -35.79 -21.53 13.11
N LYS A 289 -36.94 -20.97 12.74
CA LYS A 289 -37.98 -21.71 12.02
C LYS A 289 -37.73 -21.96 10.52
N LYS A 290 -37.35 -20.93 9.76
CA LYS A 290 -37.02 -21.13 8.34
C LYS A 290 -35.76 -20.36 7.96
N PRO A 291 -34.92 -20.94 7.06
CA PRO A 291 -33.70 -20.27 6.61
C PRO A 291 -33.98 -18.94 5.93
N LYS A 292 -33.03 -18.01 6.04
CA LYS A 292 -33.13 -16.75 5.30
C LYS A 292 -32.53 -16.98 3.92
N TYR A 293 -33.14 -16.35 2.92
CA TYR A 293 -32.72 -16.48 1.53
C TYR A 293 -32.63 -15.10 0.91
N TYR A 294 -31.71 -14.95 -0.05
CA TYR A 294 -31.64 -13.72 -0.83
C TYR A 294 -32.03 -14.07 -2.27
N THR A 295 -33.25 -14.54 -2.41
CA THR A 295 -33.78 -15.16 -3.64
C THR A 295 -33.79 -14.23 -4.84
N MSE A 296 -34.35 -13.02 -4.67
CA MSE A 296 -34.48 -12.05 -5.76
C MSE A 296 -33.14 -11.41 -6.19
O MSE A 296 -32.86 -11.34 -7.39
CB MSE A 296 -35.51 -10.98 -5.42
CG MSE A 296 -36.09 -10.27 -6.64
SE MSE A 296 -37.04 -11.49 -7.86
CE MSE A 296 -37.13 -10.32 -9.47
N PRO A 297 -32.33 -10.95 -5.22
CA PRO A 297 -31.02 -10.45 -5.64
C PRO A 297 -30.13 -11.57 -6.23
N ALA A 298 -30.21 -12.77 -5.67
CA ALA A 298 -29.47 -13.91 -6.24
C ALA A 298 -29.94 -14.19 -7.66
N LEU A 299 -31.26 -14.07 -7.89
CA LEU A 299 -31.78 -14.25 -9.24
C LEU A 299 -31.31 -13.18 -10.21
N LEU A 300 -31.46 -11.91 -9.85
CA LEU A 300 -31.16 -10.83 -10.79
C LEU A 300 -29.66 -10.68 -11.08
N ALA A 301 -28.83 -10.79 -10.05
CA ALA A 301 -27.39 -10.68 -10.21
C ALA A 301 -26.76 -11.94 -10.81
N GLY A 302 -27.25 -13.10 -10.35
CA GLY A 302 -26.79 -14.38 -10.91
C GLY A 302 -27.07 -14.49 -12.40
N SER A 303 -28.30 -14.16 -12.81
CA SER A 303 -28.69 -14.23 -14.22
C SER A 303 -28.05 -13.19 -15.11
N TYR A 304 -27.81 -11.99 -14.58
CA TYR A 304 -27.18 -10.93 -15.36
C TYR A 304 -25.70 -11.20 -15.57
N TYR A 305 -25.00 -11.49 -14.48
CA TYR A 305 -23.55 -11.63 -14.49
C TYR A 305 -23.09 -13.06 -14.76
N LYS A 306 -24.05 -13.96 -14.91
CA LYS A 306 -23.78 -15.37 -15.17
C LYS A 306 -22.86 -15.90 -14.08
N ASP A 307 -23.29 -15.72 -12.83
CA ASP A 307 -22.51 -16.10 -11.67
C ASP A 307 -23.18 -17.28 -10.98
N GLU A 308 -22.44 -18.39 -10.93
CA GLU A 308 -22.94 -19.69 -10.47
C GLU A 308 -22.99 -19.82 -8.94
N TYR A 309 -22.22 -18.98 -8.24
CA TYR A 309 -22.29 -18.91 -6.79
C TYR A 309 -23.60 -18.27 -6.38
N LEU A 310 -24.02 -17.24 -7.11
CA LEU A 310 -25.23 -16.51 -6.80
C LEU A 310 -26.43 -17.32 -7.24
N ASN A 311 -26.29 -18.03 -8.35
CA ASN A 311 -27.38 -18.86 -8.86
C ASN A 311 -27.65 -20.03 -7.92
N TYR A 312 -26.59 -20.56 -7.32
CA TYR A 312 -26.73 -21.55 -6.25
C TYR A 312 -27.60 -21.01 -5.12
N GLU A 313 -27.29 -19.79 -4.69
CA GLU A 313 -28.04 -19.09 -3.68
C GLU A 313 -29.54 -18.97 -4.05
N PHE A 314 -29.83 -18.67 -5.33
CA PHE A 314 -31.22 -18.62 -5.81
C PHE A 314 -31.94 -19.98 -5.78
N LEU A 315 -31.26 -21.04 -6.18
CA LEU A 315 -31.85 -22.36 -6.28
C LEU A 315 -32.14 -23.07 -4.94
N LYS A 316 -31.58 -22.55 -3.84
CA LYS A 316 -31.92 -23.03 -2.50
C LYS A 316 -33.42 -22.88 -2.26
N ASP A 317 -34.00 -21.79 -2.78
CA ASP A 317 -35.41 -21.53 -2.65
C ASP A 317 -35.86 -20.69 -3.84
N PRO A 318 -36.11 -21.34 -4.99
CA PRO A 318 -36.39 -20.65 -6.24
C PRO A 318 -37.82 -20.11 -6.28
N ASN A 319 -38.22 -19.44 -5.19
CA ASN A 319 -39.60 -19.01 -5.03
C ASN A 319 -39.71 -17.50 -4.83
N VAL A 320 -40.04 -16.86 -5.95
CA VAL A 320 -40.09 -15.42 -6.09
C VAL A 320 -41.47 -14.90 -5.65
N GLU A 321 -41.50 -13.71 -5.04
CA GLU A 321 -42.78 -13.07 -4.67
C GLU A 321 -43.67 -12.89 -5.89
N PRO A 322 -45.00 -12.97 -5.72
CA PRO A 322 -45.92 -12.99 -6.86
C PRO A 322 -45.71 -11.84 -7.86
N HIS A 323 -45.51 -10.62 -7.37
CA HIS A 323 -45.38 -9.45 -8.24
C HIS A 323 -44.09 -9.47 -9.08
N CYS A 324 -43.14 -10.32 -8.69
CA CYS A 324 -41.89 -10.47 -9.40
C CYS A 324 -41.87 -11.64 -10.39
N LYS A 325 -42.92 -12.47 -10.36
CA LYS A 325 -43.02 -13.66 -11.22
C LYS A 325 -42.76 -13.35 -12.71
N LEU A 326 -43.32 -12.27 -13.21
CA LEU A 326 -43.10 -11.86 -14.59
C LEU A 326 -41.62 -11.59 -14.89
N PHE A 327 -40.92 -11.02 -13.91
CA PHE A 327 -39.51 -10.68 -14.11
C PHE A 327 -38.63 -11.91 -14.13
N GLU A 328 -38.98 -12.90 -13.30
CA GLU A 328 -38.35 -14.21 -13.39
C GLU A 328 -38.57 -14.84 -14.77
N PHE A 329 -39.80 -14.75 -15.29
CA PHE A 329 -40.13 -15.32 -16.58
C PHE A 329 -39.32 -14.69 -17.69
N LEU A 330 -39.21 -13.37 -17.64
CA LEU A 330 -38.53 -12.56 -18.63
C LEU A 330 -37.02 -12.67 -18.56
N TRP A 331 -36.47 -12.72 -17.35
CA TRP A 331 -35.04 -12.51 -17.13
C TRP A 331 -34.21 -13.71 -16.61
N ARG A 332 -34.84 -14.66 -15.93
CA ARG A 332 -34.09 -15.77 -15.37
C ARG A 332 -33.28 -16.49 -16.44
N ASP A 333 -32.02 -16.80 -16.14
CA ASP A 333 -31.22 -17.68 -16.98
C ASP A 333 -31.25 -19.09 -16.39
N THR A 334 -31.95 -19.98 -17.07
CA THR A 334 -32.21 -21.35 -16.59
C THR A 334 -31.16 -22.37 -17.03
N GLN A 335 -30.25 -21.97 -17.92
CA GLN A 335 -29.15 -22.85 -18.35
C GLN A 335 -27.98 -22.75 -17.39
N LEU A 336 -27.84 -21.59 -16.76
CA LEU A 336 -26.74 -21.29 -15.86
C LEU A 336 -26.50 -22.35 -14.80
N GLY A 337 -25.23 -22.68 -14.57
CA GLY A 337 -24.86 -23.68 -13.58
C GLY A 337 -24.90 -23.13 -12.17
N SER A 338 -24.56 -23.98 -11.18
CA SER A 338 -24.50 -23.53 -9.80
C SER A 338 -23.38 -24.18 -9.02
N ARG A 339 -22.71 -23.38 -8.19
CA ARG A 339 -21.59 -23.81 -7.37
C ARG A 339 -21.86 -23.56 -5.89
N LYS A 340 -21.60 -24.58 -5.07
CA LYS A 340 -21.60 -24.40 -3.61
C LYS A 340 -20.37 -23.56 -3.23
N PRO A 341 -20.42 -22.89 -2.06
CA PRO A 341 -19.31 -22.01 -1.64
C PRO A 341 -18.02 -22.69 -1.20
N ASP A 342 -18.01 -24.03 -1.12
CA ASP A 342 -16.91 -24.78 -0.45
C ASP A 342 -15.48 -24.47 -0.93
N ASP A 343 -15.32 -24.12 -2.20
CA ASP A 343 -14.00 -23.79 -2.75
C ASP A 343 -13.58 -22.32 -2.60
N LEU A 344 -14.44 -21.49 -2.00
CA LEU A 344 -14.10 -20.10 -1.76
C LEU A 344 -13.02 -19.95 -0.66
N PRO A 345 -12.13 -18.95 -0.80
CA PRO A 345 -11.14 -18.68 0.27
C PRO A 345 -11.84 -18.38 1.59
N LEU A 346 -11.24 -18.82 2.70
CA LEU A 346 -11.92 -18.74 4.01
C LEU A 346 -12.02 -17.32 4.61
N SER A 347 -11.30 -16.34 4.02
CA SER A 347 -11.44 -14.94 4.42
C SER A 347 -11.70 -13.99 3.24
N ARG A 348 -12.52 -12.98 3.46
CA ARG A 348 -12.82 -11.98 2.43
C ARG A 348 -12.75 -10.57 3.02
N TYR A 349 -12.07 -9.68 2.28
CA TYR A 349 -11.94 -8.29 2.73
C TYR A 349 -12.79 -7.34 1.89
N SER A 350 -13.48 -6.42 2.57
CA SER A 350 -14.27 -5.34 1.93
C SER A 350 -13.62 -4.01 2.26
N GLY A 351 -13.00 -3.38 1.26
CA GLY A 351 -12.27 -2.14 1.47
C GLY A 351 -13.16 -0.93 1.65
N SER A 352 -12.56 0.24 1.51
CA SER A 352 -13.27 1.52 1.56
C SER A 352 -14.57 1.51 0.74
N PRO A 353 -15.64 2.12 1.27
CA PRO A 353 -15.71 2.79 2.57
C PRO A 353 -16.12 1.88 3.74
N PHE A 354 -15.90 0.58 3.61
CA PHE A 354 -16.30 -0.35 4.66
C PHE A 354 -15.17 -0.64 5.64
N GLY A 355 -14.19 -1.41 5.20
CA GLY A 355 -13.12 -1.89 6.06
C GLY A 355 -13.65 -3.02 6.90
N TRP A 356 -14.15 -4.05 6.23
CA TRP A 356 -14.75 -5.20 6.92
C TRP A 356 -14.08 -6.51 6.57
N MSE A 357 -13.67 -7.24 7.58
CA MSE A 357 -13.11 -8.57 7.40
C MSE A 357 -14.08 -9.63 7.84
O MSE A 357 -14.57 -9.59 8.97
CB MSE A 357 -11.82 -8.72 8.18
CG MSE A 357 -10.60 -8.32 7.42
SE MSE A 357 -10.21 -9.52 5.90
CE MSE A 357 -8.50 -8.63 5.40
N ILE A 358 -14.35 -10.59 6.97
CA ILE A 358 -15.06 -11.80 7.38
C ILE A 358 -14.07 -12.98 7.30
N ALA A 359 -13.98 -13.75 8.38
CA ALA A 359 -13.03 -14.88 8.44
C ALA A 359 -13.69 -16.16 8.95
N ARG A 360 -13.49 -17.26 8.22
CA ARG A 360 -14.08 -18.55 8.58
C ARG A 360 -12.98 -19.61 8.75
N THR A 361 -13.37 -20.77 9.29
CA THR A 361 -12.43 -21.91 9.38
C THR A 361 -12.88 -23.06 8.48
N GLY A 362 -14.03 -22.88 7.83
CA GLY A 362 -14.65 -23.88 6.97
C GLY A 362 -15.97 -23.38 6.41
N TRP A 363 -16.69 -24.26 5.70
CA TRP A 363 -17.98 -23.93 5.10
C TRP A 363 -19.12 -24.83 5.62
N GLY A 364 -18.81 -25.68 6.60
CA GLY A 364 -19.80 -26.62 7.11
C GLY A 364 -20.20 -26.36 8.56
N PRO A 365 -20.87 -27.35 9.17
CA PRO A 365 -21.35 -27.35 10.57
C PRO A 365 -20.31 -27.02 11.64
N GLU A 366 -19.05 -27.32 11.39
CA GLU A 366 -17.99 -27.11 12.38
C GLU A 366 -17.20 -25.82 12.13
N SER A 367 -17.70 -24.95 11.24
CA SER A 367 -16.94 -23.75 10.95
C SER A 367 -17.17 -22.65 11.97
N VAL A 368 -16.07 -21.95 12.26
CA VAL A 368 -16.10 -20.69 12.99
C VAL A 368 -16.35 -19.60 11.97
N ILE A 369 -17.20 -18.62 12.30
CA ILE A 369 -17.44 -17.47 11.45
C ILE A 369 -17.21 -16.20 12.28
N ALA A 370 -16.27 -15.36 11.86
CA ALA A 370 -15.96 -14.16 12.62
C ALA A 370 -15.91 -12.94 11.72
N GLU A 371 -16.43 -11.86 12.25
CA GLU A 371 -16.57 -10.61 11.53
C GLU A 371 -15.86 -9.50 12.31
N MSE A 372 -15.13 -8.66 11.57
CA MSE A 372 -14.38 -7.53 12.15
C MSE A 372 -14.66 -6.29 11.32
O MSE A 372 -14.56 -6.32 10.09
CB MSE A 372 -12.89 -7.84 12.17
CG MSE A 372 -12.50 -9.01 13.05
SE MSE A 372 -10.99 -10.04 12.34
CE MSE A 372 -12.01 -11.20 11.12
N LYS A 373 -15.00 -5.18 11.97
CA LYS A 373 -15.42 -3.99 11.23
C LYS A 373 -14.71 -2.72 11.68
N VAL A 374 -14.28 -1.94 10.69
CA VAL A 374 -13.87 -0.56 10.92
C VAL A 374 -15.08 0.37 10.75
N ASN A 375 -15.64 0.44 9.53
CA ASN A 375 -16.62 1.50 9.10
C ASN A 375 -15.94 2.83 8.83
N GLU A 376 -15.60 3.10 7.57
CA GLU A 376 -14.97 4.38 7.25
C GLU A 376 -16.03 5.47 7.20
N TYR A 377 -17.23 5.07 6.79
CA TYR A 377 -18.37 5.96 6.70
C TYR A 377 -19.59 5.32 7.32
N SER A 378 -20.52 6.16 7.77
CA SER A 378 -21.80 5.69 8.22
C SER A 378 -22.86 6.13 7.22
N PHE A 379 -23.71 5.18 6.82
CA PHE A 379 -24.76 5.43 5.84
C PHE A 379 -26.11 5.69 6.51
N LEU A 380 -26.18 5.36 7.79
CA LEU A 380 -27.38 5.53 8.64
C LEU A 380 -28.55 4.67 8.15
N ASN A 381 -29.79 5.15 8.34
CA ASN A 381 -30.98 4.31 8.12
C ASN A 381 -30.84 2.98 8.88
N HIS A 382 -30.67 1.87 8.18
CA HIS A 382 -30.61 0.54 8.83
C HIS A 382 -29.22 0.12 9.31
N GLN A 383 -28.19 0.90 8.97
CA GLN A 383 -26.84 0.65 9.51
C GLN A 383 -26.77 1.06 11.00
N HIS A 384 -25.99 0.32 11.78
CA HIS A 384 -25.81 0.61 13.21
C HIS A 384 -24.51 1.38 13.47
N GLN A 385 -24.51 2.19 14.54
CA GLN A 385 -23.27 2.86 14.97
C GLN A 385 -22.31 1.86 15.62
N ASP A 386 -21.73 1.00 14.78
CA ASP A 386 -20.96 -0.16 15.25
C ASP A 386 -19.50 -0.21 14.81
N ALA A 387 -18.88 0.95 14.59
CA ALA A 387 -17.45 0.99 14.29
C ALA A 387 -16.69 0.19 15.35
N GLY A 388 -15.76 -0.65 14.91
CA GLY A 388 -14.95 -1.47 15.80
C GLY A 388 -15.54 -2.80 16.25
N ALA A 389 -16.78 -3.10 15.86
CA ALA A 389 -17.46 -4.29 16.36
C ALA A 389 -16.87 -5.58 15.79
N PHE A 390 -16.76 -6.58 16.65
CA PHE A 390 -16.49 -7.95 16.20
C PHE A 390 -17.68 -8.84 16.56
N GLN A 391 -17.84 -9.94 15.82
CA GLN A 391 -18.94 -10.88 15.99
C GLN A 391 -18.39 -12.26 15.72
N ILE A 392 -18.66 -13.21 16.62
CA ILE A 392 -18.14 -14.56 16.46
C ILE A 392 -19.25 -15.58 16.59
N TYR A 393 -19.29 -16.48 15.61
CA TYR A 393 -20.19 -17.63 15.60
C TYR A 393 -19.38 -18.91 15.55
N TYR A 394 -19.77 -19.85 16.39
CA TYR A 394 -19.26 -21.22 16.31
C TYR A 394 -20.27 -22.14 16.96
N LYS A 395 -20.94 -22.96 16.16
CA LYS A 395 -21.95 -23.87 16.69
C LYS A 395 -22.90 -23.05 17.57
N GLY A 396 -23.26 -21.86 17.08
CA GLY A 396 -24.11 -20.94 17.80
C GLY A 396 -23.49 -19.56 17.91
N PRO A 397 -24.33 -18.53 18.08
CA PRO A 397 -23.85 -17.14 18.25
C PRO A 397 -23.20 -16.98 19.62
N LEU A 398 -21.91 -16.61 19.63
CA LEU A 398 -21.14 -16.57 20.87
C LEU A 398 -20.85 -15.15 21.32
N ALA A 399 -20.07 -14.43 20.52
CA ALA A 399 -19.81 -13.02 20.70
C ALA A 399 -20.78 -12.31 19.78
N ILE A 400 -21.83 -11.74 20.35
CA ILE A 400 -23.00 -11.38 19.54
C ILE A 400 -23.17 -9.90 19.25
N ASP A 401 -24.08 -9.65 18.31
CA ASP A 401 -24.51 -8.35 17.89
C ASP A 401 -25.94 -8.21 18.47
N ALA A 402 -26.06 -7.45 19.56
CA ALA A 402 -27.23 -7.52 20.46
C ALA A 402 -28.43 -6.63 20.12
N GLY A 403 -29.55 -6.90 20.80
CA GLY A 403 -30.81 -6.21 20.55
C GLY A 403 -31.61 -6.90 19.46
N SER A 404 -32.78 -6.35 19.16
CA SER A 404 -33.58 -6.82 18.03
C SER A 404 -34.29 -5.66 17.35
N TYR A 405 -34.51 -5.80 16.05
CA TYR A 405 -35.14 -4.74 15.26
C TYR A 405 -36.56 -4.47 15.74
N THR A 406 -37.34 -5.53 15.88
CA THR A 406 -38.71 -5.44 16.38
C THR A 406 -38.93 -6.29 17.64
N GLY A 407 -40.05 -6.04 18.32
CA GLY A 407 -40.43 -6.78 19.51
C GLY A 407 -41.45 -5.95 20.27
N SER A 408 -41.43 -6.05 21.60
CA SER A 408 -42.40 -5.33 22.44
C SER A 408 -42.20 -3.81 22.47
N SER A 409 -41.01 -3.34 22.11
CA SER A 409 -40.76 -1.89 22.07
C SER A 409 -41.45 -1.21 20.88
N GLY A 410 -41.61 -1.96 19.78
CA GLY A 410 -42.20 -1.43 18.55
C GLY A 410 -41.33 -1.74 17.35
N GLY A 411 -41.53 -0.97 16.27
CA GLY A 411 -40.76 -1.09 15.05
C GLY A 411 -39.52 -0.21 15.01
N TYR A 412 -39.19 0.28 13.82
CA TYR A 412 -38.02 1.12 13.54
C TYR A 412 -37.90 2.35 14.48
N ASN A 413 -39.03 2.99 14.77
CA ASN A 413 -39.08 4.23 15.55
C ASN A 413 -39.00 4.00 17.08
N SER A 414 -38.79 2.74 17.50
CA SER A 414 -38.91 2.39 18.92
C SER A 414 -37.80 2.96 19.80
N PRO A 415 -38.07 3.14 21.11
CA PRO A 415 -37.02 3.48 22.09
C PRO A 415 -35.85 2.48 22.07
N HIS A 416 -36.15 1.19 21.87
CA HIS A 416 -35.11 0.17 21.79
C HIS A 416 -34.16 0.42 20.63
N ASN A 417 -34.72 0.67 19.44
CA ASN A 417 -33.88 1.04 18.29
C ASN A 417 -33.03 2.28 18.56
N LYS A 418 -33.68 3.35 19.02
CA LYS A 418 -33.04 4.64 19.24
C LYS A 418 -32.00 4.63 20.34
N ASN A 419 -32.25 3.87 21.39
CA ASN A 419 -31.45 3.97 22.60
C ASN A 419 -30.56 2.76 22.85
N PHE A 420 -30.83 1.63 22.18
CA PHE A 420 -29.96 0.47 22.34
C PHE A 420 -29.47 -0.17 21.04
N PHE A 421 -30.41 -0.67 20.22
CA PHE A 421 -30.12 -1.57 19.09
C PHE A 421 -29.14 -0.99 18.06
N LYS A 422 -29.41 0.26 17.68
CA LYS A 422 -28.60 0.94 16.66
C LYS A 422 -27.35 1.61 17.25
N ARG A 423 -27.15 1.42 18.55
CA ARG A 423 -26.13 2.20 19.28
C ARG A 423 -24.90 1.34 19.59
N THR A 424 -23.78 1.99 19.87
CA THR A 424 -22.51 1.28 20.09
C THR A 424 -22.55 0.26 21.22
N ILE A 425 -23.32 0.58 22.26
CA ILE A 425 -23.44 -0.27 23.45
C ILE A 425 -24.04 -1.65 23.14
N ALA A 426 -24.69 -1.78 21.97
CA ALA A 426 -25.30 -3.03 21.56
C ALA A 426 -24.28 -3.95 20.90
N HIS A 427 -23.04 -3.49 20.79
CA HIS A 427 -22.04 -4.13 19.96
C HIS A 427 -20.77 -4.38 20.77
N ASN A 428 -19.96 -5.31 20.29
CA ASN A 428 -18.70 -5.64 20.94
C ASN A 428 -17.68 -4.59 20.50
N SER A 429 -17.81 -3.41 21.08
CA SER A 429 -16.96 -2.27 20.75
C SER A 429 -16.56 -1.50 22.02
N LEU A 430 -16.38 -0.18 21.90
CA LEU A 430 -15.75 0.62 22.95
C LEU A 430 -16.55 1.86 23.35
N LEU A 431 -16.73 2.06 24.65
CA LEU A 431 -17.44 3.23 25.14
C LEU A 431 -16.52 4.13 25.93
N ILE A 432 -16.79 5.42 25.83
CA ILE A 432 -16.12 6.44 26.61
C ILE A 432 -17.24 7.35 27.09
N TYR A 433 -17.59 7.24 28.37
CA TYR A 433 -18.77 7.94 28.86
C TYR A 433 -18.49 9.40 29.25
N ASP A 434 -19.06 10.32 28.48
CA ASP A 434 -19.04 11.74 28.80
C ASP A 434 -20.45 12.12 29.25
N PRO A 435 -20.64 12.32 30.56
CA PRO A 435 -21.97 12.62 31.15
C PRO A 435 -22.68 13.85 30.55
N LYS A 436 -21.96 14.71 29.85
CA LYS A 436 -22.53 15.94 29.29
C LYS A 436 -22.86 15.83 27.79
N GLU A 437 -22.48 14.71 27.18
CA GLU A 437 -22.67 14.54 25.75
C GLU A 437 -24.14 14.40 25.39
N THR A 438 -24.55 15.08 24.31
CA THR A 438 -25.91 14.95 23.79
C THR A 438 -25.86 14.16 22.50
N PHE A 439 -26.96 13.50 22.19
CA PHE A 439 -27.08 12.68 21.01
C PHE A 439 -28.35 13.11 20.27
N SER A 440 -28.17 14.01 19.30
CA SER A 440 -29.31 14.65 18.62
C SER A 440 -29.93 13.70 17.61
N SER A 441 -31.23 13.44 17.79
CA SER A 441 -31.93 12.41 17.04
C SER A 441 -33.22 12.89 16.37
N SER A 442 -33.36 14.20 16.18
CA SER A 442 -34.62 14.80 15.76
C SER A 442 -35.08 14.36 14.38
N GLY A 443 -34.14 14.08 13.49
CA GLY A 443 -34.45 13.65 12.14
C GLY A 443 -34.79 12.17 12.01
N TYR A 444 -34.42 11.38 13.02
CA TYR A 444 -34.56 9.90 12.94
C TYR A 444 -36.01 9.46 12.79
N GLY A 445 -36.26 8.60 11.82
CA GLY A 445 -37.57 7.95 11.64
C GLY A 445 -38.59 8.86 10.99
N GLY A 446 -39.77 8.31 10.69
CA GLY A 446 -40.81 9.06 10.02
C GLY A 446 -41.96 9.43 10.93
N SER A 447 -41.89 8.97 12.18
CA SER A 447 -42.97 9.22 13.13
C SER A 447 -42.44 9.13 14.57
N ASP A 448 -43.16 9.75 15.50
CA ASP A 448 -42.84 9.71 16.93
C ASP A 448 -41.42 10.27 17.19
N HIS A 449 -41.10 11.34 16.46
CA HIS A 449 -39.81 12.00 16.56
C HIS A 449 -39.46 12.40 17.99
N THR A 450 -38.17 12.54 18.23
CA THR A 450 -37.63 12.63 19.56
C THR A 450 -36.32 13.40 19.45
N ASP A 451 -36.21 14.53 20.17
CA ASP A 451 -35.06 15.42 20.08
C ASP A 451 -33.72 14.76 20.47
N PHE A 452 -33.69 14.03 21.58
CA PHE A 452 -32.46 13.37 22.02
C PHE A 452 -32.60 11.87 22.29
N ALA A 453 -31.51 11.14 22.08
CA ALA A 453 -31.45 9.73 22.42
C ALA A 453 -30.53 9.56 23.63
N ALA A 454 -30.57 8.38 24.23
CA ALA A 454 -29.80 8.12 25.46
C ALA A 454 -28.30 8.28 25.24
N ASN A 455 -27.61 8.74 26.28
CA ASN A 455 -26.16 8.69 26.33
C ASN A 455 -25.73 7.27 26.63
N ASP A 456 -25.26 6.57 25.60
CA ASP A 456 -24.78 5.20 25.74
C ASP A 456 -23.26 5.12 25.94
N GLY A 457 -22.61 6.29 26.03
CA GLY A 457 -21.15 6.35 26.08
C GLY A 457 -20.50 5.96 24.77
N GLY A 458 -21.32 5.89 23.71
CA GLY A 458 -20.86 5.37 22.44
C GLY A 458 -20.54 6.39 21.38
N GLN A 459 -20.69 5.96 20.13
CA GLN A 459 -20.37 6.78 18.97
C GLN A 459 -21.46 7.81 18.60
N ARG A 460 -21.02 8.89 17.94
CA ARG A 460 -21.89 9.99 17.49
C ARG A 460 -23.09 9.52 16.70
N LEU A 461 -24.12 10.38 16.68
CA LEU A 461 -25.20 10.25 15.71
C LEU A 461 -24.97 11.27 14.57
N PRO A 462 -24.49 10.79 13.41
CA PRO A 462 -24.14 11.72 12.32
C PRO A 462 -25.37 12.39 11.69
N GLY A 463 -25.13 13.27 10.72
CA GLY A 463 -26.22 13.92 10.01
C GLY A 463 -26.93 14.95 10.87
N LYS A 464 -28.00 15.52 10.32
CA LYS A 464 -28.69 16.63 10.97
C LYS A 464 -29.84 16.09 11.83
N GLY A 465 -29.54 15.72 13.07
CA GLY A 465 -30.48 14.99 13.92
C GLY A 465 -30.60 13.48 13.65
N TRP A 466 -29.47 12.83 13.37
CA TRP A 466 -29.42 11.38 13.13
C TRP A 466 -30.30 10.94 11.94
N ILE A 467 -30.00 11.52 10.78
CA ILE A 467 -30.73 11.25 9.55
C ILE A 467 -29.73 11.26 8.41
N ALA A 468 -29.89 10.33 7.49
CA ALA A 468 -28.97 10.18 6.37
C ALA A 468 -28.94 11.43 5.47
N PRO A 469 -27.82 11.64 4.75
CA PRO A 469 -27.78 12.76 3.80
C PRO A 469 -28.55 12.37 2.54
N ARG A 470 -28.85 13.35 1.69
CA ARG A 470 -29.60 13.03 0.47
C ARG A 470 -28.82 12.18 -0.52
N ASP A 471 -27.57 12.54 -0.79
CA ASP A 471 -26.77 11.87 -1.80
C ASP A 471 -25.29 11.84 -1.40
N LEU A 472 -24.42 11.45 -2.33
CA LEU A 472 -22.98 11.33 -2.03
C LEU A 472 -22.32 12.70 -1.82
N LYS A 473 -22.68 13.66 -2.66
CA LYS A 473 -22.17 15.03 -2.55
C LYS A 473 -22.36 15.56 -1.11
N GLU A 474 -23.58 15.43 -0.60
CA GLU A 474 -23.90 15.84 0.77
C GLU A 474 -23.16 15.00 1.82
N MSE A 475 -23.04 13.69 1.57
CA MSE A 475 -22.41 12.77 2.50
C MSE A 475 -20.93 13.09 2.74
O MSE A 475 -20.45 13.03 3.88
CB MSE A 475 -22.56 11.32 2.01
CG MSE A 475 -22.07 10.28 3.00
SE MSE A 475 -22.54 8.51 2.36
CE MSE A 475 -21.73 7.38 3.78
N LEU A 476 -20.21 13.43 1.67
CA LEU A 476 -18.77 13.67 1.77
C LEU A 476 -18.51 15.02 2.42
N ALA A 477 -19.39 15.97 2.16
CA ALA A 477 -19.27 17.32 2.73
C ALA A 477 -19.63 17.36 4.22
N GLY A 478 -20.42 16.39 4.67
CA GLY A 478 -20.93 16.38 6.04
C GLY A 478 -20.04 15.69 7.05
N ASP A 479 -20.66 15.12 8.07
CA ASP A 479 -19.95 14.50 9.19
C ASP A 479 -20.15 12.98 9.27
N PHE A 480 -20.10 12.32 8.11
CA PHE A 480 -20.41 10.88 8.04
C PHE A 480 -19.21 9.95 8.12
N ARG A 481 -18.02 10.55 8.05
CA ARG A 481 -16.77 9.83 8.27
C ARG A 481 -16.65 9.34 9.72
N THR A 482 -16.40 8.04 9.90
CA THR A 482 -16.34 7.43 11.24
C THR A 482 -15.06 6.63 11.46
N GLY A 483 -14.23 6.52 10.45
CA GLY A 483 -13.08 5.63 10.54
C GLY A 483 -12.08 5.74 9.41
N LYS A 484 -10.91 5.19 9.62
CA LYS A 484 -9.88 5.11 8.59
C LYS A 484 -9.23 3.74 8.71
N ILE A 485 -9.16 3.02 7.58
CA ILE A 485 -8.50 1.72 7.54
C ILE A 485 -7.01 1.97 7.55
N LEU A 486 -6.34 1.41 8.54
CA LEU A 486 -4.92 1.64 8.72
C LEU A 486 -4.12 0.50 8.11
N ALA A 487 -4.65 -0.72 8.20
CA ALA A 487 -3.96 -1.91 7.72
C ALA A 487 -4.88 -3.11 7.72
N GLN A 488 -4.60 -4.03 6.81
CA GLN A 488 -5.39 -5.23 6.66
C GLN A 488 -4.59 -6.26 5.89
N GLY A 489 -4.90 -7.52 6.12
CA GLY A 489 -4.34 -8.59 5.32
C GLY A 489 -4.68 -9.94 5.89
N PHE A 490 -4.46 -10.99 5.11
CA PHE A 490 -4.53 -12.36 5.60
C PHE A 490 -3.55 -13.25 4.85
N GLY A 491 -3.24 -14.40 5.42
CA GLY A 491 -2.25 -15.29 4.84
C GLY A 491 -1.67 -16.23 5.87
N PRO A 492 -0.48 -16.79 5.59
CA PRO A 492 0.32 -16.62 4.36
C PRO A 492 -0.34 -17.16 3.06
N ASP A 493 -1.31 -18.06 3.19
CA ASP A 493 -2.01 -18.64 2.03
C ASP A 493 -3.33 -17.92 1.77
N ASN A 494 -3.66 -17.67 0.49
CA ASN A 494 -4.91 -16.99 0.10
C ASN A 494 -6.16 -17.79 0.45
N GLN A 495 -6.08 -19.11 0.27
CA GLN A 495 -7.20 -20.01 0.42
C GLN A 495 -7.54 -20.29 1.88
N THR A 496 -6.52 -20.64 2.67
CA THR A 496 -6.71 -21.07 4.06
C THR A 496 -5.72 -20.34 4.98
N PRO A 497 -5.91 -19.01 5.18
CA PRO A 497 -4.94 -18.24 5.95
C PRO A 497 -4.83 -18.66 7.43
N ASP A 498 -3.61 -18.82 7.89
CA ASP A 498 -3.32 -18.97 9.33
C ASP A 498 -3.92 -17.82 10.14
N TYR A 499 -3.86 -16.61 9.57
CA TYR A 499 -4.23 -15.39 10.30
C TYR A 499 -5.01 -14.43 9.41
N THR A 500 -5.89 -13.65 10.01
CA THR A 500 -6.62 -12.60 9.28
C THR A 500 -6.58 -11.34 10.13
N TYR A 501 -6.14 -10.23 9.51
CA TYR A 501 -5.78 -9.02 10.22
C TYR A 501 -6.51 -7.79 9.70
N LEU A 502 -6.98 -6.95 10.63
CA LEU A 502 -7.58 -5.67 10.27
C LEU A 502 -7.27 -4.61 11.33
N LYS A 503 -6.89 -3.41 10.89
CA LYS A 503 -6.69 -2.32 11.83
C LYS A 503 -7.36 -1.06 11.38
N GLY A 504 -8.07 -0.43 12.30
CA GLY A 504 -8.77 0.81 12.04
C GLY A 504 -8.54 1.84 13.13
N ASP A 505 -8.58 3.10 12.73
CA ASP A 505 -8.62 4.22 13.64
C ASP A 505 -10.06 4.68 13.51
N ILE A 506 -10.82 4.58 14.60
CA ILE A 506 -12.23 4.95 14.59
C ILE A 506 -12.50 6.16 15.48
N THR A 507 -11.48 7.01 15.64
CA THR A 507 -11.59 8.25 16.43
C THR A 507 -12.76 9.11 15.93
N ALA A 508 -12.93 9.20 14.62
CA ALA A 508 -13.96 10.06 14.01
C ALA A 508 -15.39 9.59 14.27
N ALA A 509 -15.55 8.34 14.72
CA ALA A 509 -16.87 7.81 15.08
C ALA A 509 -17.43 8.48 16.34
N TYR A 510 -16.52 8.99 17.18
CA TYR A 510 -16.86 9.59 18.47
C TYR A 510 -16.82 11.12 18.46
N SER A 511 -17.41 11.72 19.48
CA SER A 511 -17.27 13.17 19.72
C SER A 511 -15.85 13.50 20.17
N ALA A 512 -15.59 14.79 20.36
CA ALA A 512 -14.29 15.26 20.84
C ALA A 512 -13.93 14.79 22.26
N LYS A 513 -14.80 14.01 22.88
CA LYS A 513 -14.50 13.37 24.18
C LYS A 513 -13.28 12.41 24.13
N VAL A 514 -12.85 12.08 22.92
CA VAL A 514 -11.63 11.29 22.75
C VAL A 514 -10.68 12.00 21.81
N LYS A 515 -9.39 11.71 21.96
CA LYS A 515 -8.37 12.20 21.04
C LYS A 515 -7.93 11.12 20.07
N GLU A 516 -8.02 9.85 20.50
CA GLU A 516 -7.55 8.73 19.70
C GLU A 516 -8.26 7.44 20.10
N VAL A 517 -8.80 6.73 19.11
CA VAL A 517 -9.36 5.38 19.34
C VAL A 517 -8.96 4.47 18.18
N LYS A 518 -8.13 3.48 18.49
CA LYS A 518 -7.68 2.51 17.48
C LYS A 518 -8.04 1.10 17.92
N ARG A 519 -8.37 0.26 16.94
CA ARG A 519 -8.64 -1.14 17.18
C ARG A 519 -7.96 -2.01 16.13
N SER A 520 -7.15 -2.95 16.59
CA SER A 520 -6.52 -3.97 15.75
C SER A 520 -7.13 -5.34 16.08
N PHE A 521 -7.59 -6.05 15.05
CA PHE A 521 -8.07 -7.40 15.27
C PHE A 521 -7.11 -8.36 14.58
N LEU A 522 -6.80 -9.44 15.27
CA LEU A 522 -6.10 -10.53 14.61
C LEU A 522 -6.83 -11.83 14.86
N PHE A 523 -7.52 -12.31 13.82
CA PHE A 523 -8.18 -13.59 13.89
C PHE A 523 -7.17 -14.69 13.53
N LEU A 524 -7.09 -15.71 14.36
CA LEU A 524 -6.21 -16.85 14.09
C LEU A 524 -7.01 -18.09 13.76
N ASN A 525 -6.81 -18.63 12.56
CA ASN A 525 -7.29 -19.99 12.28
C ASN A 525 -6.22 -20.94 12.76
N LEU A 526 -6.48 -21.56 13.90
CA LEU A 526 -5.44 -22.31 14.60
C LEU A 526 -5.16 -23.68 13.98
N LYS A 527 -5.98 -24.09 13.01
CA LYS A 527 -5.88 -25.41 12.37
C LYS A 527 -5.66 -26.50 13.44
N ASP A 528 -6.63 -26.61 14.34
CA ASP A 528 -6.45 -27.28 15.63
C ASP A 528 -7.78 -27.95 15.98
N ALA A 529 -7.70 -29.25 16.28
CA ALA A 529 -8.89 -30.07 16.55
C ALA A 529 -9.59 -29.66 17.83
N LYS A 530 -8.83 -29.23 18.83
CA LYS A 530 -9.37 -28.87 20.14
C LYS A 530 -9.79 -27.39 20.27
N VAL A 531 -9.07 -26.48 19.62
CA VAL A 531 -9.40 -25.03 19.68
C VAL A 531 -9.30 -24.49 18.26
N PRO A 532 -10.41 -24.56 17.49
CA PRO A 532 -10.33 -24.26 16.06
C PRO A 532 -9.86 -22.84 15.71
N ALA A 533 -10.11 -21.88 16.60
CA ALA A 533 -9.81 -20.47 16.29
C ALA A 533 -9.57 -19.59 17.53
N ALA A 534 -8.92 -18.46 17.31
CA ALA A 534 -8.78 -17.46 18.35
C ALA A 534 -8.94 -16.07 17.77
N MSE A 535 -9.29 -15.09 18.61
CA MSE A 535 -9.20 -13.70 18.17
C MSE A 535 -8.56 -12.78 19.19
O MSE A 535 -9.01 -12.68 20.33
CB MSE A 535 -10.55 -13.15 17.71
CG MSE A 535 -10.38 -11.91 16.83
SE MSE A 535 -11.97 -10.83 16.76
CE MSE A 535 -13.11 -11.99 15.63
N ILE A 536 -7.51 -12.11 18.76
CA ILE A 536 -6.84 -11.12 19.56
C ILE A 536 -7.37 -9.74 19.16
N VAL A 537 -7.74 -8.96 20.18
CA VAL A 537 -8.18 -7.58 19.96
C VAL A 537 -7.33 -6.63 20.80
N PHE A 538 -6.63 -5.71 20.13
CA PHE A 538 -5.79 -4.74 20.79
C PHE A 538 -6.33 -3.32 20.55
N ASP A 539 -6.67 -2.63 21.62
CA ASP A 539 -7.29 -1.30 21.53
C ASP A 539 -6.44 -0.21 22.17
N LYS A 540 -6.41 0.96 21.52
CA LYS A 540 -5.84 2.17 22.12
C LYS A 540 -6.94 3.22 22.23
N VAL A 541 -7.09 3.78 23.41
CA VAL A 541 -8.16 4.72 23.68
C VAL A 541 -7.58 5.87 24.49
N VAL A 542 -7.59 7.07 23.91
CA VAL A 542 -7.16 8.27 24.60
C VAL A 542 -8.35 9.22 24.77
N ALA A 543 -8.75 9.43 26.02
CA ALA A 543 -9.87 10.28 26.37
C ALA A 543 -9.44 11.74 26.57
N SER A 544 -10.34 12.67 26.28
CA SER A 544 -10.06 14.10 26.45
C SER A 544 -10.09 14.50 27.92
N ASN A 545 -10.87 13.76 28.70
CA ASN A 545 -10.87 13.90 30.15
C ASN A 545 -10.56 12.52 30.74
N PRO A 546 -9.52 12.45 31.60
CA PRO A 546 -9.16 11.16 32.20
C PRO A 546 -10.33 10.51 32.96
N ASP A 547 -11.31 11.32 33.38
CA ASP A 547 -12.46 10.85 34.15
C ASP A 547 -13.62 10.34 33.33
N PHE A 548 -13.51 10.40 32.00
CA PHE A 548 -14.52 9.82 31.13
C PHE A 548 -14.35 8.31 31.15
N LYS A 549 -15.28 7.62 31.81
CA LYS A 549 -15.13 6.20 32.10
C LYS A 549 -15.10 5.31 30.83
N LYS A 550 -14.10 4.45 30.74
CA LYS A 550 -13.91 3.63 29.53
C LYS A 550 -14.51 2.25 29.66
N PHE A 551 -15.08 1.74 28.58
CA PHE A 551 -15.66 0.39 28.59
C PHE A 551 -15.28 -0.40 27.36
N TRP A 552 -14.85 -1.64 27.58
CA TRP A 552 -14.67 -2.64 26.53
C TRP A 552 -15.79 -3.65 26.76
N LEU A 553 -16.53 -3.97 25.69
CA LEU A 553 -17.75 -4.78 25.78
C LEU A 553 -17.71 -6.11 25.05
N LEU A 554 -18.40 -7.08 25.63
CA LEU A 554 -18.57 -8.40 25.03
C LEU A 554 -19.98 -8.93 25.33
N HIS A 555 -20.81 -8.99 24.30
CA HIS A 555 -22.19 -9.43 24.45
C HIS A 555 -22.38 -10.94 24.26
N SER A 556 -23.28 -11.52 25.04
CA SER A 556 -23.64 -12.93 24.90
C SER A 556 -25.13 -13.18 25.17
N ILE A 557 -25.63 -14.31 24.68
CA ILE A 557 -27.01 -14.74 24.94
C ILE A 557 -27.16 -15.23 26.38
N GLU A 558 -26.25 -16.11 26.81
CA GLU A 558 -26.33 -16.77 28.12
C GLU A 558 -25.35 -16.09 29.09
N GLN A 559 -25.53 -16.35 30.38
CA GLN A 559 -24.73 -15.68 31.41
C GLN A 559 -23.25 -16.11 31.38
N PRO A 560 -22.33 -15.12 31.24
CA PRO A 560 -20.91 -15.39 31.28
C PRO A 560 -20.42 -15.67 32.70
N GLU A 561 -19.38 -16.48 32.79
CA GLU A 561 -18.68 -16.79 34.03
C GLU A 561 -17.37 -16.01 34.09
N ILE A 562 -17.19 -15.23 35.15
CA ILE A 562 -15.98 -14.43 35.30
C ILE A 562 -15.16 -15.02 36.44
N LYS A 563 -13.91 -15.37 36.14
CA LYS A 563 -12.98 -15.92 37.12
C LYS A 563 -11.64 -15.24 36.90
N GLY A 564 -11.29 -14.30 37.78
CA GLY A 564 -10.10 -13.48 37.58
C GLY A 564 -10.15 -12.78 36.24
N ASN A 565 -9.11 -12.96 35.44
CA ASN A 565 -9.01 -12.33 34.12
C ASN A 565 -9.64 -13.18 33.01
N GLN A 566 -10.53 -14.09 33.40
CA GLN A 566 -11.11 -15.00 32.43
C GLN A 566 -12.64 -14.94 32.35
N ILE A 567 -13.14 -14.90 31.12
CA ILE A 567 -14.57 -14.88 30.87
C ILE A 567 -14.92 -16.09 30.02
N THR A 568 -15.84 -16.91 30.51
CA THR A 568 -16.33 -18.06 29.77
C THR A 568 -17.78 -17.80 29.35
N ILE A 569 -18.02 -17.91 28.04
CA ILE A 569 -19.36 -17.81 27.47
C ILE A 569 -19.67 -19.11 26.75
N LYS A 570 -20.79 -19.73 27.11
CA LYS A 570 -21.22 -20.97 26.48
C LYS A 570 -22.59 -20.84 25.83
N ARG A 571 -22.80 -21.60 24.75
CA ARG A 571 -24.14 -21.89 24.25
C ARG A 571 -24.53 -23.30 24.73
N THR A 572 -25.71 -23.42 25.35
CA THR A 572 -26.19 -24.73 25.80
C THR A 572 -27.65 -25.02 25.41
N LYS A 573 -28.16 -24.33 24.40
CA LYS A 573 -29.59 -24.40 24.06
C LYS A 573 -29.78 -24.40 22.56
N ASN A 574 -30.98 -24.77 22.11
CA ASN A 574 -31.34 -24.78 20.67
C ASN A 574 -30.43 -25.68 19.82
N GLY A 575 -29.83 -26.70 20.42
CA GLY A 575 -28.82 -27.50 19.73
C GLY A 575 -27.47 -26.81 19.55
N ASP A 576 -27.35 -25.57 19.99
CA ASP A 576 -26.07 -24.84 19.98
C ASP A 576 -25.14 -25.40 21.08
N SER A 577 -23.83 -25.47 20.80
CA SER A 577 -22.86 -26.00 21.78
C SER A 577 -21.46 -25.35 21.74
N GLY A 578 -21.31 -24.24 21.04
CA GLY A 578 -20.04 -23.53 21.03
C GLY A 578 -19.68 -22.89 22.36
N MSE A 579 -18.43 -22.47 22.49
CA MSE A 579 -17.94 -21.81 23.68
C MSE A 579 -16.85 -20.81 23.35
O MSE A 579 -16.04 -21.00 22.43
CB MSE A 579 -17.39 -22.82 24.70
CG MSE A 579 -16.76 -22.20 25.95
SE MSE A 579 -16.04 -23.58 27.16
CE MSE A 579 -14.51 -24.24 26.10
N LEU A 580 -16.87 -19.74 24.13
CA LEU A 580 -15.91 -18.67 23.99
C LEU A 580 -15.22 -18.47 25.34
N VAL A 581 -13.89 -18.35 25.30
CA VAL A 581 -13.11 -18.03 26.49
C VAL A 581 -12.20 -16.83 26.20
N ASN A 582 -12.45 -15.72 26.89
CA ASN A 582 -11.59 -14.54 26.80
C ASN A 582 -10.60 -14.46 27.96
N THR A 583 -9.33 -14.24 27.64
CA THR A 583 -8.30 -13.89 28.61
C THR A 583 -8.01 -12.39 28.50
N ALA A 584 -8.21 -11.67 29.60
CA ALA A 584 -7.97 -10.23 29.63
C ALA A 584 -6.52 -10.00 30.03
N LEU A 585 -5.75 -9.47 29.08
CA LEU A 585 -4.30 -9.31 29.27
C LEU A 585 -3.93 -7.89 29.66
N LEU A 586 -4.60 -6.93 29.04
CA LEU A 586 -4.47 -5.51 29.37
C LEU A 586 -5.86 -4.88 29.43
N PRO A 587 -6.11 -3.97 30.39
CA PRO A 587 -5.23 -3.62 31.51
C PRO A 587 -4.94 -4.82 32.39
N ASP A 588 -3.78 -4.82 33.07
CA ASP A 588 -3.41 -5.96 33.90
C ASP A 588 -4.26 -6.03 35.17
N ALA A 589 -4.10 -7.09 35.96
CA ALA A 589 -4.96 -7.36 37.12
C ALA A 589 -5.15 -6.16 38.07
N ALA A 590 -4.06 -5.46 38.36
CA ALA A 590 -4.09 -4.32 39.27
C ALA A 590 -4.85 -3.10 38.71
N ASN A 591 -5.25 -3.15 37.45
CA ASN A 591 -5.93 -2.01 36.82
C ASN A 591 -7.15 -2.42 35.98
N SER A 592 -7.76 -3.55 36.36
CA SER A 592 -8.84 -4.15 35.60
C SER A 592 -10.05 -4.52 36.47
N ASN A 593 -11.22 -3.98 36.13
CA ASN A 593 -12.49 -4.42 36.74
C ASN A 593 -13.32 -5.13 35.68
N ILE A 594 -13.65 -6.40 35.93
CA ILE A 594 -14.51 -7.15 35.03
C ILE A 594 -15.85 -7.46 35.69
N THR A 595 -16.92 -7.01 35.05
CA THR A 595 -18.28 -7.07 35.57
C THR A 595 -19.20 -7.59 34.47
N SER A 596 -20.25 -8.32 34.84
CA SER A 596 -21.30 -8.73 33.89
C SER A 596 -22.61 -8.03 34.20
N ILE A 597 -23.31 -7.59 33.15
CA ILE A 597 -24.61 -6.95 33.28
C ILE A 597 -25.61 -7.71 32.43
N GLY A 598 -26.69 -8.17 33.04
CA GLY A 598 -27.73 -8.82 32.25
C GLY A 598 -28.82 -9.51 33.04
N GLY A 599 -29.52 -10.42 32.36
CA GLY A 599 -30.68 -11.09 32.92
C GLY A 599 -31.88 -10.19 32.85
N LYS A 600 -33.02 -10.66 33.35
CA LYS A 600 -34.27 -9.91 33.22
C LYS A 600 -34.21 -8.52 33.85
N GLY A 601 -34.62 -7.53 33.06
CA GLY A 601 -34.58 -6.13 33.49
C GLY A 601 -33.25 -5.46 33.18
N LYS A 602 -32.26 -6.25 32.76
CA LYS A 602 -30.92 -5.69 32.47
C LYS A 602 -30.35 -6.11 31.11
N ASP A 603 -31.18 -6.73 30.26
CA ASP A 603 -30.72 -7.21 28.96
C ASP A 603 -30.32 -6.10 28.00
N PHE A 604 -30.98 -4.94 28.12
CA PHE A 604 -30.75 -3.80 27.26
C PHE A 604 -30.47 -2.54 28.09
N TRP A 605 -29.51 -2.67 29.00
CA TRP A 605 -29.21 -1.65 30.00
C TRP A 605 -28.34 -0.54 29.43
N VAL A 606 -28.81 0.69 29.59
CA VAL A 606 -28.10 1.88 29.15
C VAL A 606 -28.13 2.92 30.27
N PHE A 607 -27.13 2.85 31.14
CA PHE A 607 -26.90 3.81 32.23
C PHE A 607 -28.18 4.31 32.91
N GLY A 608 -28.89 3.38 33.56
CA GLY A 608 -30.02 3.73 34.42
C GLY A 608 -31.35 3.22 33.93
N THR A 609 -31.41 2.83 32.65
CA THR A 609 -32.68 2.46 32.01
C THR A 609 -32.52 1.20 31.16
N ASN A 610 -33.50 0.32 31.25
CA ASN A 610 -33.57 -0.87 30.41
C ASN A 610 -34.54 -0.62 29.25
N TYR A 611 -34.04 -0.71 28.02
CA TYR A 611 -34.91 -0.52 26.86
C TYR A 611 -35.46 -1.87 26.38
N THR A 612 -36.39 -2.37 27.19
CA THR A 612 -37.10 -3.63 26.98
C THR A 612 -37.58 -3.78 25.54
N ASN A 613 -37.39 -5.00 25.01
CA ASN A 613 -37.84 -5.37 23.67
C ASN A 613 -37.93 -6.88 23.66
N ASP A 614 -38.99 -7.39 24.28
CA ASP A 614 -39.28 -8.81 24.33
C ASP A 614 -39.66 -9.34 22.95
N PRO A 615 -39.32 -10.62 22.65
CA PRO A 615 -39.64 -11.13 21.32
C PRO A 615 -41.15 -11.18 21.10
N LYS A 616 -41.57 -10.86 19.89
CA LYS A 616 -42.88 -11.27 19.42
C LYS A 616 -42.98 -12.80 19.54
N PRO A 617 -44.11 -13.30 20.09
CA PRO A 617 -44.28 -14.74 20.27
C PRO A 617 -44.04 -15.52 18.97
N GLY A 618 -43.49 -16.72 19.12
CA GLY A 618 -43.16 -17.56 17.98
C GLY A 618 -41.96 -17.07 17.19
N THR A 619 -41.18 -16.15 17.75
CA THR A 619 -40.00 -15.63 17.05
C THR A 619 -38.79 -15.59 17.98
N ASP A 620 -37.62 -15.42 17.37
CA ASP A 620 -36.34 -15.47 18.07
C ASP A 620 -36.31 -16.57 19.14
N GLU A 621 -36.56 -17.82 18.74
CA GLU A 621 -36.65 -18.90 19.74
C GLU A 621 -35.34 -19.17 20.47
N ALA A 622 -34.22 -18.74 19.90
CA ALA A 622 -32.90 -18.91 20.53
C ALA A 622 -32.43 -17.68 21.31
N LEU A 623 -33.24 -16.63 21.33
CA LEU A 623 -32.94 -15.38 22.02
C LEU A 623 -31.61 -14.74 21.59
N GLU A 624 -31.43 -14.61 20.28
CA GLU A 624 -30.20 -14.03 19.73
C GLU A 624 -30.08 -12.53 19.98
N ARG A 625 -31.16 -11.93 20.48
CA ARG A 625 -31.16 -10.54 20.91
C ARG A 625 -30.27 -10.33 22.13
N GLY A 626 -29.93 -11.39 22.83
CA GLY A 626 -29.03 -11.33 23.97
C GLY A 626 -29.70 -11.02 25.29
N GLU A 627 -29.02 -11.39 26.37
CA GLU A 627 -29.48 -11.07 27.72
C GLU A 627 -28.36 -10.56 28.61
N TRP A 628 -27.13 -10.61 28.12
CA TRP A 628 -25.96 -10.39 28.97
C TRP A 628 -24.84 -9.65 28.25
N ARG A 629 -24.03 -8.97 29.02
CA ARG A 629 -22.78 -8.40 28.52
C ARG A 629 -21.73 -8.34 29.61
N VAL A 630 -20.48 -8.29 29.19
CA VAL A 630 -19.38 -8.07 30.10
C VAL A 630 -18.77 -6.71 29.78
N GLU A 631 -18.38 -6.01 30.83
CA GLU A 631 -17.72 -4.71 30.71
C GLU A 631 -16.37 -4.78 31.41
N ILE A 632 -15.31 -4.44 30.66
CA ILE A 632 -13.99 -4.31 31.25
C ILE A 632 -13.64 -2.83 31.29
N THR A 633 -13.33 -2.35 32.49
CA THR A 633 -13.03 -0.95 32.75
C THR A 633 -11.78 -0.83 33.63
N PRO A 634 -10.94 0.19 33.37
CA PRO A 634 -9.79 0.40 34.28
C PRO A 634 -10.23 0.70 35.70
N LYS A 635 -9.40 0.32 36.67
CA LYS A 635 -9.63 0.66 38.05
C LYS A 635 -9.26 2.12 38.26
N LYS A 636 -8.36 2.62 37.42
CA LYS A 636 -7.77 3.94 37.61
C LYS A 636 -8.12 4.91 36.46
N ALA A 637 -8.52 6.13 36.82
CA ALA A 637 -8.84 7.16 35.85
C ALA A 637 -7.56 7.72 35.19
N ALA A 638 -7.53 7.66 33.85
CA ALA A 638 -6.37 8.08 33.07
C ALA A 638 -6.84 8.41 31.66
N ALA A 639 -6.10 9.29 30.98
CA ALA A 639 -6.44 9.71 29.62
C ALA A 639 -6.22 8.57 28.62
N GLU A 640 -5.02 7.97 28.69
CA GLU A 640 -4.62 6.91 27.78
C GLU A 640 -4.76 5.56 28.45
N ASP A 641 -5.45 4.64 27.78
CA ASP A 641 -5.56 3.25 28.24
C ASP A 641 -5.47 2.29 27.07
N TYR A 642 -5.15 1.03 27.37
CA TYR A 642 -5.04 -0.04 26.36
C TYR A 642 -5.82 -1.26 26.78
N TYR A 643 -6.54 -1.85 25.82
CA TYR A 643 -7.16 -3.15 26.02
C TYR A 643 -6.45 -4.18 25.17
N LEU A 644 -6.17 -5.32 25.78
CA LEU A 644 -5.67 -6.46 25.02
C LEU A 644 -6.42 -7.67 25.51
N ASN A 645 -7.11 -8.31 24.58
CA ASN A 645 -8.00 -9.40 24.88
C ASN A 645 -7.80 -10.55 23.91
N VAL A 646 -7.74 -11.77 24.44
CA VAL A 646 -7.52 -12.97 23.63
C VAL A 646 -8.71 -13.91 23.78
N ILE A 647 -9.46 -14.07 22.70
CA ILE A 647 -10.63 -14.93 22.70
C ILE A 647 -10.30 -16.28 22.07
N GLN A 648 -10.65 -17.37 22.75
CA GLN A 648 -10.50 -18.69 22.17
C GLN A 648 -11.89 -19.29 21.98
N ILE A 649 -12.04 -20.00 20.87
CA ILE A 649 -13.30 -20.57 20.44
C ILE A 649 -13.16 -22.09 20.41
N ALA A 650 -14.08 -22.79 21.07
CA ALA A 650 -14.07 -24.26 21.13
C ALA A 650 -15.46 -24.80 21.43
N ASP A 651 -15.60 -26.13 21.43
CA ASP A 651 -16.81 -26.82 21.89
C ASP A 651 -16.99 -26.60 23.40
N ASN A 652 -18.23 -26.56 23.87
CA ASN A 652 -18.46 -26.29 25.29
C ASN A 652 -18.07 -27.45 26.23
N THR A 653 -17.69 -28.59 25.64
CA THR A 653 -17.21 -29.75 26.40
C THR A 653 -15.67 -29.80 26.51
N GLN A 654 -15.00 -28.87 25.83
CA GLN A 654 -13.54 -28.82 25.80
C GLN A 654 -13.00 -28.32 27.15
N GLN A 655 -12.27 -29.20 27.85
CA GLN A 655 -11.81 -28.91 29.20
C GLN A 655 -10.57 -28.03 29.22
N LYS A 656 -9.59 -28.40 28.40
CA LYS A 656 -8.31 -27.70 28.38
C LYS A 656 -8.14 -26.88 27.10
N LEU A 657 -7.91 -25.59 27.27
CA LEU A 657 -7.64 -24.68 26.16
C LEU A 657 -6.17 -24.26 26.20
N HIS A 658 -5.72 -23.51 25.20
CA HIS A 658 -4.32 -23.05 25.17
C HIS A 658 -4.00 -22.02 26.25
N GLU A 659 -2.82 -22.17 26.84
CA GLU A 659 -2.30 -21.19 27.76
C GLU A 659 -2.01 -19.90 26.99
N VAL A 660 -2.48 -18.78 27.54
CA VAL A 660 -2.28 -17.49 26.90
C VAL A 660 -1.22 -16.72 27.68
N LYS A 661 -0.20 -16.23 26.97
CA LYS A 661 0.84 -15.42 27.62
C LYS A 661 0.94 -14.08 26.92
N ARG A 662 1.19 -13.04 27.71
CA ARG A 662 1.45 -11.70 27.18
C ARG A 662 2.94 -11.55 26.95
N ILE A 663 3.29 -10.95 25.82
CA ILE A 663 4.68 -10.66 25.49
C ILE A 663 4.94 -9.18 25.77
N ASP A 664 5.82 -8.91 26.71
CA ASP A 664 6.25 -7.55 26.99
C ASP A 664 7.66 -7.37 26.43
N GLY A 665 7.73 -6.79 25.25
CA GLY A 665 9.00 -6.60 24.57
C GLY A 665 9.51 -5.18 24.64
N ASP A 666 10.43 -4.89 23.73
CA ASP A 666 10.98 -3.57 23.53
C ASP A 666 10.18 -2.90 22.40
N LYS A 667 9.42 -1.85 22.72
CA LYS A 667 8.58 -1.10 21.76
C LYS A 667 7.28 -1.83 21.35
N VAL A 668 7.20 -3.13 21.65
CA VAL A 668 6.04 -3.90 21.29
C VAL A 668 5.41 -4.66 22.45
N VAL A 669 4.13 -4.99 22.29
CA VAL A 669 3.43 -5.88 23.20
C VAL A 669 2.74 -6.96 22.36
N GLY A 670 2.72 -8.20 22.84
CA GLY A 670 2.12 -9.27 22.06
C GLY A 670 1.40 -10.36 22.83
N VAL A 671 1.09 -11.42 22.11
CA VAL A 671 0.39 -12.58 22.63
C VAL A 671 1.11 -13.81 22.13
N GLN A 672 1.22 -14.81 23.00
CA GLN A 672 1.68 -16.13 22.61
C GLN A 672 0.63 -17.15 23.04
N LEU A 673 0.08 -17.90 22.09
CA LEU A 673 -0.79 -19.04 22.43
C LEU A 673 -0.61 -20.09 21.36
N ALA A 674 -0.79 -21.36 21.75
CA ALA A 674 -0.55 -22.49 20.85
C ALA A 674 0.78 -22.32 20.15
N ASP A 675 0.80 -22.40 18.82
CA ASP A 675 2.03 -22.20 18.05
C ASP A 675 2.09 -20.78 17.47
N ARG A 676 1.36 -19.85 18.07
CA ARG A 676 1.18 -18.51 17.48
C ARG A 676 1.74 -17.33 18.29
N ILE A 677 2.44 -16.44 17.59
CA ILE A 677 2.95 -15.23 18.19
C ILE A 677 2.52 -14.03 17.36
N VAL A 678 1.92 -13.04 18.04
CA VAL A 678 1.42 -11.83 17.39
C VAL A 678 1.90 -10.64 18.21
N THR A 679 2.51 -9.64 17.57
CA THR A 679 2.92 -8.42 18.26
C THR A 679 2.26 -7.16 17.69
N PHE A 680 2.19 -6.14 18.53
CA PHE A 680 1.64 -4.84 18.20
C PHE A 680 2.59 -3.80 18.75
N SER A 681 2.56 -2.61 18.17
CA SER A 681 3.23 -1.47 18.75
C SER A 681 2.59 -1.17 20.10
N LYS A 682 3.42 -1.08 21.14
CA LYS A 682 3.00 -0.71 22.49
C LYS A 682 2.15 0.57 22.55
N THR A 683 2.36 1.48 21.60
CA THR A 683 1.57 2.70 21.51
C THR A 683 0.59 2.66 20.33
N SER A 684 0.41 1.49 19.74
CA SER A 684 -0.39 1.32 18.51
C SER A 684 -0.01 2.30 17.38
N GLU A 685 1.26 2.71 17.36
CA GLU A 685 1.81 3.58 16.31
C GLU A 685 2.82 2.81 15.46
N THR A 686 3.28 3.41 14.37
CA THR A 686 4.29 2.82 13.49
C THR A 686 5.62 2.57 14.21
N VAL A 687 6.14 1.35 14.08
CA VAL A 687 7.45 1.01 14.61
C VAL A 687 8.49 1.21 13.51
N ASP A 688 9.32 2.24 13.67
CA ASP A 688 10.29 2.64 12.66
C ASP A 688 11.73 2.57 13.19
N ARG A 689 11.89 1.89 14.32
CA ARG A 689 13.19 1.66 14.95
C ARG A 689 13.33 0.17 15.24
N PRO A 690 14.56 -0.30 15.53
CA PRO A 690 14.75 -1.66 16.01
C PRO A 690 13.89 -1.97 17.22
N PHE A 691 13.49 -3.22 17.36
CA PHE A 691 12.71 -3.68 18.50
C PHE A 691 12.97 -5.17 18.75
N GLY A 692 12.46 -5.69 19.85
CA GLY A 692 12.64 -7.09 20.14
C GLY A 692 11.77 -7.58 21.28
N PHE A 693 11.91 -8.87 21.57
CA PHE A 693 11.20 -9.57 22.64
C PHE A 693 11.72 -11.01 22.74
N SER A 694 11.41 -11.68 23.85
CA SER A 694 11.81 -13.05 24.07
C SER A 694 10.65 -14.03 23.86
N VAL A 695 10.98 -15.24 23.40
CA VAL A 695 10.02 -16.32 23.25
C VAL A 695 10.51 -17.55 24.01
N VAL A 696 9.64 -18.07 24.86
CA VAL A 696 9.90 -19.29 25.62
C VAL A 696 8.82 -20.31 25.26
N GLY A 697 9.25 -21.49 24.83
CA GLY A 697 8.33 -22.55 24.50
C GLY A 697 8.86 -23.53 23.47
N LYS A 698 8.33 -24.74 23.50
CA LYS A 698 8.77 -25.82 22.64
C LYS A 698 8.10 -25.70 21.28
N GLY A 699 8.81 -26.14 20.25
CA GLY A 699 8.27 -26.21 18.89
C GLY A 699 8.54 -25.02 18.00
N THR A 700 7.93 -25.05 16.82
CA THR A 700 8.03 -23.95 15.88
C THR A 700 6.80 -23.05 16.05
N PHE A 701 7.04 -21.76 16.16
CA PHE A 701 5.99 -20.77 16.26
C PHE A 701 5.83 -20.02 14.94
N LYS A 702 4.61 -19.58 14.66
CA LYS A 702 4.34 -18.74 13.51
C LYS A 702 4.14 -17.32 14.01
N PHE A 703 5.01 -16.42 13.54
CA PHE A 703 5.06 -15.04 13.99
C PHE A 703 4.30 -14.12 13.05
N VAL A 704 3.51 -13.21 13.61
CA VAL A 704 2.93 -12.11 12.85
C VAL A 704 3.18 -10.82 13.60
N MSE A 705 4.10 -9.99 13.08
CA MSE A 705 4.46 -8.72 13.71
C MSE A 705 3.77 -7.59 12.98
O MSE A 705 3.93 -7.47 11.76
CB MSE A 705 5.96 -8.50 13.66
CG MSE A 705 6.75 -9.77 13.48
SE MSE A 705 7.26 -10.60 15.13
CE MSE A 705 5.61 -11.53 15.68
N THR A 706 3.03 -6.76 13.69
CA THR A 706 2.25 -5.71 13.04
C THR A 706 2.72 -4.31 13.43
N ASP A 707 2.12 -3.29 12.81
CA ASP A 707 2.45 -1.89 13.07
C ASP A 707 3.89 -1.54 12.66
N LEU A 708 4.42 -2.25 11.66
CA LEU A 708 5.80 -2.05 11.24
C LEU A 708 5.90 -1.07 10.08
N LEU A 709 6.96 -0.27 10.09
CA LEU A 709 7.30 0.58 8.94
C LEU A 709 7.64 -0.33 7.76
N PRO A 710 6.92 -0.16 6.63
CA PRO A 710 7.14 -0.93 5.42
C PRO A 710 8.55 -0.76 4.87
N GLY A 711 9.14 -1.87 4.46
CA GLY A 711 10.50 -1.85 3.95
C GLY A 711 11.20 -3.12 4.35
N THR A 712 12.53 -3.08 4.30
CA THR A 712 13.34 -4.27 4.53
C THR A 712 13.80 -4.34 5.98
N TRP A 713 13.30 -5.36 6.68
CA TRP A 713 13.66 -5.67 8.04
C TRP A 713 14.63 -6.83 8.09
N GLN A 714 15.39 -6.92 9.18
CA GLN A 714 16.32 -8.04 9.44
C GLN A 714 15.99 -8.64 10.80
N VAL A 715 15.88 -9.97 10.82
CA VAL A 715 15.52 -10.70 12.04
C VAL A 715 16.78 -11.35 12.60
N LEU A 716 17.00 -11.16 13.89
CA LEU A 716 18.05 -11.88 14.60
C LEU A 716 17.46 -12.67 15.76
N LYS A 717 18.00 -13.86 15.98
CA LYS A 717 17.67 -14.64 17.17
C LYS A 717 18.95 -14.99 17.92
N ASP A 718 18.95 -14.72 19.22
CA ASP A 718 20.11 -14.99 20.10
C ASP A 718 21.39 -14.34 19.55
N GLY A 719 21.25 -13.09 19.12
CA GLY A 719 22.39 -12.31 18.62
C GLY A 719 22.89 -12.67 17.23
N LYS A 720 22.27 -13.69 16.61
CA LYS A 720 22.66 -14.17 15.28
C LYS A 720 21.57 -13.88 14.25
N ILE A 721 21.99 -13.58 13.02
CA ILE A 721 21.06 -13.43 11.90
C ILE A 721 20.25 -14.70 11.68
N LEU A 722 18.93 -14.55 11.72
CA LEU A 722 18.01 -15.61 11.38
C LEU A 722 17.54 -15.42 9.94
N TYR A 723 17.04 -14.22 9.64
CA TYR A 723 16.64 -13.82 8.31
C TYR A 723 17.33 -12.52 7.96
N PRO A 724 18.28 -12.57 7.02
CA PRO A 724 19.02 -11.37 6.62
C PRO A 724 18.14 -10.25 6.06
N ALA A 725 17.00 -10.59 5.47
CA ALA A 725 16.10 -9.61 4.89
C ALA A 725 14.69 -10.14 4.63
N LEU A 726 13.70 -9.48 5.20
CA LEU A 726 12.29 -9.75 4.91
C LEU A 726 11.62 -8.41 4.66
N SER A 727 10.63 -8.38 3.77
CA SER A 727 9.96 -7.12 3.43
C SER A 727 8.59 -6.98 4.09
N ALA A 728 8.43 -5.96 4.93
CA ALA A 728 7.11 -5.57 5.40
C ALA A 728 6.44 -4.72 4.31
N LYS A 729 5.23 -5.13 3.90
CA LYS A 729 4.51 -4.50 2.80
C LYS A 729 3.59 -3.38 3.28
N GLY A 730 3.18 -2.53 2.35
CA GLY A 730 2.36 -1.36 2.66
C GLY A 730 0.96 -1.61 3.23
N ASP A 731 0.25 -2.59 2.68
CA ASP A 731 -1.17 -2.78 3.02
C ASP A 731 -1.41 -3.30 4.43
N ASP A 732 -0.48 -4.15 4.90
CA ASP A 732 -0.57 -4.76 6.22
C ASP A 732 0.47 -4.24 7.22
N GLY A 733 1.59 -3.70 6.73
CA GLY A 733 2.69 -3.26 7.59
C GLY A 733 3.13 -4.35 8.56
N ALA A 734 3.28 -5.57 8.05
CA ALA A 734 3.56 -6.71 8.92
C ALA A 734 4.68 -7.61 8.41
N LEU A 735 5.32 -8.33 9.33
CA LEU A 735 6.21 -9.42 8.95
C LEU A 735 5.61 -10.73 9.39
N TYR A 736 5.75 -11.73 8.54
CA TYR A 736 5.38 -13.09 8.85
C TYR A 736 6.58 -13.98 8.60
N PHE A 737 6.83 -14.91 9.52
CA PHE A 737 7.90 -15.88 9.40
C PHE A 737 7.70 -16.94 10.48
N GLU A 738 8.44 -18.04 10.36
CA GLU A 738 8.44 -19.11 11.34
C GLU A 738 9.76 -19.14 12.09
N GLY A 739 9.69 -19.51 13.37
CA GLY A 739 10.88 -19.60 14.20
C GLY A 739 10.67 -20.39 15.48
N THR A 740 11.78 -20.74 16.14
CA THR A 740 11.72 -21.41 17.43
C THR A 740 12.02 -20.41 18.56
N GLU A 741 11.99 -20.88 19.80
CA GLU A 741 12.20 -20.00 20.94
C GLU A 741 13.60 -19.36 20.94
N GLY A 742 13.70 -18.19 21.55
CA GLY A 742 14.96 -17.44 21.66
C GLY A 742 14.68 -15.98 21.92
N THR A 743 15.73 -15.17 21.93
CA THR A 743 15.61 -13.72 22.09
C THR A 743 15.70 -13.03 20.73
N TYR A 744 14.62 -12.37 20.33
CA TYR A 744 14.49 -11.80 19.00
C TYR A 744 14.78 -10.31 18.97
N ARG A 745 15.53 -9.89 17.96
CA ARG A 745 15.75 -8.48 17.64
C ARG A 745 15.41 -8.25 16.18
N PHE A 746 14.95 -7.04 15.88
CA PHE A 746 14.46 -6.70 14.57
C PHE A 746 15.08 -5.39 14.13
N LEU A 747 15.64 -5.38 12.94
CA LEU A 747 16.31 -4.16 12.50
C LEU A 747 15.69 -3.65 11.19
N ARG A 748 15.57 -2.32 11.09
CA ARG A 748 14.91 -1.65 9.97
C ARG A 748 15.77 -0.50 9.48
N ASP B 6 24.45 10.07 29.55
CA ASP B 6 25.45 10.77 30.44
C ASP B 6 25.81 12.19 29.94
N VAL B 7 25.55 12.47 28.67
CA VAL B 7 25.66 13.82 28.13
C VAL B 7 24.29 14.49 28.17
N VAL B 8 24.31 15.82 28.27
CA VAL B 8 23.08 16.59 28.38
C VAL B 8 22.63 17.08 27.00
N TRP B 9 21.36 16.86 26.70
CA TRP B 9 20.75 17.37 25.46
C TRP B 9 19.99 18.67 25.72
N LYS B 10 20.39 19.72 25.02
CA LYS B 10 19.74 21.03 25.16
C LYS B 10 19.26 21.54 23.79
N ASP B 11 18.03 22.07 23.76
CA ASP B 11 17.48 22.64 22.54
C ASP B 11 18.27 23.87 22.09
N VAL B 12 18.69 23.85 20.83
CA VAL B 12 19.29 25.02 20.20
C VAL B 12 18.53 25.33 18.91
N ASP B 13 17.87 26.49 18.92
CA ASP B 13 17.11 27.02 17.78
C ASP B 13 15.98 26.09 17.27
N GLY B 14 15.45 25.27 18.16
CA GLY B 14 14.42 24.29 17.81
C GLY B 14 14.95 22.87 17.68
N VAL B 15 16.26 22.76 17.42
CA VAL B 15 16.92 21.47 17.26
C VAL B 15 17.72 21.09 18.50
N SER B 16 17.37 19.92 19.05
CA SER B 16 18.02 19.35 20.22
C SER B 16 19.46 18.94 19.92
N MSE B 17 20.38 19.34 20.80
CA MSE B 17 21.80 19.07 20.62
C MSE B 17 22.45 18.52 21.89
O MSE B 17 22.07 18.92 23.00
CB MSE B 17 22.54 20.35 20.25
CG MSE B 17 22.09 21.03 18.99
SE MSE B 17 23.55 22.08 18.21
CE MSE B 17 24.56 22.62 19.86
N PRO B 18 23.43 17.62 21.73
CA PRO B 18 24.14 17.13 22.91
C PRO B 18 25.31 18.03 23.28
N ILE B 19 25.37 18.41 24.56
CA ILE B 19 26.48 19.22 25.07
C ILE B 19 27.63 18.27 25.41
N PRO B 20 28.85 18.57 24.93
CA PRO B 20 30.01 17.77 25.29
C PRO B 20 30.15 17.65 26.82
N PRO B 21 30.46 16.44 27.32
CA PRO B 21 30.59 16.23 28.77
C PRO B 21 31.79 16.98 29.35
N LYS B 22 31.74 17.26 30.65
CA LYS B 22 32.83 17.99 31.32
C LYS B 22 33.90 17.02 31.82
N THR B 23 34.60 16.41 30.87
CA THR B 23 35.65 15.43 31.15
C THR B 23 36.56 15.38 29.93
N HIS B 24 37.77 14.86 30.14
CA HIS B 24 38.66 14.51 29.06
C HIS B 24 39.26 13.16 29.43
N PRO B 25 39.43 12.26 28.45
CA PRO B 25 39.13 12.43 27.03
C PRO B 25 37.64 12.26 26.69
N ARG B 26 37.21 12.93 25.63
CA ARG B 26 35.85 12.81 25.11
C ARG B 26 35.88 12.71 23.58
N LEU B 27 37.09 12.66 23.02
CA LEU B 27 37.28 12.61 21.58
C LEU B 27 37.72 11.23 21.15
N TYR B 28 36.82 10.52 20.45
CA TYR B 28 37.03 9.15 19.92
C TYR B 28 36.90 8.04 20.96
N LEU B 29 36.92 8.44 22.23
CA LEU B 29 36.75 7.56 23.37
C LEU B 29 36.54 8.41 24.62
N ARG B 30 36.12 7.75 25.70
CA ARG B 30 36.04 8.34 27.03
C ARG B 30 36.94 7.51 27.94
N GLU B 31 37.08 7.92 29.20
CA GLU B 31 38.00 7.26 30.13
C GLU B 31 37.69 5.78 30.39
N GLN B 32 36.43 5.41 30.24
CA GLN B 32 35.99 4.03 30.45
C GLN B 32 36.55 3.06 29.40
N GLN B 33 36.88 3.59 28.22
CA GLN B 33 37.47 2.81 27.13
C GLN B 33 38.99 2.65 27.23
N VAL B 34 39.63 3.57 27.96
CA VAL B 34 41.10 3.61 28.07
C VAL B 34 41.75 2.31 28.58
N PRO B 35 41.21 1.69 29.65
CA PRO B 35 41.83 0.43 30.07
C PRO B 35 41.80 -0.67 29.00
N ASP B 36 40.81 -0.65 28.12
CA ASP B 36 40.70 -1.63 27.03
C ASP B 36 41.76 -1.42 25.94
N LEU B 37 42.34 -0.21 25.85
CA LEU B 37 43.40 0.08 24.86
C LEU B 37 44.62 -0.83 25.00
N LYS B 38 44.85 -1.29 26.22
CA LYS B 38 45.96 -2.19 26.53
C LYS B 38 45.66 -3.57 25.98
N ASN B 39 44.40 -3.98 26.08
CA ASN B 39 43.96 -5.26 25.52
C ASN B 39 43.99 -5.25 24.01
N ARG B 40 43.71 -4.08 23.42
CA ARG B 40 43.77 -3.90 21.97
C ARG B 40 45.22 -3.94 21.48
N MSE B 41 46.10 -3.37 22.28
CA MSE B 41 47.54 -3.42 22.06
C MSE B 41 48.07 -4.86 21.98
O MSE B 41 48.96 -5.16 21.18
CB MSE B 41 48.24 -2.65 23.19
CG MSE B 41 49.67 -2.25 22.92
SE MSE B 41 49.81 -1.09 21.38
CE MSE B 41 49.05 0.53 22.11
N ASN B 42 47.50 -5.75 22.80
CA ASN B 42 47.91 -7.16 22.83
C ASN B 42 47.09 -8.06 21.90
N ASP B 43 46.16 -7.45 21.17
CA ASP B 43 45.41 -8.16 20.14
C ASP B 43 46.29 -8.26 18.89
N PRO B 44 46.62 -9.50 18.47
CA PRO B 44 47.51 -9.75 17.33
C PRO B 44 47.00 -9.15 16.01
N LYS B 45 45.69 -9.23 15.77
CA LYS B 45 45.05 -8.60 14.61
C LYS B 45 45.25 -7.09 14.55
N LEU B 46 45.32 -6.45 15.73
CA LEU B 46 45.54 -5.01 15.83
C LEU B 46 47.00 -4.64 16.11
N LYS B 47 47.85 -5.65 16.27
CA LYS B 47 49.29 -5.43 16.42
C LYS B 47 49.88 -4.97 15.09
N LYS B 48 49.39 -5.55 14.00
CA LYS B 48 49.85 -5.21 12.65
C LYS B 48 49.54 -3.75 12.27
N VAL B 49 48.35 -3.26 12.62
CA VAL B 49 47.99 -1.87 12.36
C VAL B 49 48.83 -0.90 13.21
N TRP B 50 49.13 -1.31 14.44
CA TRP B 50 50.00 -0.51 15.32
C TRP B 50 51.44 -0.51 14.79
N ALA B 51 51.88 -1.67 14.32
CA ALA B 51 53.18 -1.81 13.65
C ALA B 51 53.25 -0.99 12.37
N ASP B 52 52.11 -0.82 11.70
CA ASP B 52 52.02 0.04 10.52
C ASP B 52 52.20 1.51 10.90
N MSE B 53 51.64 1.90 12.04
CA MSE B 53 51.77 3.27 12.53
C MSE B 53 53.19 3.58 12.99
O MSE B 53 53.65 4.73 12.90
CB MSE B 53 50.77 3.55 13.65
CG MSE B 53 49.32 3.44 13.20
SE MSE B 53 48.00 4.04 14.52
CE MSE B 53 48.40 6.00 14.46
N ILE B 54 53.90 2.56 13.48
CA ILE B 54 55.31 2.67 13.85
C ILE B 54 56.17 3.00 12.62
N LYS B 55 55.87 2.34 11.51
CA LYS B 55 56.56 2.59 10.24
C LYS B 55 56.21 3.95 9.64
N MSE B 56 55.05 4.47 10.02
CA MSE B 56 54.56 5.76 9.51
C MSE B 56 55.21 6.94 10.21
O MSE B 56 55.10 8.07 9.75
CB MSE B 56 53.04 5.85 9.67
CG MSE B 56 52.24 5.13 8.60
SE MSE B 56 50.36 4.93 9.12
CE MSE B 56 49.93 6.83 9.52
N GLN B 57 55.87 6.67 11.33
CA GLN B 57 56.61 7.70 12.08
C GLN B 57 57.77 8.26 11.26
N GLU B 58 58.42 7.40 10.49
CA GLU B 58 59.53 7.78 9.63
C GLU B 58 59.08 8.81 8.62
N ASP B 59 59.84 9.90 8.49
CA ASP B 59 59.51 11.00 7.59
C ASP B 59 59.43 10.54 6.12
N TRP B 60 58.86 11.38 5.27
CA TRP B 60 58.94 11.18 3.83
C TRP B 60 60.40 11.24 3.38
N LYS B 61 60.76 10.36 2.44
CA LYS B 61 62.08 10.42 1.82
C LYS B 61 62.11 11.59 0.84
N PRO B 62 63.20 12.39 0.86
CA PRO B 62 63.33 13.62 0.07
C PRO B 62 63.11 13.44 -1.43
N ALA B 63 63.44 12.25 -1.94
CA ALA B 63 63.29 11.94 -3.36
C ALA B 63 61.89 11.42 -3.71
N ASP B 64 61.00 11.37 -2.72
CA ASP B 64 59.64 10.88 -2.91
C ASP B 64 58.59 11.98 -2.80
N ILE B 65 58.99 13.12 -2.23
CA ILE B 65 58.09 14.26 -2.04
C ILE B 65 57.72 14.92 -3.37
N PRO B 66 56.43 14.83 -3.77
CA PRO B 66 55.97 15.42 -5.02
C PRO B 66 56.09 16.94 -5.03
N GLU B 67 56.10 17.53 -6.23
CA GLU B 67 56.18 18.98 -6.35
C GLU B 67 54.84 19.63 -6.06
N VAL B 68 53.76 18.91 -6.37
CA VAL B 68 52.42 19.30 -5.96
C VAL B 68 52.04 18.52 -4.70
N LYS B 69 51.93 19.24 -3.58
CA LYS B 69 51.55 18.62 -2.31
C LYS B 69 50.05 18.35 -2.31
N ASP B 70 49.71 17.12 -2.69
CA ASP B 70 48.33 16.69 -2.95
C ASP B 70 47.58 16.28 -1.68
N PHE B 71 46.26 16.12 -1.79
CA PHE B 71 45.49 15.56 -0.67
C PHE B 71 45.94 14.13 -0.38
N ARG B 72 46.38 13.42 -1.43
CA ARG B 72 46.91 12.06 -1.31
C ARG B 72 48.20 12.03 -0.52
N PHE B 73 49.02 13.08 -0.69
CA PHE B 73 50.26 13.27 0.04
C PHE B 73 50.00 13.28 1.55
N TYR B 74 48.97 14.02 1.97
CA TYR B 74 48.62 14.12 3.37
C TYR B 74 47.93 12.86 3.92
N PHE B 75 47.10 12.21 3.10
CA PHE B 75 46.39 11.01 3.51
C PHE B 75 47.31 9.80 3.63
N ASN B 76 48.36 9.78 2.82
CA ASN B 76 49.50 8.88 3.02
C ASN B 76 50.37 9.46 4.13
N GLN B 77 49.80 9.52 5.33
CA GLN B 77 50.37 10.25 6.46
C GLN B 77 51.70 9.67 6.95
N LYS B 78 52.69 10.55 7.00
CA LYS B 78 54.04 10.20 7.42
C LYS B 78 54.60 11.28 8.34
N GLY B 79 55.57 10.89 9.18
CA GLY B 79 56.39 11.87 9.89
C GLY B 79 55.84 12.43 11.19
N LEU B 80 56.00 13.73 11.37
CA LEU B 80 55.80 14.41 12.65
C LEU B 80 54.43 14.15 13.28
N THR B 81 53.37 14.38 12.51
CA THR B 81 51.99 14.26 13.00
C THR B 81 51.64 12.84 13.46
N VAL B 82 52.18 11.84 12.77
CA VAL B 82 52.07 10.44 13.22
C VAL B 82 52.81 10.23 14.54
N ARG B 83 53.97 10.86 14.67
CA ARG B 83 54.76 10.74 15.90
C ARG B 83 54.05 11.36 17.11
N VAL B 84 53.37 12.49 16.92
CA VAL B 84 52.69 13.15 18.04
C VAL B 84 51.38 12.47 18.42
N GLU B 85 50.73 11.80 17.46
CA GLU B 85 49.52 11.03 17.74
C GLU B 85 49.84 9.78 18.55
N LEU B 86 50.90 9.07 18.18
CA LEU B 86 51.33 7.88 18.90
C LEU B 86 51.87 8.21 20.29
N MSE B 87 52.48 9.39 20.40
CA MSE B 87 52.92 9.92 21.69
C MSE B 87 51.70 10.27 22.55
O MSE B 87 51.69 9.99 23.74
CB MSE B 87 53.79 11.16 21.50
CG MSE B 87 54.59 11.55 22.72
SE MSE B 87 56.30 10.61 22.79
CE MSE B 87 56.78 10.98 24.59
N ALA B 88 50.69 10.87 21.91
CA ALA B 88 49.43 11.21 22.59
C ALA B 88 48.69 9.95 23.01
N LEU B 89 48.73 8.92 22.17
CA LEU B 89 48.16 7.60 22.47
C LEU B 89 48.88 7.01 23.68
N ASN B 90 50.19 7.20 23.73
CA ASN B 90 51.00 6.73 24.85
C ASN B 90 50.65 7.42 26.15
N TYR B 91 50.49 8.74 26.11
CA TYR B 91 50.06 9.47 27.30
C TYR B 91 48.68 8.99 27.76
N LEU B 92 47.80 8.76 26.80
CA LEU B 92 46.44 8.32 27.09
C LEU B 92 46.47 7.05 27.91
N MSE B 93 47.40 6.17 27.56
CA MSE B 93 47.47 4.84 28.16
C MSE B 93 48.30 4.80 29.43
O MSE B 93 47.98 4.06 30.35
CB MSE B 93 48.01 3.83 27.17
CG MSE B 93 47.10 3.60 25.99
SE MSE B 93 47.94 2.57 24.58
CE MSE B 93 48.17 0.86 25.58
N THR B 94 49.37 5.60 29.49
CA THR B 94 50.32 5.53 30.59
C THR B 94 50.12 6.63 31.63
N LYS B 95 49.65 7.79 31.17
CA LYS B 95 49.48 8.99 31.99
C LYS B 95 50.79 9.59 32.55
N ASP B 96 51.92 9.20 31.98
CA ASP B 96 53.23 9.77 32.37
C ASP B 96 53.33 11.21 31.84
N PRO B 97 53.35 12.20 32.75
CA PRO B 97 53.28 13.62 32.43
C PRO B 97 54.23 14.10 31.34
N LYS B 98 55.49 13.63 31.36
CA LYS B 98 56.47 14.07 30.36
C LYS B 98 56.12 13.64 28.92
N VAL B 99 55.41 12.53 28.79
CA VAL B 99 54.91 12.10 27.49
C VAL B 99 53.84 13.09 27.00
N GLY B 100 52.85 13.36 27.85
CA GLY B 100 51.84 14.39 27.57
C GLY B 100 52.45 15.73 27.23
N ARG B 101 53.59 16.03 27.86
CA ARG B 101 54.31 17.26 27.58
C ARG B 101 55.01 17.26 26.22
N GLU B 102 55.67 16.14 25.87
CA GLU B 102 56.38 16.07 24.58
C GLU B 102 55.41 16.22 23.41
N ALA B 103 54.28 15.51 23.46
CA ALA B 103 53.24 15.61 22.44
C ALA B 103 52.78 17.06 22.28
N ILE B 104 52.46 17.72 23.39
CA ILE B 104 52.02 19.11 23.35
C ILE B 104 53.09 20.02 22.73
N THR B 105 54.32 19.89 23.21
CA THR B 105 55.43 20.75 22.79
C THR B 105 55.82 20.52 21.33
N SER B 106 55.74 19.27 20.88
CA SER B 106 56.12 18.91 19.51
C SER B 106 55.23 19.59 18.48
N ILE B 107 53.95 19.70 18.79
CA ILE B 107 52.96 20.14 17.81
C ILE B 107 52.64 21.64 17.88
N ILE B 108 52.57 22.19 19.08
CA ILE B 108 52.10 23.57 19.29
C ILE B 108 52.68 24.61 18.32
N ASP B 109 53.99 24.51 18.03
CA ASP B 109 54.65 25.46 17.13
C ASP B 109 54.27 25.24 15.68
N THR B 110 54.46 24.01 15.20
CA THR B 110 54.12 23.67 13.82
C THR B 110 52.63 23.88 13.54
N LEU B 111 51.79 23.73 14.56
CA LEU B 111 50.34 23.93 14.41
C LEU B 111 49.95 25.38 14.16
N GLU B 112 50.61 26.31 14.86
CA GLU B 112 50.23 27.72 14.79
C GLU B 112 50.86 28.46 13.59
N THR B 113 51.83 27.82 12.94
CA THR B 113 52.57 28.44 11.83
C THR B 113 52.50 27.68 10.51
N ALA B 114 51.73 26.59 10.47
CA ALA B 114 51.64 25.74 9.28
C ALA B 114 50.96 26.41 8.09
N THR B 115 51.55 26.21 6.91
CA THR B 115 51.06 26.81 5.67
C THR B 115 50.76 25.71 4.66
N PHE B 116 49.74 25.94 3.85
CA PHE B 116 49.31 24.98 2.84
C PHE B 116 49.15 25.69 1.51
N LYS B 117 49.88 25.21 0.51
CA LYS B 117 49.84 25.78 -0.83
C LYS B 117 48.66 25.17 -1.58
N PRO B 118 47.83 26.01 -2.24
CA PRO B 118 46.63 25.56 -2.97
C PRO B 118 46.89 24.35 -3.88
N ALA B 119 46.10 23.30 -3.67
CA ALA B 119 46.22 22.06 -4.42
C ALA B 119 44.86 21.36 -4.43
N GLY B 120 44.82 20.19 -5.09
CA GLY B 120 43.61 19.37 -5.18
C GLY B 120 43.05 18.97 -3.82
N ASP B 121 41.89 19.54 -3.48
CA ASP B 121 41.18 19.24 -2.23
C ASP B 121 42.07 19.44 -0.99
N ILE B 122 42.66 20.63 -0.90
CA ILE B 122 43.66 20.94 0.12
C ILE B 122 43.07 21.12 1.53
N SER B 123 41.75 21.23 1.61
CA SER B 123 41.06 21.27 2.88
C SER B 123 41.24 19.98 3.67
N ARG B 124 41.49 18.89 2.96
CA ARG B 124 41.64 17.56 3.57
C ARG B 124 42.98 17.42 4.30
N GLY B 125 44.02 18.07 3.75
CA GLY B 125 45.33 18.14 4.39
C GLY B 125 45.29 19.04 5.61
N ILE B 126 44.56 20.16 5.49
CA ILE B 126 44.36 21.09 6.59
C ILE B 126 43.56 20.44 7.71
N GLY B 127 42.41 19.90 7.35
CA GLY B 127 41.53 19.24 8.32
C GLY B 127 42.18 18.12 9.08
N LEU B 128 43.00 17.33 8.39
CA LEU B 128 43.74 16.22 9.01
C LEU B 128 44.78 16.75 10.00
N PHE B 129 45.38 17.88 9.64
CA PHE B 129 46.37 18.54 10.50
C PHE B 129 45.69 19.14 11.74
N MSE B 130 44.46 19.60 11.58
CA MSE B 130 43.66 20.06 12.71
C MSE B 130 43.31 18.91 13.64
O MSE B 130 43.33 19.07 14.85
CB MSE B 130 42.39 20.74 12.24
CG MSE B 130 42.58 21.96 11.38
SE MSE B 130 40.86 22.62 10.75
CE MSE B 130 40.21 23.35 12.48
N VAL B 131 42.99 17.76 13.05
CA VAL B 131 42.61 16.55 13.81
C VAL B 131 43.77 16.05 14.68
N THR B 132 44.99 16.11 14.15
CA THR B 132 46.19 15.78 14.90
C THR B 132 46.27 16.66 16.14
N GLY B 133 45.96 17.94 15.96
CA GLY B 133 45.93 18.91 17.05
C GLY B 133 44.86 18.59 18.07
N ALA B 134 43.65 18.29 17.59
CA ALA B 134 42.53 17.95 18.45
C ALA B 134 42.84 16.73 19.32
N ILE B 135 43.48 15.71 18.72
CA ILE B 135 43.91 14.51 19.44
C ILE B 135 44.82 14.87 20.62
N VAL B 136 45.86 15.65 20.35
CA VAL B 136 46.77 16.13 21.39
C VAL B 136 46.05 16.95 22.46
N TYR B 137 45.23 17.91 22.03
CA TYR B 137 44.54 18.82 22.95
C TYR B 137 43.64 18.09 23.92
N ASP B 138 42.84 17.15 23.42
CA ASP B 138 41.87 16.43 24.25
C ASP B 138 42.51 15.35 25.09
N TRP B 139 43.34 14.51 24.47
CA TRP B 139 43.96 13.38 25.13
C TRP B 139 44.99 13.81 26.16
N CYS B 140 45.72 14.89 25.85
CA CYS B 140 46.72 15.43 26.78
C CYS B 140 46.21 16.67 27.52
N TYR B 141 44.91 16.74 27.76
CA TYR B 141 44.30 17.96 28.30
C TYR B 141 44.80 18.40 29.67
N ASP B 142 44.97 17.46 30.60
CA ASP B 142 45.38 17.79 31.98
C ASP B 142 46.84 18.19 32.09
N GLN B 143 47.56 18.15 30.98
CA GLN B 143 48.96 18.56 30.90
C GLN B 143 49.11 19.89 30.17
N LEU B 144 47.97 20.45 29.73
CA LEU B 144 47.97 21.74 29.04
C LEU B 144 48.19 22.88 30.03
N LYS B 145 48.82 23.94 29.55
CA LYS B 145 48.99 25.17 30.32
C LYS B 145 48.02 26.23 29.81
N PRO B 146 47.60 27.19 30.69
CA PRO B 146 46.62 28.23 30.32
C PRO B 146 46.97 29.00 29.05
N GLU B 147 48.25 29.26 28.86
CA GLU B 147 48.76 29.98 27.70
C GLU B 147 48.65 29.10 26.46
N GLU B 148 48.97 27.82 26.64
CA GLU B 148 48.96 26.83 25.56
C GLU B 148 47.54 26.54 25.07
N LYS B 149 46.59 26.49 26.00
CA LYS B 149 45.18 26.34 25.67
C LYS B 149 44.72 27.45 24.72
N THR B 150 45.20 28.67 24.98
CA THR B 150 44.86 29.83 24.16
C THR B 150 45.59 29.81 22.82
N ARG B 151 46.83 29.30 22.82
CA ARG B 151 47.61 29.16 21.59
C ARG B 151 46.99 28.15 20.62
N PHE B 152 46.63 26.97 21.14
CA PHE B 152 45.96 25.92 20.36
C PHE B 152 44.67 26.42 19.71
N VAL B 153 43.78 26.96 20.54
CA VAL B 153 42.51 27.56 20.10
C VAL B 153 42.70 28.53 18.93
N LYS B 154 43.66 29.45 19.06
CA LYS B 154 43.95 30.43 18.02
C LYS B 154 44.41 29.77 16.73
N ALA B 155 45.33 28.82 16.85
CA ALA B 155 45.83 28.03 15.73
C ALA B 155 44.71 27.29 14.99
N PHE B 156 43.78 26.74 15.77
CA PHE B 156 42.61 26.05 15.22
C PHE B 156 41.71 26.96 14.37
N VAL B 157 41.46 28.18 14.88
CA VAL B 157 40.65 29.18 14.17
C VAL B 157 41.34 29.66 12.89
N ARG B 158 42.67 29.80 12.97
CA ARG B 158 43.47 30.17 11.81
C ARG B 158 43.41 29.08 10.73
N LEU B 159 43.48 27.82 11.15
CA LEU B 159 43.38 26.70 10.23
C LEU B 159 41.95 26.49 9.74
N ALA B 160 40.97 26.73 10.61
CA ALA B 160 39.55 26.54 10.31
C ALA B 160 39.04 27.49 9.22
N LYS B 161 39.67 28.65 9.11
CA LYS B 161 39.31 29.66 8.11
C LYS B 161 39.72 29.23 6.71
N MSE B 162 40.71 28.35 6.63
CA MSE B 162 41.28 27.90 5.36
C MSE B 162 40.43 26.86 4.63
O MSE B 162 40.62 26.63 3.44
CB MSE B 162 42.71 27.38 5.57
CG MSE B 162 43.64 28.34 6.27
SE MSE B 162 45.42 27.59 6.57
CE MSE B 162 46.20 29.06 7.63
N LEU B 163 39.51 26.23 5.36
CA LEU B 163 38.64 25.21 4.77
C LEU B 163 37.67 25.78 3.73
N GLU B 164 37.32 24.96 2.74
CA GLU B 164 36.41 25.36 1.67
C GLU B 164 35.03 25.76 2.16
N CYS B 165 34.59 25.15 3.27
CA CYS B 165 33.32 25.48 3.90
C CYS B 165 33.44 26.78 4.70
N GLY B 166 34.68 27.17 5.00
CA GLY B 166 34.96 28.41 5.73
C GLY B 166 34.77 28.30 7.23
N TYR B 167 35.16 29.35 7.95
CA TYR B 167 34.82 29.50 9.36
C TYR B 167 34.43 30.94 9.67
N PRO B 168 33.20 31.16 10.18
CA PRO B 168 32.12 30.18 10.39
C PRO B 168 31.77 29.38 9.13
N PRO B 169 31.48 28.07 9.30
CA PRO B 169 31.20 27.18 8.17
C PRO B 169 29.83 27.43 7.53
N VAL B 170 29.70 28.57 6.86
CA VAL B 170 28.45 28.99 6.24
C VAL B 170 28.41 28.66 4.75
N LYS B 171 29.54 28.20 4.21
CA LYS B 171 29.69 27.98 2.77
C LYS B 171 29.42 26.53 2.35
N ASP B 172 29.17 26.34 1.06
CA ASP B 172 28.94 25.02 0.44
C ASP B 172 27.58 24.39 0.80
N LYS B 173 27.45 23.09 0.56
CA LYS B 173 26.19 22.35 0.71
C LYS B 173 26.26 21.34 1.85
N SER B 174 25.09 20.95 2.36
CA SER B 174 24.99 20.07 3.53
C SER B 174 24.59 18.62 3.21
N ILE B 175 24.03 18.40 2.02
CA ILE B 175 23.64 17.06 1.59
C ILE B 175 24.67 16.50 0.63
N VAL B 176 25.28 17.39 -0.16
CA VAL B 176 26.34 17.02 -1.11
C VAL B 176 27.58 17.93 -1.00
N GLY B 177 28.54 17.71 -1.89
CA GLY B 177 29.71 18.59 -2.01
C GLY B 177 30.85 18.28 -1.06
N HIS B 178 31.78 19.24 -0.96
CA HIS B 178 32.96 19.13 -0.09
C HIS B 178 32.62 19.21 1.39
N ALA B 179 31.55 19.94 1.72
CA ALA B 179 31.13 20.11 3.11
C ALA B 179 30.37 18.88 3.63
N SER B 180 30.19 17.89 2.76
CA SER B 180 29.61 16.61 3.12
C SER B 180 30.70 15.55 3.18
N GLU B 181 31.93 16.01 3.37
CA GLU B 181 33.09 15.13 3.47
C GLU B 181 33.78 15.29 4.81
N TRP B 182 35.12 15.37 4.79
CA TRP B 182 35.91 15.33 6.03
C TRP B 182 35.81 16.59 6.90
N MSE B 183 35.65 17.74 6.26
CA MSE B 183 35.87 19.04 6.90
C MSE B 183 34.97 19.40 8.07
O MSE B 183 35.43 19.99 9.04
CB MSE B 183 35.90 20.16 5.85
CG MSE B 183 34.63 20.30 5.03
SE MSE B 183 34.86 21.52 3.53
CE MSE B 183 36.19 20.50 2.50
N ILE B 184 33.67 19.08 7.98
CA ILE B 184 32.74 19.33 9.07
C ILE B 184 32.57 18.09 9.94
N MSE B 185 32.28 16.96 9.31
CA MSE B 185 31.84 15.75 10.02
C MSE B 185 32.92 14.96 10.73
O MSE B 185 32.63 14.17 11.63
CB MSE B 185 31.00 14.84 9.11
CG MSE B 185 29.58 15.35 8.85
SE MSE B 185 28.42 14.09 7.86
CE MSE B 185 29.40 13.99 6.15
N ARG B 186 34.18 15.16 10.34
CA ARG B 186 35.30 14.67 11.13
C ARG B 186 36.12 15.82 11.73
N ASP B 187 36.65 16.67 10.86
CA ASP B 187 37.68 17.65 11.23
C ASP B 187 37.20 18.78 12.16
N LEU B 188 36.23 19.56 11.73
CA LEU B 188 35.66 20.62 12.57
C LEU B 188 34.92 20.06 13.79
N LEU B 189 34.32 18.89 13.64
CA LEU B 189 33.61 18.24 14.75
C LEU B 189 34.57 17.80 15.84
N SER B 190 35.71 17.25 15.44
CA SER B 190 36.74 16.82 16.39
C SER B 190 37.31 17.98 17.19
N VAL B 191 37.74 19.03 16.49
CA VAL B 191 38.32 20.19 17.13
C VAL B 191 37.33 20.84 18.10
N GLY B 192 36.12 21.10 17.62
CA GLY B 192 35.07 21.68 18.46
C GLY B 192 34.88 20.94 19.78
N ILE B 193 34.83 19.60 19.71
CA ILE B 193 34.71 18.75 20.90
C ILE B 193 35.94 18.88 21.81
N ALA B 194 37.12 18.85 21.20
CA ALA B 194 38.36 18.94 21.95
C ALA B 194 38.47 20.23 22.77
N ILE B 195 38.03 21.35 22.19
CA ILE B 195 38.24 22.68 22.80
C ILE B 195 36.99 23.35 23.35
N TYR B 196 35.91 22.60 23.49
CA TYR B 196 34.60 23.14 23.90
C TYR B 196 34.60 24.02 25.15
N ASP B 197 35.34 23.65 26.18
CA ASP B 197 35.32 24.37 27.46
C ASP B 197 36.04 25.72 27.41
N GLU B 198 37.04 25.82 26.54
CA GLU B 198 37.82 27.03 26.38
C GLU B 198 37.22 27.92 25.31
N PHE B 199 36.64 27.28 24.28
CA PHE B 199 36.12 27.98 23.11
C PHE B 199 34.93 27.19 22.54
N PRO B 200 33.74 27.36 23.16
CA PRO B 200 32.53 26.60 22.81
C PRO B 200 32.00 26.91 21.42
N GLU B 201 32.39 28.05 20.86
CA GLU B 201 31.82 28.56 19.61
C GLU B 201 31.94 27.58 18.44
N MSE B 202 33.10 26.93 18.32
CA MSE B 202 33.36 26.07 17.17
C MSE B 202 32.44 24.86 17.09
O MSE B 202 31.87 24.58 16.04
CB MSE B 202 34.82 25.63 17.12
CG MSE B 202 35.17 24.88 15.86
SE MSE B 202 37.07 24.69 15.60
CE MSE B 202 37.52 26.57 15.14
N TYR B 203 32.31 24.13 18.21
CA TYR B 203 31.39 23.00 18.27
C TYR B 203 29.98 23.48 17.95
N ASN B 204 29.57 24.56 18.62
CA ASN B 204 28.25 25.15 18.44
C ASN B 204 27.89 25.44 16.98
N LEU B 205 28.87 25.85 16.19
CA LEU B 205 28.66 26.17 14.78
C LEU B 205 28.79 24.96 13.86
N ALA B 206 29.73 24.07 14.20
CA ALA B 206 30.02 22.90 13.36
C ALA B 206 29.03 21.77 13.60
N ALA B 207 28.84 21.39 14.87
CA ALA B 207 27.82 20.42 15.25
C ALA B 207 26.43 21.02 15.06
N GLY B 208 26.33 22.34 15.19
CA GLY B 208 25.09 23.07 14.97
C GLY B 208 24.58 22.87 13.55
N ARG B 209 25.48 23.04 12.59
CA ARG B 209 25.14 22.84 11.18
C ARG B 209 24.88 21.37 10.87
N PHE B 210 25.66 20.49 11.49
CA PHE B 210 25.49 19.05 11.31
C PHE B 210 24.08 18.60 11.73
N PHE B 211 23.69 18.95 12.95
CA PHE B 211 22.40 18.59 13.50
C PHE B 211 21.23 19.25 12.81
N LYS B 212 21.40 20.53 12.43
CA LYS B 212 20.34 21.29 11.78
C LYS B 212 20.07 20.85 10.35
N GLU B 213 21.13 20.48 9.65
CA GLU B 213 21.08 20.28 8.20
C GLU B 213 21.54 18.90 7.74
N HIS B 214 22.81 18.58 7.97
CA HIS B 214 23.38 17.30 7.56
C HIS B 214 22.57 16.13 8.06
N LEU B 215 22.31 16.12 9.37
CA LEU B 215 21.62 15.01 10.01
C LEU B 215 20.18 14.83 9.51
N VAL B 216 19.46 15.94 9.44
CA VAL B 216 18.05 15.94 9.00
C VAL B 216 17.92 15.37 7.59
N ALA B 217 18.86 15.74 6.72
CA ALA B 217 18.84 15.28 5.34
C ALA B 217 19.11 13.78 5.24
N ARG B 218 20.12 13.32 5.96
CA ARG B 218 20.50 11.91 5.93
C ARG B 218 19.45 11.00 6.58
N ASN B 219 18.85 11.45 7.67
CA ASN B 219 17.79 10.69 8.34
C ASN B 219 16.51 10.56 7.52
N TRP B 220 16.36 11.43 6.53
CA TRP B 220 15.24 11.39 5.59
C TRP B 220 15.38 10.29 4.53
N PHE B 221 16.58 10.07 4.01
CA PHE B 221 16.78 9.02 2.99
C PHE B 221 17.30 7.67 3.52
N TYR B 222 17.92 7.66 4.70
CA TYR B 222 18.42 6.43 5.35
C TYR B 222 17.44 5.23 5.45
N PRO B 223 16.13 5.49 5.73
CA PRO B 223 15.16 4.38 5.79
C PRO B 223 15.08 3.52 4.52
N SER B 224 15.46 4.07 3.38
CA SER B 224 15.42 3.32 2.13
C SER B 224 16.73 2.60 1.79
N HIS B 225 17.69 2.72 2.70
CA HIS B 225 18.92 1.89 2.70
C HIS B 225 19.76 2.07 1.44
N ASN B 226 20.04 3.31 1.09
CA ASN B 226 20.86 3.59 -0.08
C ASN B 226 21.50 4.98 -0.04
N TYR B 227 22.43 5.19 -0.97
CA TYR B 227 23.07 6.49 -1.12
C TYR B 227 22.91 6.97 -2.56
N HIS B 228 23.11 8.27 -2.75
CA HIS B 228 22.70 8.98 -3.96
C HIS B 228 23.85 9.56 -4.81
N GLN B 229 25.10 9.35 -4.40
CA GLN B 229 26.23 10.02 -5.04
C GLN B 229 27.04 9.16 -5.99
N GLY B 230 26.49 8.01 -6.38
CA GLY B 230 27.16 7.10 -7.29
C GLY B 230 28.02 6.09 -6.55
N MSE B 231 28.53 5.11 -7.28
CA MSE B 231 29.25 3.98 -6.68
C MSE B 231 30.72 4.24 -6.37
O MSE B 231 31.41 3.34 -5.88
CB MSE B 231 29.08 2.72 -7.54
CG MSE B 231 27.63 2.31 -7.79
SE MSE B 231 26.52 2.32 -6.16
CE MSE B 231 27.56 1.00 -5.07
N SER B 232 31.20 5.45 -6.63
CA SER B 232 32.57 5.81 -6.29
C SER B 232 32.63 6.73 -5.08
N TYR B 233 31.89 7.83 -5.15
CA TYR B 233 31.87 8.82 -4.07
C TYR B 233 31.13 8.33 -2.83
N LEU B 234 30.44 7.20 -2.97
CA LEU B 234 29.86 6.49 -1.85
C LEU B 234 30.89 6.33 -0.72
N ASN B 235 32.15 6.12 -1.10
CA ASN B 235 33.26 5.99 -0.15
C ASN B 235 33.47 7.22 0.74
N VAL B 236 33.87 8.33 0.15
CA VAL B 236 34.18 9.55 0.91
C VAL B 236 32.95 10.17 1.60
N ARG B 237 31.76 10.00 0.99
CA ARG B 237 30.53 10.57 1.54
C ARG B 237 30.03 9.78 2.74
N PHE B 238 29.93 8.46 2.60
CA PHE B 238 29.40 7.62 3.65
C PHE B 238 30.38 7.43 4.78
N THR B 239 31.68 7.30 4.47
CA THR B 239 32.73 7.23 5.48
C THR B 239 32.59 8.39 6.46
N ASN B 240 32.39 9.59 5.93
CA ASN B 240 32.23 10.77 6.77
C ASN B 240 30.92 10.89 7.53
N ASP B 241 29.86 10.26 7.01
CA ASP B 241 28.64 10.07 7.77
C ASP B 241 28.97 9.19 8.99
N LEU B 242 29.80 8.19 8.77
CA LEU B 242 30.14 7.19 9.78
C LEU B 242 31.17 7.67 10.81
N PHE B 243 31.97 8.67 10.43
CA PHE B 243 32.83 9.36 11.38
C PHE B 243 32.00 10.14 12.39
N ALA B 244 31.01 10.90 11.90
CA ALA B 244 30.10 11.64 12.77
C ALA B 244 29.35 10.69 13.70
N LEU B 245 28.98 9.51 13.20
CA LEU B 245 28.41 8.45 14.04
C LEU B 245 29.34 8.08 15.20
N TRP B 246 30.53 7.61 14.87
CA TRP B 246 31.48 7.15 15.88
C TRP B 246 31.91 8.29 16.81
N ILE B 247 32.13 9.47 16.26
CA ILE B 247 32.61 10.61 17.06
C ILE B 247 31.58 11.04 18.11
N LEU B 248 30.34 11.28 17.67
CA LEU B 248 29.29 11.71 18.59
C LEU B 248 28.92 10.63 19.59
N ASP B 249 29.00 9.37 19.16
CA ASP B 249 28.73 8.23 20.04
C ASP B 249 29.81 8.10 21.11
N ARG B 250 31.06 8.17 20.69
CA ARG B 250 32.19 8.04 21.63
C ARG B 250 32.30 9.25 22.56
N MSE B 251 31.65 10.35 22.18
CA MSE B 251 31.52 11.50 23.05
C MSE B 251 30.51 11.19 24.16
O MSE B 251 30.58 11.77 25.25
CB MSE B 251 31.08 12.71 22.27
CG MSE B 251 31.27 14.01 23.01
SE MSE B 251 30.42 15.49 22.09
CE MSE B 251 28.56 15.20 22.61
N GLY B 252 29.58 10.30 23.85
CA GLY B 252 28.55 9.87 24.79
C GLY B 252 27.14 10.25 24.36
N ALA B 253 26.98 10.64 23.10
CA ALA B 253 25.70 11.12 22.59
C ALA B 253 24.84 10.01 21.99
N GLY B 254 25.30 8.76 22.10
CA GLY B 254 24.61 7.62 21.49
C GLY B 254 24.67 7.65 19.97
N ASN B 255 23.77 6.91 19.33
CA ASN B 255 23.59 6.93 17.87
C ASN B 255 22.62 8.02 17.48
N VAL B 256 23.14 9.10 16.89
CA VAL B 256 22.31 10.22 16.44
C VAL B 256 21.54 9.90 15.15
N PHE B 257 22.06 8.96 14.35
CA PHE B 257 21.48 8.67 13.05
C PHE B 257 20.33 7.70 13.15
N ASN B 258 19.43 7.75 12.18
CA ASN B 258 18.44 6.70 11.94
C ASN B 258 19.19 5.39 11.76
N PRO B 259 18.84 4.35 12.54
CA PRO B 259 19.60 3.10 12.52
C PRO B 259 19.58 2.35 11.18
N GLY B 260 18.64 2.71 10.29
CA GLY B 260 18.66 2.26 8.90
C GLY B 260 20.00 2.48 8.20
N GLN B 261 20.82 3.37 8.75
CA GLN B 261 22.21 3.56 8.33
C GLN B 261 22.99 2.26 8.19
N GLN B 262 22.63 1.26 9.01
CA GLN B 262 23.33 -0.03 9.01
C GLN B 262 23.29 -0.74 7.66
N PHE B 263 22.21 -0.56 6.92
CA PHE B 263 21.95 -1.37 5.73
C PHE B 263 22.27 -0.65 4.43
N ILE B 264 22.76 0.58 4.54
CA ILE B 264 23.07 1.40 3.37
C ILE B 264 24.05 0.70 2.42
N LEU B 265 25.09 0.09 2.99
CA LEU B 265 26.18 -0.50 2.21
C LEU B 265 25.83 -1.90 1.66
N TYR B 266 24.63 -2.38 1.98
CA TYR B 266 24.10 -3.63 1.41
C TYR B 266 23.87 -3.51 -0.09
N ASP B 267 23.59 -2.28 -0.54
CA ASP B 267 23.40 -1.97 -1.95
C ASP B 267 24.68 -2.29 -2.76
N ALA B 268 25.84 -1.93 -2.21
CA ALA B 268 27.11 -2.21 -2.86
C ALA B 268 27.42 -3.70 -2.94
N ILE B 269 27.01 -4.44 -1.91
CA ILE B 269 27.14 -5.89 -1.88
C ILE B 269 26.33 -6.50 -3.03
N TYR B 270 25.14 -5.97 -3.26
CA TYR B 270 24.29 -6.40 -4.38
C TYR B 270 24.89 -6.01 -5.74
N LYS B 271 25.53 -4.85 -5.80
CA LYS B 271 26.13 -4.32 -7.02
C LYS B 271 27.47 -4.95 -7.42
N ARG B 272 27.97 -5.89 -6.62
CA ARG B 272 29.28 -6.51 -6.87
C ARG B 272 29.23 -7.59 -7.95
N ARG B 273 29.99 -7.40 -9.02
CA ARG B 273 30.08 -8.39 -10.10
C ARG B 273 31.27 -9.34 -9.90
N PRO B 274 31.21 -10.55 -10.50
CA PRO B 274 32.23 -11.61 -10.40
C PRO B 274 33.69 -11.22 -10.67
N ASP B 275 33.92 -10.10 -11.35
CA ASP B 275 35.29 -9.64 -11.63
C ASP B 275 35.85 -8.68 -10.57
N GLY B 276 35.18 -8.63 -9.41
CA GLY B 276 35.60 -7.78 -8.31
C GLY B 276 35.30 -6.31 -8.50
N GLN B 277 34.62 -5.97 -9.60
CA GLN B 277 34.18 -4.60 -9.86
C GLN B 277 32.74 -4.36 -9.40
N ILE B 278 32.33 -3.09 -9.43
CA ILE B 278 31.01 -2.71 -8.96
C ILE B 278 30.19 -2.12 -10.10
N LEU B 279 28.90 -2.48 -10.14
CA LEU B 279 27.98 -1.93 -11.13
C LEU B 279 28.08 -0.41 -11.16
N ALA B 280 27.98 0.14 -12.36
CA ALA B 280 28.09 1.58 -12.58
C ALA B 280 26.88 2.34 -12.04
N GLY B 281 27.08 3.63 -11.76
CA GLY B 281 26.02 4.52 -11.30
C GLY B 281 26.66 5.80 -10.79
N GLY B 282 26.16 6.94 -11.24
CA GLY B 282 26.74 8.24 -10.89
C GLY B 282 28.16 8.43 -11.38
N ASP B 283 28.86 9.43 -10.85
CA ASP B 283 30.21 9.77 -11.32
C ASP B 283 31.25 8.69 -11.04
N VAL B 284 31.48 7.82 -12.01
CA VAL B 284 32.41 6.70 -11.86
C VAL B 284 33.47 6.61 -12.98
N ASP B 285 34.62 6.07 -12.63
CA ASP B 285 35.62 5.61 -13.58
C ASP B 285 35.62 4.09 -13.57
N TYR B 286 36.36 3.50 -14.50
CA TYR B 286 36.40 2.03 -14.62
C TYR B 286 37.83 1.52 -14.63
N SER B 287 37.98 0.29 -14.16
CA SER B 287 39.28 -0.39 -14.09
C SER B 287 39.03 -1.89 -14.04
N ARG B 288 39.99 -2.67 -14.52
CA ARG B 288 39.92 -4.13 -14.42
C ARG B 288 41.17 -4.72 -13.76
N LYS B 289 42.07 -3.85 -13.28
CA LYS B 289 43.31 -4.28 -12.63
C LYS B 289 43.03 -4.87 -11.24
N LYS B 290 42.51 -4.05 -10.34
CA LYS B 290 42.23 -4.45 -8.97
C LYS B 290 40.75 -4.27 -8.61
N PRO B 291 40.22 -5.19 -7.78
CA PRO B 291 38.84 -5.08 -7.27
C PRO B 291 38.58 -3.76 -6.53
N LYS B 292 37.33 -3.29 -6.58
CA LYS B 292 36.92 -2.08 -5.86
C LYS B 292 36.41 -2.42 -4.47
N TYR B 293 36.91 -1.70 -3.47
CA TYR B 293 36.54 -1.97 -2.08
C TYR B 293 35.94 -0.75 -1.40
N TYR B 294 35.10 -1.00 -0.41
CA TYR B 294 34.56 0.07 0.42
C TYR B 294 35.06 -0.15 1.85
N THR B 295 36.38 -0.24 1.95
CA THR B 295 37.09 -0.66 3.15
C THR B 295 36.65 0.11 4.40
N MSE B 296 36.79 1.43 4.35
CA MSE B 296 36.52 2.28 5.50
C MSE B 296 35.05 2.30 5.93
O MSE B 296 34.76 2.11 7.12
CB MSE B 296 37.05 3.70 5.29
CG MSE B 296 37.26 4.49 6.58
SE MSE B 296 38.53 3.61 7.79
CE MSE B 296 38.30 4.77 9.38
N PRO B 297 34.11 2.51 4.97
CA PRO B 297 32.69 2.38 5.31
C PRO B 297 32.32 1.00 5.86
N ALA B 298 32.93 -0.05 5.32
CA ALA B 298 32.67 -1.40 5.81
C ALA B 298 33.23 -1.58 7.22
N LEU B 299 34.43 -1.06 7.45
CA LEU B 299 35.02 -1.09 8.78
C LEU B 299 34.14 -0.40 9.81
N LEU B 300 33.77 0.84 9.51
CA LEU B 300 33.09 1.69 10.48
C LEU B 300 31.66 1.24 10.76
N ALA B 301 30.89 0.97 9.71
CA ALA B 301 29.51 0.53 9.87
C ALA B 301 29.46 -0.88 10.44
N GLY B 302 30.31 -1.75 9.92
CA GLY B 302 30.37 -3.14 10.39
C GLY B 302 30.64 -3.23 11.88
N SER B 303 31.62 -2.46 12.36
CA SER B 303 32.03 -2.52 13.77
C SER B 303 31.08 -1.79 14.71
N TYR B 304 30.43 -0.74 14.24
CA TYR B 304 29.45 -0.04 15.06
C TYR B 304 28.18 -0.87 15.28
N TYR B 305 27.62 -1.35 14.17
CA TYR B 305 26.34 -2.06 14.20
C TYR B 305 26.51 -3.57 14.41
N LYS B 306 27.77 -4.02 14.41
CA LYS B 306 28.09 -5.44 14.57
C LYS B 306 27.41 -6.24 13.47
N ASP B 307 27.76 -5.90 12.22
CA ASP B 307 27.15 -6.53 11.04
C ASP B 307 28.20 -7.37 10.32
N GLU B 308 27.91 -8.66 10.16
CA GLU B 308 28.90 -9.62 9.66
C GLU B 308 29.07 -9.58 8.15
N TYR B 309 27.97 -9.25 7.45
CA TYR B 309 28.02 -9.03 6.00
C TYR B 309 28.96 -7.89 5.64
N LEU B 310 28.89 -6.81 6.42
CA LEU B 310 29.71 -5.63 6.17
C LEU B 310 31.15 -5.87 6.58
N ASN B 311 31.32 -6.57 7.69
CA ASN B 311 32.65 -6.94 8.15
C ASN B 311 33.35 -7.90 7.17
N TYR B 312 32.58 -8.77 6.52
CA TYR B 312 33.10 -9.62 5.45
C TYR B 312 33.63 -8.77 4.30
N GLU B 313 32.89 -7.72 3.97
CA GLU B 313 33.28 -6.73 2.98
C GLU B 313 34.57 -6.02 3.37
N PHE B 314 34.73 -5.78 4.68
CA PHE B 314 35.96 -5.15 5.19
C PHE B 314 37.17 -6.07 5.01
N LEU B 315 37.02 -7.33 5.42
CA LEU B 315 38.12 -8.29 5.44
C LEU B 315 38.61 -8.75 4.06
N LYS B 316 37.90 -8.33 3.01
CA LYS B 316 38.36 -8.54 1.62
C LYS B 316 39.72 -7.89 1.41
N ASP B 317 39.79 -6.60 1.74
CA ASP B 317 41.00 -5.82 1.68
C ASP B 317 41.05 -5.01 2.98
N PRO B 318 41.60 -5.63 4.06
CA PRO B 318 41.58 -5.02 5.39
C PRO B 318 42.72 -4.03 5.57
N ASN B 319 42.85 -3.12 4.60
CA ASN B 319 43.93 -2.14 4.59
C ASN B 319 43.34 -0.75 4.41
N VAL B 320 43.37 0.04 5.47
CA VAL B 320 42.84 1.41 5.43
C VAL B 320 43.92 2.40 5.02
N GLU B 321 43.50 3.61 4.63
CA GLU B 321 44.42 4.73 4.37
C GLU B 321 45.19 5.05 5.64
N PRO B 322 46.50 5.34 5.51
CA PRO B 322 47.35 5.63 6.67
C PRO B 322 46.72 6.56 7.70
N HIS B 323 46.05 7.62 7.24
CA HIS B 323 45.44 8.60 8.15
C HIS B 323 44.22 8.06 8.91
N CYS B 324 43.79 6.85 8.58
CA CYS B 324 42.67 6.21 9.24
C CYS B 324 43.11 5.01 10.09
N LYS B 325 44.42 4.77 10.16
CA LYS B 325 44.98 3.66 10.93
C LYS B 325 44.65 3.76 12.42
N LEU B 326 44.69 4.97 12.96
CA LEU B 326 44.39 5.20 14.37
C LEU B 326 42.94 4.84 14.67
N PHE B 327 42.04 5.21 13.75
CA PHE B 327 40.62 4.97 13.93
C PHE B 327 40.27 3.50 13.85
N GLU B 328 40.97 2.76 12.98
CA GLU B 328 40.90 1.30 12.99
C GLU B 328 41.42 0.78 14.32
N PHE B 329 42.55 1.32 14.79
CA PHE B 329 43.10 0.88 16.07
C PHE B 329 42.11 1.07 17.23
N LEU B 330 41.55 2.28 17.33
CA LEU B 330 40.60 2.62 18.36
C LEU B 330 39.24 1.94 18.22
N TRP B 331 38.75 1.78 16.99
CA TRP B 331 37.35 1.41 16.79
C TRP B 331 37.04 0.01 16.25
N ARG B 332 38.01 -0.62 15.58
CA ARG B 332 37.77 -1.91 14.95
C ARG B 332 37.29 -2.98 15.93
N ASP B 333 36.25 -3.72 15.51
CA ASP B 333 35.84 -4.90 16.23
C ASP B 333 36.44 -6.13 15.58
N THR B 334 37.48 -6.67 16.22
CA THR B 334 38.18 -7.85 15.72
C THR B 334 37.53 -9.17 16.15
N GLN B 335 36.51 -9.10 17.01
CA GLN B 335 35.83 -10.32 17.44
C GLN B 335 34.59 -10.62 16.62
N LEU B 336 34.07 -9.58 15.95
CA LEU B 336 32.92 -9.74 15.07
C LEU B 336 33.22 -10.74 13.95
N GLY B 337 32.26 -11.64 13.70
CA GLY B 337 32.37 -12.62 12.62
C GLY B 337 32.15 -12.00 11.25
N SER B 338 32.18 -12.84 10.21
CA SER B 338 31.98 -12.36 8.85
C SER B 338 31.10 -13.31 8.02
N ARG B 339 30.25 -12.71 7.18
CA ARG B 339 29.26 -13.44 6.41
C ARG B 339 29.35 -13.14 4.93
N LYS B 340 29.52 -14.19 4.13
CA LYS B 340 29.43 -14.10 2.67
C LYS B 340 27.99 -13.72 2.30
N PRO B 341 27.82 -13.02 1.15
CA PRO B 341 26.50 -12.50 0.78
C PRO B 341 25.54 -13.54 0.21
N ASP B 342 25.93 -14.81 0.26
CA ASP B 342 25.29 -15.86 -0.53
C ASP B 342 23.90 -16.30 -0.06
N ASP B 343 23.58 -16.05 1.20
CA ASP B 343 22.27 -16.41 1.72
C ASP B 343 21.27 -15.24 1.65
N LEU B 344 21.73 -14.09 1.15
CA LEU B 344 20.88 -12.92 1.00
C LEU B 344 19.86 -13.14 -0.12
N PRO B 345 18.63 -12.62 0.03
CA PRO B 345 17.60 -12.68 -1.02
C PRO B 345 18.11 -12.08 -2.33
N LEU B 346 17.67 -12.62 -3.45
CA LEU B 346 18.22 -12.25 -4.75
C LEU B 346 17.80 -10.87 -5.28
N SER B 347 16.71 -10.32 -4.76
CA SER B 347 16.29 -8.95 -5.11
C SER B 347 16.21 -8.06 -3.88
N ARG B 348 16.46 -6.76 -4.06
CA ARG B 348 16.36 -5.79 -2.96
C ARG B 348 15.83 -4.46 -3.45
N TYR B 349 14.90 -3.89 -2.68
CA TYR B 349 14.22 -2.65 -3.06
C TYR B 349 14.60 -1.45 -2.21
N SER B 350 14.90 -0.32 -2.85
CA SER B 350 15.13 0.93 -2.14
C SER B 350 13.97 1.87 -2.42
N GLY B 351 13.20 2.17 -1.38
CA GLY B 351 12.01 3.02 -1.49
C GLY B 351 12.32 4.50 -1.55
N SER B 352 11.29 5.31 -1.29
CA SER B 352 11.40 6.77 -1.25
C SER B 352 12.62 7.22 -0.43
N PRO B 353 13.41 8.17 -0.95
CA PRO B 353 13.23 8.94 -2.20
C PRO B 353 13.96 8.34 -3.40
N PHE B 354 14.17 7.03 -3.39
CA PHE B 354 14.91 6.39 -4.46
C PHE B 354 13.99 5.67 -5.44
N GLY B 355 13.36 4.59 -5.00
CA GLY B 355 12.61 3.73 -5.89
C GLY B 355 13.55 2.98 -6.83
N TRP B 356 14.49 2.23 -6.24
CA TRP B 356 15.44 1.45 -7.01
C TRP B 356 15.30 -0.03 -6.72
N MSE B 357 15.49 -0.84 -7.75
CA MSE B 357 15.47 -2.29 -7.63
C MSE B 357 16.78 -2.86 -8.12
O MSE B 357 17.28 -2.50 -9.18
CB MSE B 357 14.34 -2.91 -8.46
CG MSE B 357 13.04 -3.07 -7.72
SE MSE B 357 13.12 -4.36 -6.25
CE MSE B 357 11.18 -4.37 -5.86
N ILE B 358 17.32 -3.79 -7.34
CA ILE B 358 18.44 -4.59 -7.80
C ILE B 358 17.99 -6.05 -7.80
N ALA B 359 18.07 -6.67 -8.98
CA ALA B 359 17.67 -8.06 -9.14
C ALA B 359 18.87 -8.87 -9.57
N ARG B 360 19.07 -10.01 -8.91
CA ARG B 360 20.14 -10.94 -9.24
C ARG B 360 19.60 -12.33 -9.52
N THR B 361 20.42 -13.17 -10.15
CA THR B 361 20.08 -14.58 -10.39
C THR B 361 20.87 -15.54 -9.48
N GLY B 362 21.90 -15.02 -8.83
CA GLY B 362 22.71 -15.78 -7.87
C GLY B 362 23.77 -14.89 -7.26
N TRP B 363 24.74 -15.49 -6.57
CA TRP B 363 25.89 -14.72 -6.06
C TRP B 363 27.22 -15.18 -6.67
N GLY B 364 27.17 -16.27 -7.42
CA GLY B 364 28.36 -16.82 -8.09
C GLY B 364 28.70 -16.11 -9.40
N PRO B 365 29.67 -16.66 -10.16
CA PRO B 365 30.19 -16.08 -11.40
C PRO B 365 29.19 -16.02 -12.56
N GLU B 366 28.12 -16.80 -12.48
CA GLU B 366 27.10 -16.84 -13.53
C GLU B 366 25.91 -15.92 -13.20
N SER B 367 26.17 -14.83 -12.48
CA SER B 367 25.12 -13.94 -11.98
C SER B 367 24.70 -12.88 -12.97
N VAL B 368 23.40 -12.86 -13.31
CA VAL B 368 22.80 -11.68 -13.94
C VAL B 368 22.58 -10.68 -12.83
N ILE B 369 22.96 -9.43 -13.08
CA ILE B 369 22.75 -8.36 -12.11
C ILE B 369 22.07 -7.22 -12.86
N ALA B 370 20.82 -6.93 -12.48
CA ALA B 370 20.05 -5.91 -13.16
C ALA B 370 19.57 -4.84 -12.19
N GLU B 371 19.67 -3.60 -12.64
CA GLU B 371 19.24 -2.46 -11.86
C GLU B 371 18.13 -1.76 -12.61
N MSE B 372 17.15 -1.25 -11.85
CA MSE B 372 16.02 -0.51 -12.41
C MSE B 372 15.78 0.68 -11.51
O MSE B 372 15.75 0.52 -10.29
CB MSE B 372 14.77 -1.39 -12.47
CG MSE B 372 14.92 -2.61 -13.36
SE MSE B 372 13.95 -4.15 -12.70
CE MSE B 372 15.34 -4.85 -11.47
N LYS B 373 15.63 1.87 -12.09
CA LYS B 373 15.59 3.10 -11.30
C LYS B 373 14.44 4.03 -11.64
N VAL B 374 13.81 4.59 -10.61
CA VAL B 374 12.83 5.65 -10.82
C VAL B 374 13.46 7.03 -10.54
N ASN B 375 14.08 7.19 -9.36
CA ASN B 375 14.51 8.49 -8.80
C ASN B 375 13.32 9.39 -8.50
N GLU B 376 12.87 9.40 -7.25
CA GLU B 376 11.79 10.29 -6.85
C GLU B 376 12.30 11.70 -6.64
N TYR B 377 13.59 11.80 -6.30
CA TYR B 377 14.26 13.09 -6.14
C TYR B 377 15.65 13.09 -6.77
N SER B 378 16.18 14.28 -7.07
CA SER B 378 17.54 14.40 -7.58
C SER B 378 18.42 15.15 -6.58
N PHE B 379 19.52 14.52 -6.19
CA PHE B 379 20.42 15.12 -5.20
C PHE B 379 21.54 15.92 -5.87
N LEU B 380 21.66 15.80 -7.19
CA LEU B 380 22.70 16.51 -7.96
C LEU B 380 24.12 16.09 -7.57
N ASN B 381 25.05 17.05 -7.61
CA ASN B 381 26.49 16.78 -7.45
C ASN B 381 26.90 15.60 -8.34
N HIS B 382 27.28 14.48 -7.73
CA HIS B 382 27.72 13.31 -8.52
C HIS B 382 26.60 12.39 -9.02
N GLN B 383 25.35 12.76 -8.76
CA GLN B 383 24.24 12.00 -9.30
C GLN B 383 23.98 12.39 -10.77
N HIS B 384 23.50 11.43 -11.55
CA HIS B 384 23.17 11.67 -12.95
C HIS B 384 21.67 11.88 -13.15
N GLN B 385 21.30 12.66 -14.16
CA GLN B 385 19.89 12.81 -14.53
C GLN B 385 19.42 11.55 -15.25
N ASP B 386 19.29 10.46 -14.50
CA ASP B 386 19.09 9.13 -15.06
C ASP B 386 17.77 8.43 -14.67
N ALA B 387 16.74 9.23 -14.42
CA ALA B 387 15.44 8.70 -14.03
C ALA B 387 14.92 7.75 -15.09
N GLY B 388 14.51 6.56 -14.67
CA GLY B 388 14.04 5.54 -15.59
C GLY B 388 15.12 4.61 -16.12
N ALA B 389 16.38 4.90 -15.81
CA ALA B 389 17.48 4.09 -16.34
C ALA B 389 17.43 2.64 -15.89
N PHE B 390 17.79 1.74 -16.78
CA PHE B 390 18.07 0.37 -16.41
C PHE B 390 19.48 0.01 -16.85
N GLN B 391 20.04 -1.02 -16.23
CA GLN B 391 21.43 -1.38 -16.44
C GLN B 391 21.57 -2.85 -16.13
N ILE B 392 22.22 -3.61 -17.01
CA ILE B 392 22.25 -5.07 -16.88
C ILE B 392 23.65 -5.62 -17.08
N TYR B 393 24.05 -6.50 -16.17
CA TYR B 393 25.34 -7.18 -16.21
C TYR B 393 25.15 -8.69 -16.24
N TYR B 394 25.93 -9.34 -17.08
CA TYR B 394 26.07 -10.80 -17.08
C TYR B 394 27.33 -11.13 -17.86
N LYS B 395 28.32 -11.68 -17.15
CA LYS B 395 29.63 -11.98 -17.73
C LYS B 395 30.06 -10.81 -18.61
N GLY B 396 30.09 -9.62 -18.02
CA GLY B 396 30.36 -8.38 -18.73
C GLY B 396 29.17 -7.44 -18.68
N PRO B 397 29.43 -6.12 -18.74
CA PRO B 397 28.38 -5.12 -18.78
C PRO B 397 27.63 -5.12 -20.12
N LEU B 398 26.34 -5.45 -20.11
CA LEU B 398 25.56 -5.59 -21.34
C LEU B 398 24.74 -4.34 -21.70
N ALA B 399 23.77 -4.00 -20.86
CA ALA B 399 23.09 -2.71 -20.96
C ALA B 399 23.79 -1.79 -19.96
N ILE B 400 24.48 -0.78 -20.46
CA ILE B 400 25.42 -0.01 -19.64
C ILE B 400 24.97 1.41 -19.32
N ASP B 401 25.51 1.93 -18.21
CA ASP B 401 25.42 3.33 -17.84
C ASP B 401 26.69 3.98 -18.38
N ALA B 402 26.57 4.64 -19.54
CA ALA B 402 27.72 4.98 -20.38
C ALA B 402 28.44 6.28 -20.05
N GLY B 403 29.67 6.39 -20.55
CA GLY B 403 30.52 7.55 -20.34
C GLY B 403 31.58 7.29 -19.28
N SER B 404 32.43 8.27 -19.03
CA SER B 404 33.37 8.23 -17.90
C SER B 404 33.47 9.57 -17.21
N TYR B 405 33.81 9.52 -15.92
CA TYR B 405 33.95 10.72 -15.11
C TYR B 405 35.19 11.49 -15.55
N THR B 406 36.30 10.76 -15.71
CA THR B 406 37.56 11.37 -16.13
C THR B 406 38.08 10.79 -17.45
N GLY B 407 38.78 11.63 -18.19
CA GLY B 407 39.39 11.24 -19.46
C GLY B 407 39.92 12.47 -20.17
N SER B 408 40.09 12.37 -21.49
CA SER B 408 40.71 13.44 -22.29
C SER B 408 39.95 14.76 -22.25
N SER B 409 38.67 14.71 -21.86
CA SER B 409 37.84 15.92 -21.77
C SER B 409 38.17 16.75 -20.53
N GLY B 410 38.56 16.08 -19.45
CA GLY B 410 38.86 16.75 -18.17
C GLY B 410 38.23 16.07 -16.96
N GLY B 411 37.94 16.85 -15.92
CA GLY B 411 37.33 16.32 -14.71
C GLY B 411 35.84 16.62 -14.60
N TYR B 412 35.36 16.71 -13.36
CA TYR B 412 33.99 17.15 -13.05
C TYR B 412 33.53 18.30 -13.98
N ASN B 413 34.43 19.25 -14.21
CA ASN B 413 34.18 20.44 -15.04
C ASN B 413 33.92 20.15 -16.50
N SER B 414 34.48 19.04 -16.99
CA SER B 414 34.62 18.77 -18.42
C SER B 414 33.33 18.93 -19.21
N PRO B 415 33.41 19.59 -20.39
CA PRO B 415 32.34 19.50 -21.37
C PRO B 415 32.27 18.07 -21.94
N HIS B 416 31.66 17.20 -21.14
CA HIS B 416 31.36 15.79 -21.43
C HIS B 416 30.52 15.35 -20.24
N ASN B 417 30.99 15.66 -19.04
CA ASN B 417 30.18 15.61 -17.83
C ASN B 417 28.96 16.50 -17.99
N LYS B 418 29.18 17.74 -18.40
CA LYS B 418 28.11 18.75 -18.53
C LYS B 418 27.16 18.48 -19.70
N ASN B 419 27.61 17.72 -20.68
CA ASN B 419 26.87 17.54 -21.93
C ASN B 419 26.51 16.11 -22.30
N PHE B 420 27.16 15.14 -21.65
CA PHE B 420 26.84 13.72 -21.89
C PHE B 420 26.67 12.91 -20.61
N PHE B 421 27.77 12.75 -19.86
CA PHE B 421 27.88 11.78 -18.77
C PHE B 421 26.79 11.87 -17.70
N LYS B 422 26.49 13.10 -17.26
CA LYS B 422 25.49 13.32 -16.22
C LYS B 422 24.06 13.45 -16.76
N ARG B 423 23.93 13.35 -18.08
CA ARG B 423 22.68 13.64 -18.77
C ARG B 423 21.96 12.35 -19.16
N THR B 424 20.66 12.46 -19.43
CA THR B 424 19.82 11.30 -19.74
C THR B 424 20.30 10.52 -20.95
N ILE B 425 20.82 11.24 -21.94
CA ILE B 425 21.32 10.67 -23.20
C ILE B 425 22.42 9.61 -23.00
N ALA B 426 23.12 9.69 -21.87
CA ALA B 426 24.16 8.73 -21.50
C ALA B 426 23.63 7.39 -20.95
N HIS B 427 22.32 7.34 -20.69
CA HIS B 427 21.70 6.21 -19.96
C HIS B 427 20.59 5.53 -20.74
N ASN B 428 20.22 4.32 -20.30
CA ASN B 428 19.14 3.54 -20.91
C ASN B 428 17.75 4.04 -20.49
N SER B 429 17.42 5.26 -20.91
CA SER B 429 16.17 5.89 -20.54
C SER B 429 15.46 6.41 -21.79
N LEU B 430 14.78 7.54 -21.66
CA LEU B 430 13.95 8.09 -22.74
C LEU B 430 14.27 9.54 -23.02
N LEU B 431 14.21 9.89 -24.31
CA LEU B 431 14.38 11.26 -24.75
C LEU B 431 13.13 11.80 -25.47
N ILE B 432 12.91 13.10 -25.30
CA ILE B 432 11.86 13.82 -25.98
C ILE B 432 12.50 15.13 -26.40
N TYR B 433 12.69 15.31 -27.70
CA TYR B 433 13.49 16.44 -28.18
C TYR B 433 12.69 17.69 -28.52
N ASP B 434 12.76 18.68 -27.63
CA ASP B 434 12.22 20.01 -27.89
C ASP B 434 13.38 20.92 -28.32
N PRO B 435 13.40 21.29 -29.61
CA PRO B 435 14.52 22.08 -30.17
C PRO B 435 14.70 23.45 -29.52
N LYS B 436 13.67 23.94 -28.82
CA LYS B 436 13.70 25.24 -28.18
C LYS B 436 14.09 25.20 -26.69
N GLU B 437 14.21 23.99 -26.13
CA GLU B 437 14.47 23.83 -24.69
C GLU B 437 15.82 24.37 -24.22
N THR B 438 15.77 25.19 -23.17
CA THR B 438 16.94 25.83 -22.56
C THR B 438 17.39 25.01 -21.34
N PHE B 439 18.67 24.66 -21.29
CA PHE B 439 19.23 23.95 -20.13
C PHE B 439 20.23 24.79 -19.35
N SER B 440 19.75 25.51 -18.34
CA SER B 440 20.61 26.37 -17.51
C SER B 440 21.56 25.58 -16.62
N SER B 441 22.87 25.77 -16.85
CA SER B 441 23.92 25.10 -16.08
C SER B 441 24.82 26.10 -15.37
N SER B 442 24.32 27.33 -15.23
CA SER B 442 25.04 28.47 -14.66
C SER B 442 25.87 28.22 -13.39
N GLY B 443 25.41 27.30 -12.55
CA GLY B 443 26.02 27.07 -11.22
C GLY B 443 26.88 25.83 -11.05
N TYR B 444 26.87 24.97 -12.07
CA TYR B 444 27.61 23.70 -12.04
C TYR B 444 29.13 23.89 -11.92
N GLY B 445 29.75 23.08 -11.06
CA GLY B 445 31.21 23.08 -10.87
C GLY B 445 31.70 24.22 -10.00
N GLY B 446 33.02 24.29 -9.81
CA GLY B 446 33.64 25.40 -9.10
C GLY B 446 34.54 26.21 -10.00
N SER B 447 34.56 25.84 -11.28
CA SER B 447 35.41 26.48 -12.29
C SER B 447 34.85 26.16 -13.68
N ASP B 448 35.44 26.76 -14.72
CA ASP B 448 35.04 26.55 -16.13
C ASP B 448 33.51 26.56 -16.31
N HIS B 449 32.88 27.53 -15.68
CA HIS B 449 31.42 27.61 -15.57
C HIS B 449 30.73 28.13 -16.84
N THR B 450 29.72 27.38 -17.28
CA THR B 450 28.98 27.68 -18.50
C THR B 450 27.50 27.92 -18.19
N ASP B 451 26.91 28.91 -18.85
CA ASP B 451 25.52 29.31 -18.60
C ASP B 451 24.50 28.27 -19.11
N PHE B 452 24.83 27.63 -20.22
CA PHE B 452 23.94 26.66 -20.85
C PHE B 452 24.69 25.39 -21.24
N ALA B 453 23.97 24.27 -21.29
CA ALA B 453 24.54 22.98 -21.68
C ALA B 453 23.80 22.38 -22.85
N ALA B 454 24.33 21.30 -23.40
CA ALA B 454 23.81 20.67 -24.61
C ALA B 454 22.38 20.16 -24.44
N ASN B 455 21.53 20.45 -25.43
CA ASN B 455 20.17 19.93 -25.48
C ASN B 455 20.21 18.46 -25.89
N ASP B 456 19.98 17.57 -24.93
CA ASP B 456 20.01 16.13 -25.22
C ASP B 456 18.60 15.54 -25.34
N GLY B 457 17.59 16.39 -25.19
CA GLY B 457 16.19 15.96 -25.23
C GLY B 457 15.78 15.23 -23.97
N GLY B 458 16.70 15.13 -23.01
CA GLY B 458 16.48 14.40 -21.79
C GLY B 458 15.85 15.22 -20.68
N GLN B 459 16.21 14.84 -19.45
CA GLN B 459 15.61 15.38 -18.24
C GLN B 459 16.22 16.74 -17.87
N ARG B 460 15.45 17.52 -17.12
CA ARG B 460 15.82 18.87 -16.67
C ARG B 460 17.14 18.93 -15.94
N LEU B 461 17.69 20.14 -15.83
CA LEU B 461 18.79 20.40 -14.91
C LEU B 461 18.24 21.22 -13.74
N PRO B 462 17.95 20.55 -12.61
CA PRO B 462 17.31 21.18 -11.44
C PRO B 462 18.24 22.16 -10.69
N GLY B 463 17.66 22.98 -9.83
CA GLY B 463 18.41 23.94 -9.01
C GLY B 463 18.68 25.27 -9.69
N LYS B 464 19.39 26.15 -8.97
CA LYS B 464 19.77 27.46 -9.52
C LYS B 464 20.87 27.29 -10.56
N GLY B 465 20.47 26.85 -11.76
CA GLY B 465 21.42 26.56 -12.84
C GLY B 465 22.24 25.31 -12.61
N TRP B 466 21.57 24.19 -12.38
CA TRP B 466 22.22 22.88 -12.21
C TRP B 466 23.08 22.78 -10.94
N ILE B 467 22.61 23.36 -9.85
CA ILE B 467 23.30 23.25 -8.58
C ILE B 467 22.42 22.73 -7.44
N ALA B 468 22.98 21.80 -6.67
CA ALA B 468 22.31 21.18 -5.53
C ALA B 468 21.88 22.21 -4.48
N PRO B 469 20.79 21.93 -3.74
CA PRO B 469 20.33 22.86 -2.72
C PRO B 469 21.19 22.79 -1.46
N ARG B 470 21.09 23.82 -0.62
CA ARG B 470 21.82 23.89 0.66
C ARG B 470 21.48 22.71 1.57
N ASP B 471 20.21 22.58 1.92
CA ASP B 471 19.74 21.55 2.85
C ASP B 471 18.42 20.95 2.39
N LEU B 472 17.82 20.10 3.22
CA LEU B 472 16.57 19.42 2.86
C LEU B 472 15.41 20.38 2.70
N LYS B 473 15.34 21.38 3.59
CA LYS B 473 14.30 22.41 3.54
C LYS B 473 14.27 23.08 2.17
N GLU B 474 15.44 23.49 1.69
CA GLU B 474 15.59 24.07 0.36
C GLU B 474 15.29 23.07 -0.75
N MSE B 475 15.69 21.80 -0.53
CA MSE B 475 15.46 20.75 -1.52
C MSE B 475 13.97 20.44 -1.71
O MSE B 475 13.50 20.29 -2.84
CB MSE B 475 16.20 19.47 -1.14
CG MSE B 475 16.17 18.39 -2.21
SE MSE B 475 17.24 16.83 -1.72
CE MSE B 475 16.81 15.67 -3.19
N LEU B 476 13.23 20.36 -0.61
CA LEU B 476 11.82 19.98 -0.67
C LEU B 476 10.96 21.08 -1.27
N ALA B 477 11.37 22.34 -1.09
CA ALA B 477 10.64 23.51 -1.61
C ALA B 477 11.05 23.86 -3.04
N GLY B 478 12.12 23.23 -3.53
CA GLY B 478 12.66 23.53 -4.85
C GLY B 478 12.04 22.71 -5.98
N ASP B 479 12.85 22.40 -6.98
CA ASP B 479 12.41 21.70 -8.18
C ASP B 479 13.19 20.40 -8.40
N PHE B 480 13.48 19.69 -7.31
CA PHE B 480 14.35 18.51 -7.38
C PHE B 480 13.58 17.18 -7.45
N ARG B 481 12.26 17.27 -7.35
CA ARG B 481 11.38 16.12 -7.51
C ARG B 481 11.42 15.68 -8.96
N THR B 482 11.78 14.42 -9.19
CA THR B 482 11.94 13.88 -10.55
C THR B 482 11.09 12.64 -10.84
N GLY B 483 10.21 12.27 -9.92
CA GLY B 483 9.35 11.11 -10.14
C GLY B 483 8.52 10.63 -8.96
N LYS B 484 7.63 9.68 -9.25
CA LYS B 484 6.87 8.99 -8.21
C LYS B 484 6.83 7.50 -8.46
N ILE B 485 7.08 6.74 -7.39
CA ILE B 485 6.99 5.29 -7.42
C ILE B 485 5.52 4.93 -7.44
N LEU B 486 5.11 4.13 -8.43
CA LEU B 486 3.70 3.78 -8.55
C LEU B 486 3.40 2.38 -8.05
N ALA B 487 4.35 1.45 -8.21
CA ALA B 487 4.15 0.05 -7.84
C ALA B 487 5.48 -0.67 -7.82
N GLN B 488 5.56 -1.74 -7.02
CA GLN B 488 6.78 -2.51 -6.84
C GLN B 488 6.51 -3.82 -6.12
N GLY B 489 7.38 -4.80 -6.38
CA GLY B 489 7.38 -6.04 -5.63
C GLY B 489 8.27 -7.05 -6.29
N PHE B 490 8.49 -8.18 -5.65
CA PHE B 490 9.22 -9.26 -6.28
C PHE B 490 8.66 -10.64 -5.99
N GLY B 491 8.88 -11.53 -6.98
CA GLY B 491 8.44 -12.94 -7.09
C GLY B 491 7.70 -13.52 -5.92
N PRO B 492 6.97 -14.64 -6.14
CA PRO B 492 6.15 -15.19 -5.06
C PRO B 492 6.97 -15.56 -3.80
N ASP B 493 8.22 -15.96 -4.00
CA ASP B 493 9.13 -16.30 -2.91
C ASP B 493 10.04 -15.10 -2.59
N ASN B 494 10.34 -14.90 -1.30
CA ASN B 494 11.21 -13.79 -0.87
C ASN B 494 12.67 -14.02 -1.23
N GLN B 495 13.11 -15.27 -1.08
CA GLN B 495 14.51 -15.64 -1.23
C GLN B 495 14.93 -15.67 -2.70
N THR B 496 14.16 -16.39 -3.51
CA THR B 496 14.44 -16.57 -4.93
C THR B 496 13.22 -16.19 -5.79
N PRO B 497 12.93 -14.88 -5.91
CA PRO B 497 11.79 -14.41 -6.71
C PRO B 497 11.85 -14.74 -8.21
N ASP B 498 10.76 -15.32 -8.71
CA ASP B 498 10.55 -15.55 -10.15
C ASP B 498 10.52 -14.23 -10.92
N TYR B 499 9.92 -13.21 -10.33
CA TYR B 499 9.81 -11.91 -10.97
C TYR B 499 10.24 -10.79 -10.02
N THR B 500 10.67 -9.66 -10.57
CA THR B 500 10.96 -8.47 -9.81
C THR B 500 10.42 -7.30 -10.60
N TYR B 501 9.54 -6.53 -9.97
CA TYR B 501 8.72 -5.53 -10.64
C TYR B 501 8.90 -4.15 -10.04
N LEU B 502 9.11 -3.16 -10.90
CA LEU B 502 9.12 -1.76 -10.48
C LEU B 502 8.42 -0.91 -11.54
N LYS B 503 7.62 0.07 -11.10
CA LYS B 503 6.99 1.03 -12.01
C LYS B 503 7.03 2.45 -11.45
N GLY B 504 7.43 3.40 -12.29
CA GLY B 504 7.46 4.81 -11.91
C GLY B 504 6.85 5.79 -12.91
N ASP B 505 6.42 6.92 -12.40
CA ASP B 505 6.03 8.04 -13.25
C ASP B 505 7.12 9.10 -13.16
N ILE B 506 7.89 9.27 -14.23
CA ILE B 506 9.03 10.19 -14.25
C ILE B 506 8.79 11.48 -15.06
N THR B 507 7.52 11.87 -15.15
CA THR B 507 7.12 13.07 -15.88
C THR B 507 7.84 14.32 -15.37
N ALA B 508 7.93 14.44 -14.05
CA ALA B 508 8.51 15.63 -13.39
C ALA B 508 10.04 15.72 -13.52
N ALA B 509 10.65 14.70 -14.11
CA ALA B 509 12.07 14.75 -14.43
C ALA B 509 12.34 15.61 -15.67
N TYR B 510 11.34 15.72 -16.54
CA TYR B 510 11.47 16.44 -17.80
C TYR B 510 10.80 17.82 -17.70
N SER B 511 10.96 18.64 -18.74
CA SER B 511 10.25 19.92 -18.82
C SER B 511 8.81 19.71 -19.31
N ALA B 512 8.04 20.79 -19.36
CA ALA B 512 6.64 20.77 -19.81
C ALA B 512 6.41 20.22 -21.23
N LYS B 513 7.49 19.92 -21.95
CA LYS B 513 7.43 19.33 -23.29
C LYS B 513 6.72 17.96 -23.30
N VAL B 514 6.65 17.33 -22.12
CA VAL B 514 5.89 16.10 -21.92
C VAL B 514 4.72 16.32 -21.00
N LYS B 515 3.62 15.63 -21.30
CA LYS B 515 2.43 15.64 -20.46
C LYS B 515 2.49 14.50 -19.44
N GLU B 516 3.14 13.39 -19.83
CA GLU B 516 3.16 12.16 -19.05
C GLU B 516 4.28 11.23 -19.52
N VAL B 517 5.09 10.74 -18.57
CA VAL B 517 6.12 9.74 -18.87
C VAL B 517 6.10 8.66 -17.79
N LYS B 518 5.76 7.44 -18.20
CA LYS B 518 5.70 6.31 -17.28
C LYS B 518 6.62 5.22 -17.77
N ARG B 519 7.26 4.51 -16.84
CA ARG B 519 8.04 3.34 -17.20
C ARG B 519 7.82 2.19 -16.22
N SER B 520 7.51 1.02 -16.77
CA SER B 520 7.35 -0.20 -15.98
C SER B 520 8.44 -1.19 -16.32
N PHE B 521 9.13 -1.68 -15.29
CA PHE B 521 10.16 -2.71 -15.44
C PHE B 521 9.65 -4.01 -14.88
N LEU B 522 9.84 -5.08 -15.62
CA LEU B 522 9.63 -6.41 -15.06
C LEU B 522 10.77 -7.37 -15.37
N PHE B 523 11.67 -7.50 -14.40
CA PHE B 523 12.75 -8.46 -14.46
C PHE B 523 12.22 -9.85 -14.13
N LEU B 524 12.61 -10.83 -14.93
CA LEU B 524 12.27 -12.22 -14.70
C LEU B 524 13.52 -13.04 -14.44
N ASN B 525 13.57 -13.73 -13.31
CA ASN B 525 14.54 -14.80 -13.08
C ASN B 525 13.94 -16.07 -13.65
N LEU B 526 14.52 -16.57 -14.74
CA LEU B 526 13.92 -17.68 -15.47
C LEU B 526 14.26 -19.08 -14.91
N LYS B 527 15.14 -19.13 -13.92
CA LYS B 527 15.53 -20.39 -13.29
C LYS B 527 15.95 -21.41 -14.36
N ASP B 528 16.86 -20.97 -15.22
CA ASP B 528 17.32 -21.75 -16.38
C ASP B 528 18.79 -21.46 -16.64
N ALA B 529 19.55 -22.52 -16.90
CA ALA B 529 20.98 -22.41 -17.19
C ALA B 529 21.29 -21.73 -18.53
N LYS B 530 20.51 -22.04 -19.55
CA LYS B 530 20.76 -21.53 -20.91
C LYS B 530 20.42 -20.04 -21.08
N VAL B 531 19.21 -19.66 -20.66
CA VAL B 531 18.77 -18.26 -20.69
C VAL B 531 18.26 -17.88 -19.28
N PRO B 532 19.17 -17.39 -18.43
CA PRO B 532 18.91 -17.21 -17.00
C PRO B 532 17.90 -16.12 -16.61
N ALA B 533 17.77 -15.09 -17.44
CA ALA B 533 16.95 -13.92 -17.09
C ALA B 533 16.45 -13.13 -18.28
N ALA B 534 15.29 -12.50 -18.11
CA ALA B 534 14.75 -11.56 -19.08
C ALA B 534 14.32 -10.26 -18.39
N MSE B 535 14.17 -9.19 -19.17
CA MSE B 535 13.67 -7.92 -18.65
C MSE B 535 12.68 -7.30 -19.62
O MSE B 535 13.00 -7.02 -20.78
CB MSE B 535 14.82 -6.94 -18.38
CG MSE B 535 14.68 -6.19 -17.06
SE MSE B 535 15.10 -4.27 -17.19
CE MSE B 535 13.30 -3.69 -17.45
N ILE B 536 11.46 -7.06 -19.13
CA ILE B 536 10.43 -6.40 -19.93
C ILE B 536 10.34 -4.93 -19.52
N VAL B 537 10.39 -4.04 -20.50
CA VAL B 537 10.24 -2.61 -20.26
C VAL B 537 9.06 -2.10 -21.04
N PHE B 538 8.09 -1.53 -20.33
CA PHE B 538 6.91 -0.96 -20.95
C PHE B 538 6.86 0.52 -20.65
N ASP B 539 6.89 1.35 -21.69
CA ASP B 539 6.94 2.80 -21.53
C ASP B 539 5.73 3.47 -22.14
N LYS B 540 5.28 4.55 -21.51
CA LYS B 540 4.26 5.43 -22.06
C LYS B 540 4.80 6.85 -22.09
N VAL B 541 4.83 7.44 -23.27
CA VAL B 541 5.28 8.82 -23.42
C VAL B 541 4.23 9.66 -24.13
N VAL B 542 3.80 10.73 -23.49
CA VAL B 542 2.89 11.68 -24.10
C VAL B 542 3.59 13.03 -24.18
N ALA B 543 3.96 13.43 -25.39
CA ALA B 543 4.60 14.72 -25.66
C ALA B 543 3.56 15.83 -25.80
N SER B 544 3.94 17.05 -25.39
CA SER B 544 3.06 18.22 -25.43
C SER B 544 2.87 18.74 -26.85
N ASN B 545 3.82 18.38 -27.70
CA ASN B 545 3.78 18.64 -29.13
C ASN B 545 4.14 17.34 -29.83
N PRO B 546 3.24 16.85 -30.72
CA PRO B 546 3.47 15.61 -31.49
C PRO B 546 4.75 15.60 -32.31
N ASP B 547 5.27 16.80 -32.59
CA ASP B 547 6.48 16.94 -33.40
C ASP B 547 7.79 16.92 -32.60
N PHE B 548 7.70 16.70 -31.28
CA PHE B 548 8.90 16.47 -30.46
C PHE B 548 9.31 15.00 -30.56
N LYS B 549 10.38 14.71 -31.29
CA LYS B 549 10.78 13.34 -31.60
C LYS B 549 11.17 12.53 -30.36
N LYS B 550 10.58 11.34 -30.24
CA LYS B 550 10.83 10.46 -29.08
C LYS B 550 11.94 9.46 -29.34
N PHE B 551 12.66 9.10 -28.28
CA PHE B 551 13.75 8.13 -28.34
C PHE B 551 13.70 7.13 -27.19
N TRP B 552 13.92 5.87 -27.54
CA TRP B 552 14.24 4.84 -26.55
C TRP B 552 15.71 4.54 -26.76
N LEU B 553 16.49 4.56 -25.67
CA LEU B 553 17.93 4.32 -25.76
C LEU B 553 18.37 3.00 -25.13
N LEU B 554 19.33 2.36 -25.77
CA LEU B 554 19.99 1.18 -25.22
C LEU B 554 21.48 1.28 -25.53
N HIS B 555 22.28 1.48 -24.49
CA HIS B 555 23.73 1.65 -24.62
C HIS B 555 24.50 0.35 -24.46
N SER B 556 25.65 0.29 -25.13
CA SER B 556 26.56 -0.86 -25.06
C SER B 556 28.02 -0.42 -25.24
N ILE B 557 28.94 -1.36 -25.04
CA ILE B 557 30.37 -1.13 -25.28
C ILE B 557 30.66 -1.35 -26.77
N GLU B 558 30.34 -2.57 -27.22
CA GLU B 558 30.59 -3.01 -28.59
C GLU B 558 29.39 -2.69 -29.51
N GLN B 559 29.61 -2.83 -30.82
CA GLN B 559 28.59 -2.48 -31.80
C GLN B 559 27.46 -3.51 -31.86
N PRO B 560 26.21 -3.04 -31.77
CA PRO B 560 25.05 -3.93 -31.81
C PRO B 560 24.69 -4.40 -33.23
N GLU B 561 24.08 -5.58 -33.31
CA GLU B 561 23.48 -6.08 -34.55
C GLU B 561 21.99 -5.79 -34.53
N ILE B 562 21.52 -5.04 -35.51
CA ILE B 562 20.11 -4.73 -35.65
C ILE B 562 19.55 -5.56 -36.81
N LYS B 563 18.70 -6.54 -36.50
CA LYS B 563 18.07 -7.39 -37.52
C LYS B 563 16.56 -7.41 -37.37
N GLY B 564 15.91 -6.49 -38.07
CA GLY B 564 14.47 -6.28 -37.94
C GLY B 564 14.17 -5.63 -36.61
N ASN B 565 13.31 -6.28 -35.83
CA ASN B 565 12.96 -5.83 -34.49
C ASN B 565 13.86 -6.48 -33.44
N GLN B 566 15.00 -7.01 -33.89
CA GLN B 566 15.93 -7.76 -33.06
C GLN B 566 17.27 -7.03 -32.91
N ILE B 567 17.59 -6.64 -31.68
CA ILE B 567 18.88 -6.04 -31.38
C ILE B 567 19.70 -7.05 -30.59
N THR B 568 20.95 -7.24 -31.00
CA THR B 568 21.85 -8.16 -30.33
C THR B 568 23.13 -7.45 -29.96
N ILE B 569 23.45 -7.51 -28.67
CA ILE B 569 24.66 -6.93 -28.10
C ILE B 569 25.45 -8.05 -27.45
N LYS B 570 26.74 -8.12 -27.78
CA LYS B 570 27.64 -9.15 -27.24
C LYS B 570 28.83 -8.58 -26.49
N ARG B 571 29.41 -9.40 -25.62
CA ARG B 571 30.74 -9.14 -25.07
C ARG B 571 31.69 -10.22 -25.60
N THR B 572 32.85 -9.78 -26.06
CA THR B 572 33.85 -10.68 -26.65
C THR B 572 35.28 -10.20 -26.36
N LYS B 573 35.41 -9.39 -25.30
CA LYS B 573 36.68 -8.78 -24.95
C LYS B 573 36.89 -8.81 -23.44
N ASN B 574 38.16 -8.76 -23.03
CA ASN B 574 38.52 -8.72 -21.61
C ASN B 574 38.05 -9.93 -20.80
N GLY B 575 37.77 -11.05 -21.48
CA GLY B 575 37.25 -12.25 -20.82
C GLY B 575 35.73 -12.28 -20.67
N ASP B 576 35.08 -11.19 -21.06
CA ASP B 576 33.62 -11.08 -20.98
C ASP B 576 32.94 -11.81 -22.13
N SER B 577 31.89 -12.57 -21.80
CA SER B 577 31.24 -13.42 -22.80
C SER B 577 29.71 -13.43 -22.71
N GLY B 578 29.14 -12.32 -22.22
CA GLY B 578 27.69 -12.19 -22.10
C GLY B 578 27.02 -11.72 -23.39
N MSE B 579 25.69 -11.83 -23.42
CA MSE B 579 24.90 -11.40 -24.57
C MSE B 579 23.48 -10.95 -24.19
O MSE B 579 22.80 -11.60 -23.40
CB MSE B 579 24.85 -12.50 -25.63
CG MSE B 579 24.11 -12.14 -26.89
SE MSE B 579 23.86 -13.69 -28.01
CE MSE B 579 22.74 -14.78 -26.81
N LEU B 580 23.07 -9.86 -24.81
CA LEU B 580 21.76 -9.24 -24.61
C LEU B 580 21.04 -9.21 -25.95
N VAL B 581 19.79 -9.68 -25.98
CA VAL B 581 18.97 -9.61 -27.19
C VAL B 581 17.61 -8.97 -26.92
N ASN B 582 17.38 -7.82 -27.56
CA ASN B 582 16.15 -7.09 -27.38
C ASN B 582 15.16 -7.36 -28.50
N THR B 583 13.95 -7.74 -28.15
CA THR B 583 12.87 -7.85 -29.13
C THR B 583 11.95 -6.65 -28.97
N ALA B 584 11.88 -5.82 -30.01
CA ALA B 584 11.04 -4.62 -29.97
C ALA B 584 9.63 -5.00 -30.38
N LEU B 585 8.70 -4.88 -29.44
CA LEU B 585 7.31 -5.25 -29.67
C LEU B 585 6.43 -4.04 -29.97
N LEU B 586 6.71 -2.92 -29.30
CA LEU B 586 6.01 -1.67 -29.57
C LEU B 586 7.01 -0.50 -29.63
N PRO B 587 6.78 0.46 -30.55
CA PRO B 587 5.77 0.49 -31.63
C PRO B 587 5.89 -0.69 -32.60
N ASP B 588 4.80 -0.95 -33.31
CA ASP B 588 4.71 -1.96 -34.39
C ASP B 588 5.86 -1.88 -35.39
N ALA B 589 6.13 -3.00 -36.06
CA ALA B 589 7.18 -3.07 -37.08
C ALA B 589 6.97 -2.03 -38.18
N ALA B 590 5.69 -1.70 -38.42
CA ALA B 590 5.30 -0.70 -39.40
C ALA B 590 5.47 0.73 -38.88
N ASN B 591 5.86 0.86 -37.61
CA ASN B 591 6.03 2.17 -36.98
C ASN B 591 7.34 2.37 -36.20
N SER B 592 8.26 1.39 -36.27
CA SER B 592 9.55 1.53 -35.58
C SER B 592 10.78 1.68 -36.50
N ASN B 593 11.55 2.73 -36.25
CA ASN B 593 12.90 2.88 -36.81
C ASN B 593 13.93 2.61 -35.73
N ILE B 594 14.85 1.69 -36.01
CA ILE B 594 15.92 1.33 -35.08
C ILE B 594 17.30 1.68 -35.65
N THR B 595 17.86 2.80 -35.19
CA THR B 595 19.16 3.28 -35.69
C THR B 595 20.24 3.15 -34.61
N SER B 596 21.41 2.64 -34.98
CA SER B 596 22.57 2.67 -34.09
C SER B 596 23.47 3.88 -34.38
N ILE B 597 24.03 4.45 -33.33
CA ILE B 597 24.94 5.59 -33.44
C ILE B 597 26.12 5.36 -32.51
N GLY B 598 27.34 5.53 -33.04
CA GLY B 598 28.55 5.38 -32.24
C GLY B 598 29.82 5.14 -33.03
N GLY B 599 30.78 4.48 -32.39
CA GLY B 599 32.12 4.30 -32.94
C GLY B 599 32.88 5.60 -32.77
N LYS B 600 34.12 5.63 -33.25
CA LYS B 600 34.95 6.82 -33.14
C LYS B 600 34.29 8.03 -33.81
N GLY B 601 34.30 9.16 -33.12
CA GLY B 601 33.67 10.38 -33.60
C GLY B 601 32.18 10.49 -33.28
N LYS B 602 31.57 9.36 -32.91
CA LYS B 602 30.13 9.34 -32.58
C LYS B 602 29.84 8.66 -31.24
N ASP B 603 30.90 8.28 -30.52
CA ASP B 603 30.77 7.51 -29.28
C ASP B 603 29.98 8.21 -28.18
N PHE B 604 30.18 9.52 -28.05
CA PHE B 604 29.41 10.32 -27.10
C PHE B 604 28.63 11.40 -27.83
N TRP B 605 27.75 10.97 -28.73
CA TRP B 605 27.02 11.85 -29.63
C TRP B 605 25.80 12.50 -29.01
N VAL B 606 25.71 13.81 -29.13
CA VAL B 606 24.56 14.57 -28.66
C VAL B 606 24.13 15.57 -29.74
N PHE B 607 23.11 15.18 -30.50
CA PHE B 607 22.42 16.06 -31.45
C PHE B 607 23.26 17.16 -32.10
N GLY B 608 24.35 16.78 -32.75
CA GLY B 608 25.16 17.75 -33.47
C GLY B 608 26.64 17.75 -33.11
N THR B 609 26.93 17.77 -31.82
CA THR B 609 28.30 17.73 -31.33
C THR B 609 28.57 16.43 -30.55
N ASN B 610 29.73 15.82 -30.80
CA ASN B 610 30.22 14.69 -30.03
C ASN B 610 31.11 15.18 -28.90
N TYR B 611 30.88 14.68 -27.69
CA TYR B 611 31.66 15.11 -26.54
C TYR B 611 32.69 14.06 -26.09
N THR B 612 33.80 14.02 -26.84
CA THR B 612 34.87 13.03 -26.67
C THR B 612 35.46 13.00 -25.26
N ASN B 613 35.85 11.79 -24.84
CA ASN B 613 36.42 11.53 -23.53
C ASN B 613 37.14 10.18 -23.53
N ASP B 614 38.35 10.18 -24.08
CA ASP B 614 39.15 8.96 -24.19
C ASP B 614 39.77 8.59 -22.83
N PRO B 615 40.04 7.29 -22.61
CA PRO B 615 40.58 6.87 -21.32
C PRO B 615 42.02 7.36 -21.12
N LYS B 616 42.30 7.88 -19.93
CA LYS B 616 43.67 8.21 -19.55
C LYS B 616 44.52 6.93 -19.55
N PRO B 617 45.78 7.01 -20.00
CA PRO B 617 46.66 5.84 -20.19
C PRO B 617 46.54 4.77 -19.10
N GLY B 618 46.30 3.53 -19.52
CA GLY B 618 46.24 2.38 -18.62
C GLY B 618 45.01 2.25 -17.72
N THR B 619 43.95 3.01 -18.04
CA THR B 619 42.70 2.96 -17.27
C THR B 619 41.53 2.58 -18.17
N ASP B 620 40.49 1.99 -17.59
CA ASP B 620 39.30 1.53 -18.32
C ASP B 620 39.68 0.67 -19.52
N GLU B 621 40.35 -0.45 -19.24
CA GLU B 621 40.81 -1.35 -20.29
C GLU B 621 39.70 -2.15 -20.99
N ALA B 622 38.47 -2.01 -20.51
CA ALA B 622 37.32 -2.68 -21.11
C ALA B 622 36.40 -1.74 -21.90
N LEU B 623 36.68 -0.43 -21.79
CA LEU B 623 35.93 0.62 -22.51
C LEU B 623 34.47 0.67 -22.06
N GLU B 624 34.26 0.40 -20.77
CA GLU B 624 32.93 0.38 -20.17
C GLU B 624 32.29 1.76 -20.21
N ARG B 625 33.08 2.76 -20.60
CA ARG B 625 32.58 4.08 -20.94
C ARG B 625 31.60 4.01 -22.13
N GLY B 626 31.65 2.91 -22.87
CA GLY B 626 30.77 2.69 -24.02
C GLY B 626 31.22 3.38 -25.29
N GLU B 627 30.96 2.74 -26.42
CA GLU B 627 31.26 3.34 -27.72
C GLU B 627 30.02 3.46 -28.61
N TRP B 628 28.95 2.74 -28.24
CA TRP B 628 27.74 2.64 -29.07
C TRP B 628 26.46 2.86 -28.28
N ARG B 629 25.37 3.14 -29.00
CA ARG B 629 24.00 3.14 -28.47
C ARG B 629 22.99 2.85 -29.57
N VAL B 630 21.85 2.30 -29.18
CA VAL B 630 20.73 2.06 -30.08
C VAL B 630 19.61 3.07 -29.80
N GLU B 631 18.99 3.58 -30.86
CA GLU B 631 17.86 4.49 -30.74
C GLU B 631 16.64 3.87 -31.39
N ILE B 632 15.55 3.77 -30.63
CA ILE B 632 14.27 3.34 -31.20
C ILE B 632 13.31 4.53 -31.23
N THR B 633 12.81 4.84 -32.42
CA THR B 633 11.95 6.00 -32.63
C THR B 633 10.69 5.64 -33.42
N PRO B 634 9.56 6.32 -33.16
CA PRO B 634 8.40 6.11 -34.01
C PRO B 634 8.58 6.73 -35.41
N LYS B 635 7.90 6.16 -36.40
CA LYS B 635 7.93 6.69 -37.75
C LYS B 635 7.00 7.89 -37.86
N LYS B 636 5.84 7.79 -37.21
CA LYS B 636 4.82 8.83 -37.26
C LYS B 636 4.95 9.80 -36.09
N ALA B 637 4.76 11.08 -36.37
CA ALA B 637 4.66 12.09 -35.33
C ALA B 637 3.30 11.93 -34.60
N ALA B 638 3.37 11.60 -33.32
CA ALA B 638 2.18 11.38 -32.51
C ALA B 638 2.44 11.90 -31.10
N ALA B 639 1.40 12.42 -30.46
CA ALA B 639 1.50 12.90 -29.09
C ALA B 639 1.80 11.72 -28.16
N GLU B 640 1.04 10.64 -28.32
CA GLU B 640 1.10 9.49 -27.44
C GLU B 640 1.74 8.29 -28.15
N ASP B 641 2.78 7.75 -27.51
CA ASP B 641 3.47 6.55 -27.99
C ASP B 641 3.75 5.61 -26.83
N TYR B 642 3.84 4.32 -27.15
CA TYR B 642 4.23 3.32 -26.18
C TYR B 642 5.44 2.56 -26.70
N TYR B 643 6.38 2.28 -25.80
CA TYR B 643 7.47 1.39 -26.10
C TYR B 643 7.29 0.10 -25.33
N LEU B 644 7.58 -1.01 -25.98
CA LEU B 644 7.55 -2.32 -25.32
C LEU B 644 8.69 -3.15 -25.88
N ASN B 645 9.70 -3.36 -25.06
CA ASN B 645 10.86 -4.10 -25.46
C ASN B 645 11.09 -5.26 -24.50
N VAL B 646 11.50 -6.41 -25.05
CA VAL B 646 11.78 -7.60 -24.26
C VAL B 646 13.25 -8.02 -24.44
N ILE B 647 14.01 -7.90 -23.36
CA ILE B 647 15.44 -8.23 -23.33
C ILE B 647 15.62 -9.63 -22.78
N GLN B 648 16.43 -10.44 -23.46
CA GLN B 648 16.82 -11.76 -22.95
C GLN B 648 18.33 -11.80 -22.75
N ILE B 649 18.75 -12.58 -21.78
CA ILE B 649 20.14 -12.62 -21.36
C ILE B 649 20.65 -14.05 -21.37
N ALA B 650 21.75 -14.26 -22.10
CA ALA B 650 22.43 -15.55 -22.18
C ALA B 650 23.89 -15.29 -22.55
N ASP B 651 24.74 -16.32 -22.46
CA ASP B 651 26.13 -16.18 -22.91
C ASP B 651 26.21 -16.20 -24.44
N ASN B 652 27.19 -15.48 -25.00
CA ASN B 652 27.32 -15.31 -26.46
C ASN B 652 27.34 -16.62 -27.26
N THR B 653 27.53 -17.73 -26.54
CA THR B 653 27.56 -19.07 -27.10
C THR B 653 26.15 -19.63 -27.42
N GLN B 654 25.11 -18.86 -27.11
CA GLN B 654 23.71 -19.33 -27.23
C GLN B 654 23.06 -18.92 -28.55
N GLN B 655 22.57 -19.91 -29.29
CA GLN B 655 22.00 -19.71 -30.62
C GLN B 655 20.50 -19.44 -30.56
N LYS B 656 19.77 -20.31 -29.88
CA LYS B 656 18.31 -20.25 -29.85
C LYS B 656 17.77 -19.83 -28.49
N LEU B 657 17.27 -18.61 -28.43
CA LEU B 657 16.66 -18.08 -27.22
C LEU B 657 15.17 -18.44 -27.20
N HIS B 658 14.38 -17.69 -26.46
CA HIS B 658 12.95 -17.95 -26.40
C HIS B 658 12.20 -17.10 -27.41
N GLU B 659 11.16 -17.70 -27.99
CA GLU B 659 10.23 -17.00 -28.86
C GLU B 659 9.46 -15.99 -28.01
N VAL B 660 9.51 -14.72 -28.43
CA VAL B 660 8.81 -13.66 -27.73
C VAL B 660 7.50 -13.33 -28.46
N LYS B 661 6.39 -13.50 -27.77
CA LYS B 661 5.07 -13.25 -28.32
C LYS B 661 4.43 -12.06 -27.60
N ARG B 662 3.93 -11.10 -28.36
CA ARG B 662 3.17 -10.00 -27.78
C ARG B 662 1.72 -10.44 -27.60
N ILE B 663 1.19 -10.23 -26.39
CA ILE B 663 -0.24 -10.44 -26.16
C ILE B 663 -1.00 -9.13 -26.40
N ASP B 664 -1.97 -9.18 -27.32
CA ASP B 664 -2.87 -8.06 -27.58
C ASP B 664 -4.23 -8.46 -27.04
N GLY B 665 -4.55 -7.97 -25.85
CA GLY B 665 -5.78 -8.38 -25.16
C GLY B 665 -6.80 -7.26 -25.02
N ASP B 666 -7.86 -7.57 -24.27
CA ASP B 666 -8.90 -6.60 -23.93
C ASP B 666 -8.42 -5.71 -22.77
N LYS B 667 -8.16 -4.43 -23.07
CA LYS B 667 -7.67 -3.43 -22.10
C LYS B 667 -6.21 -3.59 -21.72
N VAL B 668 -5.63 -4.76 -21.98
CA VAL B 668 -4.25 -5.05 -21.62
C VAL B 668 -3.36 -5.32 -22.83
N VAL B 669 -2.06 -5.12 -22.64
CA VAL B 669 -1.04 -5.53 -23.60
C VAL B 669 0.00 -6.32 -22.80
N GLY B 670 0.58 -7.37 -23.40
CA GLY B 670 1.52 -8.20 -22.66
C GLY B 670 2.64 -8.88 -23.42
N VAL B 671 3.27 -9.83 -22.74
CA VAL B 671 4.43 -10.54 -23.25
C VAL B 671 4.35 -12.01 -22.83
N GLN B 672 4.63 -12.91 -23.75
CA GLN B 672 4.82 -14.32 -23.42
C GLN B 672 6.18 -14.82 -23.90
N LEU B 673 6.94 -15.39 -22.96
CA LEU B 673 8.18 -16.10 -23.28
C LEU B 673 8.42 -17.17 -22.22
N ALA B 674 8.99 -18.29 -22.64
CA ALA B 674 9.25 -19.43 -21.75
C ALA B 674 7.97 -19.91 -21.06
N ASP B 675 7.97 -19.97 -19.74
CA ASP B 675 6.77 -20.32 -19.00
C ASP B 675 6.16 -19.11 -18.28
N ARG B 676 6.43 -17.92 -18.82
CA ARG B 676 6.03 -16.66 -18.17
C ARG B 676 5.12 -15.81 -19.03
N ILE B 677 4.13 -15.21 -18.39
CA ILE B 677 3.19 -14.29 -19.01
C ILE B 677 3.10 -13.03 -18.16
N VAL B 678 3.21 -11.88 -18.81
CA VAL B 678 3.20 -10.60 -18.12
C VAL B 678 2.30 -9.64 -18.89
N THR B 679 1.39 -8.99 -18.17
CA THR B 679 0.49 -8.03 -18.79
C THR B 679 0.55 -6.67 -18.11
N PHE B 680 0.28 -5.64 -18.91
CA PHE B 680 0.18 -4.26 -18.45
C PHE B 680 -1.10 -3.69 -19.00
N SER B 681 -1.61 -2.64 -18.36
CA SER B 681 -2.69 -1.89 -18.92
C SER B 681 -2.25 -1.34 -20.27
N LYS B 682 -3.12 -1.44 -21.28
CA LYS B 682 -2.86 -0.92 -22.63
C LYS B 682 -2.50 0.57 -22.59
N THR B 683 -3.09 1.24 -21.62
CA THR B 683 -2.91 2.67 -21.47
C THR B 683 -2.00 3.00 -20.30
N SER B 684 -1.41 1.97 -19.68
CA SER B 684 -0.55 2.12 -18.50
C SER B 684 -1.23 2.85 -17.35
N GLU B 685 -2.55 2.72 -17.25
CA GLU B 685 -3.31 3.28 -16.13
C GLU B 685 -3.95 2.15 -15.35
N THR B 686 -4.49 2.47 -14.18
CA THR B 686 -5.18 1.44 -13.38
C THR B 686 -6.31 0.78 -14.16
N VAL B 687 -6.31 -0.55 -14.14
CA VAL B 687 -7.39 -1.35 -14.68
C VAL B 687 -8.39 -1.60 -13.55
N ASP B 688 -9.59 -1.05 -13.72
CA ASP B 688 -10.61 -1.11 -12.68
C ASP B 688 -11.87 -1.78 -13.16
N ARG B 689 -11.78 -2.40 -14.34
CA ARG B 689 -12.91 -3.06 -15.00
C ARG B 689 -12.45 -4.42 -15.48
N PRO B 690 -13.39 -5.30 -15.88
CA PRO B 690 -13.03 -6.60 -16.43
C PRO B 690 -12.11 -6.51 -17.65
N PHE B 691 -11.19 -7.46 -17.75
CA PHE B 691 -10.29 -7.54 -18.90
C PHE B 691 -10.00 -8.99 -19.18
N GLY B 692 -9.34 -9.25 -20.30
CA GLY B 692 -8.98 -10.61 -20.66
C GLY B 692 -8.05 -10.66 -21.84
N PHE B 693 -7.61 -11.88 -22.15
CA PHE B 693 -6.67 -12.18 -23.22
C PHE B 693 -6.58 -13.70 -23.32
N SER B 694 -6.01 -14.19 -24.41
CA SER B 694 -5.89 -15.61 -24.64
C SER B 694 -4.43 -16.03 -24.53
N VAL B 695 -4.23 -17.27 -24.10
CA VAL B 695 -2.90 -17.83 -23.96
C VAL B 695 -2.84 -19.12 -24.74
N VAL B 696 -1.86 -19.20 -25.65
CA VAL B 696 -1.60 -20.40 -26.43
C VAL B 696 -0.17 -20.87 -26.19
N GLY B 697 -0.03 -22.12 -25.78
CA GLY B 697 1.28 -22.70 -25.52
C GLY B 697 1.16 -23.92 -24.63
N LYS B 698 2.22 -24.72 -24.59
CA LYS B 698 2.22 -25.97 -23.83
C LYS B 698 2.75 -25.79 -22.40
N GLY B 699 2.25 -26.62 -21.48
CA GLY B 699 2.72 -26.63 -20.10
C GLY B 699 2.10 -25.57 -19.20
N THR B 700 2.62 -25.48 -17.98
CA THR B 700 2.14 -24.51 -17.00
C THR B 700 2.88 -23.19 -17.16
N PHE B 701 2.13 -22.09 -17.13
CA PHE B 701 2.72 -20.76 -17.19
C PHE B 701 2.61 -20.05 -15.84
N LYS B 702 3.51 -19.10 -15.62
CA LYS B 702 3.46 -18.26 -14.43
C LYS B 702 3.02 -16.84 -14.83
N PHE B 703 1.87 -16.43 -14.29
CA PHE B 703 1.19 -15.18 -14.70
C PHE B 703 1.48 -14.03 -13.76
N VAL B 704 1.86 -12.87 -14.32
CA VAL B 704 1.97 -11.64 -13.55
C VAL B 704 1.17 -10.52 -14.22
N MSE B 705 0.03 -10.18 -13.64
CA MSE B 705 -0.87 -9.15 -14.17
C MSE B 705 -0.66 -7.88 -13.39
O MSE B 705 -0.86 -7.87 -12.19
CB MSE B 705 -2.32 -9.57 -14.00
CG MSE B 705 -2.56 -11.06 -13.89
SE MSE B 705 -2.35 -11.95 -15.60
CE MSE B 705 -3.62 -10.89 -16.52
N THR B 706 -0.26 -6.80 -14.06
CA THR B 706 0.03 -5.54 -13.36
C THR B 706 -1.00 -4.46 -13.66
N ASP B 707 -0.85 -3.29 -13.02
CA ASP B 707 -1.70 -2.12 -13.23
C ASP B 707 -3.14 -2.33 -12.77
N LEU B 708 -3.35 -3.27 -11.84
CA LEU B 708 -4.70 -3.63 -11.41
C LEU B 708 -5.16 -2.84 -10.20
N LEU B 709 -6.48 -2.64 -10.11
CA LEU B 709 -7.08 -2.00 -8.93
C LEU B 709 -6.99 -2.97 -7.76
N PRO B 710 -6.33 -2.56 -6.67
CA PRO B 710 -6.24 -3.44 -5.51
C PRO B 710 -7.63 -3.81 -5.00
N GLY B 711 -7.79 -5.07 -4.62
CA GLY B 711 -9.09 -5.59 -4.26
C GLY B 711 -9.20 -7.05 -4.64
N THR B 712 -10.40 -7.57 -4.55
CA THR B 712 -10.66 -8.97 -4.86
C THR B 712 -11.04 -9.15 -6.33
N TRP B 713 -10.20 -9.92 -7.03
CA TRP B 713 -10.41 -10.28 -8.43
C TRP B 713 -10.84 -11.74 -8.58
N GLN B 714 -11.59 -12.01 -9.64
CA GLN B 714 -11.99 -13.35 -9.99
C GLN B 714 -11.43 -13.69 -11.36
N VAL B 715 -10.78 -14.85 -11.45
CA VAL B 715 -10.14 -15.28 -12.69
C VAL B 715 -10.95 -16.41 -13.30
N LEU B 716 -11.39 -16.20 -14.54
CA LEU B 716 -12.07 -17.22 -15.29
C LEU B 716 -11.19 -17.70 -16.43
N LYS B 717 -11.27 -18.98 -16.73
CA LYS B 717 -10.60 -19.53 -17.90
C LYS B 717 -11.55 -20.43 -18.70
N ASP B 718 -11.62 -20.17 -20.01
CA ASP B 718 -12.50 -20.91 -20.94
C ASP B 718 -13.97 -20.88 -20.53
N GLY B 719 -14.38 -19.77 -19.92
CA GLY B 719 -15.76 -19.59 -19.47
C GLY B 719 -16.04 -20.08 -18.06
N LYS B 720 -15.10 -20.83 -17.49
CA LYS B 720 -15.28 -21.42 -16.16
C LYS B 720 -14.40 -20.75 -15.09
N ILE B 721 -14.86 -20.81 -13.84
CA ILE B 721 -14.07 -20.34 -12.70
C ILE B 721 -12.75 -21.10 -12.62
N LEU B 722 -11.66 -20.36 -12.64
CA LEU B 722 -10.36 -20.88 -12.28
C LEU B 722 -10.08 -20.52 -10.82
N TYR B 723 -10.00 -19.24 -10.51
CA TYR B 723 -9.84 -18.77 -9.13
C TYR B 723 -11.01 -17.87 -8.78
N PRO B 724 -11.84 -18.31 -7.82
CA PRO B 724 -13.03 -17.57 -7.41
C PRO B 724 -12.69 -16.23 -6.74
N ALA B 725 -11.57 -16.18 -6.03
CA ALA B 725 -11.14 -14.96 -5.35
C ALA B 725 -9.61 -14.86 -5.16
N LEU B 726 -9.02 -13.83 -5.75
CA LEU B 726 -7.61 -13.51 -5.55
C LEU B 726 -7.49 -12.04 -5.20
N SER B 727 -6.58 -11.74 -4.28
CA SER B 727 -6.36 -10.36 -3.85
C SER B 727 -5.17 -9.70 -4.55
N ALA B 728 -5.45 -8.64 -5.30
CA ALA B 728 -4.42 -7.72 -5.78
C ALA B 728 -4.13 -6.70 -4.68
N LYS B 729 -2.89 -6.64 -4.22
CA LYS B 729 -2.52 -5.77 -3.10
C LYS B 729 -2.12 -4.38 -3.57
N GLY B 730 -2.05 -3.45 -2.63
CA GLY B 730 -1.76 -2.04 -2.90
C GLY B 730 -0.37 -1.74 -3.44
N ASP B 731 0.66 -2.34 -2.85
CA ASP B 731 2.04 -2.02 -3.20
C ASP B 731 2.45 -2.41 -4.62
N ASP B 732 2.01 -3.58 -5.10
CA ASP B 732 2.33 -4.00 -6.47
C ASP B 732 1.18 -3.84 -7.46
N GLY B 733 -0.05 -3.75 -6.95
CA GLY B 733 -1.26 -3.66 -7.79
C GLY B 733 -1.27 -4.77 -8.84
N ALA B 734 -0.95 -5.97 -8.41
CA ALA B 734 -0.74 -7.07 -9.34
C ALA B 734 -1.33 -8.37 -8.83
N LEU B 735 -1.61 -9.29 -9.76
CA LEU B 735 -2.03 -10.64 -9.44
C LEU B 735 -1.02 -11.64 -9.95
N TYR B 736 -0.77 -12.67 -9.16
CA TYR B 736 0.11 -13.74 -9.54
C TYR B 736 -0.58 -15.10 -9.39
N PHE B 737 -0.37 -15.98 -10.37
CA PHE B 737 -0.92 -17.34 -10.34
C PHE B 737 -0.34 -18.22 -11.45
N GLU B 738 -0.58 -19.53 -11.32
CA GLU B 738 -0.23 -20.49 -12.36
C GLU B 738 -1.49 -20.95 -13.09
N GLY B 739 -1.36 -21.11 -14.41
CA GLY B 739 -2.43 -21.63 -15.25
C GLY B 739 -1.86 -22.17 -16.54
N THR B 740 -2.69 -22.91 -17.28
CA THR B 740 -2.28 -23.40 -18.60
C THR B 740 -2.89 -22.54 -19.71
N GLU B 741 -2.77 -23.00 -20.95
CA GLU B 741 -3.36 -22.31 -22.10
C GLU B 741 -4.88 -22.26 -22.02
N GLY B 742 -5.46 -21.26 -22.69
CA GLY B 742 -6.90 -21.00 -22.66
C GLY B 742 -7.20 -19.52 -22.77
N THR B 743 -8.49 -19.20 -22.74
CA THR B 743 -8.95 -17.82 -22.78
C THR B 743 -9.28 -17.35 -21.37
N TYR B 744 -8.60 -16.30 -20.93
CA TYR B 744 -8.74 -15.78 -19.57
C TYR B 744 -9.62 -14.54 -19.52
N ARG B 745 -10.41 -14.46 -18.46
CA ARG B 745 -11.19 -13.28 -18.12
C ARG B 745 -11.00 -12.98 -16.64
N PHE B 746 -10.98 -11.69 -16.32
CA PHE B 746 -10.73 -11.25 -14.98
C PHE B 746 -11.82 -10.29 -14.56
N LEU B 747 -12.44 -10.57 -13.41
CA LEU B 747 -13.54 -9.75 -12.92
C LEU B 747 -13.15 -9.00 -11.65
N ARG B 748 -13.60 -7.76 -11.56
CA ARG B 748 -13.34 -6.86 -10.43
C ARG B 748 -14.64 -6.10 -10.08
C1 SGN C . -37.68 6.58 7.84
C2 SGN C . -36.62 5.56 7.42
C3 SGN C . -37.28 4.27 6.96
C4 SGN C . -38.24 3.72 8.03
C5 SGN C . -39.17 4.82 8.58
C6 SGN C . -39.92 4.34 9.83
N2 SGN C . -35.84 6.13 6.31
O1 SGN C . -38.52 6.94 6.74
O3 SGN C . -36.25 3.31 6.67
O4 SGN C . -39.03 2.66 7.49
O5 SGN C . -38.45 6.01 8.90
O6 SGN C . -40.81 5.34 10.31
S1 SGN C . -34.64 7.06 6.59
O1S SGN C . -33.69 6.43 7.53
O2S SGN C . -33.94 7.35 5.33
O3S SGN C . -35.15 8.29 7.21
S2 SGN C . -42.35 5.37 9.74
O4S SGN C . -42.34 5.45 8.24
O5S SGN C . -43.09 6.55 10.27
O6S SGN C . -43.05 4.12 10.11
S UAP C . -40.91 -0.92 10.33
C1 UAP C . -38.84 1.39 8.15
C2 UAP C . -40.17 0.65 8.30
O2 UAP C . -39.97 -0.55 9.03
C3 UAP C . -40.79 0.24 6.97
O3 UAP C . -41.57 1.32 6.47
C4 UAP C . -39.74 -0.13 5.94
C5 UAP C . -38.45 0.23 6.07
O5 UAP C . -37.92 0.61 7.37
C6 UAP C . -37.56 0.24 4.92
O1S UAP C . -40.40 -2.17 10.92
O2S UAP C . -40.86 0.17 11.32
O3S UAP C . -42.32 -1.11 9.88
O6B UAP C . -36.44 0.80 5.00
O6A UAP C . -37.94 -0.31 3.86
C1 SGN D . 32.00 21.35 -7.03
C2 SGN D . 31.34 19.98 -6.73
C3 SGN D . 32.36 18.94 -6.28
C4 SGN D . 33.51 18.85 -7.29
C5 SGN D . 34.06 20.22 -7.66
C6 SGN D . 34.98 20.02 -8.86
N2 SGN D . 30.45 20.18 -5.58
O1 SGN D . 32.50 21.99 -5.86
O3 SGN D . 31.73 17.66 -6.19
O4 SGN D . 34.56 18.05 -6.76
O5 SGN D . 33.05 21.16 -7.99
O6 SGN D . 34.75 21.06 -9.80
S1 SGN D . 29.00 20.55 -5.79
O1S SGN D . 28.42 19.68 -6.83
O2S SGN D . 28.23 20.44 -4.54
O3S SGN D . 28.91 21.96 -6.23
S2 SGN D . 36.03 21.98 -10.22
O4S SGN D . 35.51 23.25 -10.78
O5S SGN D . 36.83 21.23 -11.23
O6S SGN D . 36.87 22.26 -9.04
S UAP D . 37.75 15.73 -9.86
C1 UAP D . 34.85 16.90 -7.56
C2 UAP D . 36.37 16.79 -7.81
O2 UAP D . 36.60 15.68 -8.69
C3 UAP D . 37.16 16.59 -6.52
O3 UAP D . 37.28 17.83 -5.83
C4 UAP D . 36.48 15.58 -5.62
C5 UAP D . 35.13 15.58 -5.59
O5 UAP D . 34.41 15.75 -6.83
C6 UAP D . 34.41 15.44 -4.32
O1S UAP D . 37.74 14.45 -10.63
O2S UAP D . 37.47 16.88 -10.76
O3S UAP D . 39.08 15.91 -9.24
O6B UAP D . 33.16 15.58 -4.33
O6A UAP D . 35.04 15.19 -3.27
ZN ZN E . -26.10 -4.22 15.49
ZN ZN F . 25.35 7.71 -15.34
#